data_8QQZ
#
_entry.id   8QQZ
#
_cell.length_a   1.00
_cell.length_b   1.00
_cell.length_c   1.00
_cell.angle_alpha   90.00
_cell.angle_beta   90.00
_cell.angle_gamma   90.00
#
_symmetry.space_group_name_H-M   'P 1'
#
loop_
_entity.id
_entity.type
_entity.pdbx_description
1 polymer 'Bacteriorhodopsin-like protein'
2 non-polymer EICOSANE
3 non-polymer DODECYL-BETA-D-MALTOSIDE
4 water water
#
_entity_poly.entity_id   1
_entity_poly.type   'polypeptide(L)'
_entity_poly.pdbx_seq_one_letter_code
;(FME)PSIENFLAYDFWQYDVIRHLFAFSTAVFLAGLVYFAMTARTTAPNYRLSANISAVVMVSAALELGQLWLLWNESF
QWAELQGSFVPVAGERFSNGYRYMNWLIDVPMLATQLVVVCGFVGTELRNRWAKLTIAGVLMILTGYVGQYFEPAVAGVP
GYEGAEQFWIWGIISTAFFVWMLLILANAVRNPQGAPSDEVRSRLKFCFWFLLATWSIYPFAYAMPLFAPTADGVVVRQV
IYTVADVSS(LYR)LVFGVILSQVALRRSAEEGFEPARVASGEFDERAPAR
;
_entity_poly.pdbx_strand_id   A,B,C,D,E
#
loop_
_chem_comp.id
_chem_comp.type
_chem_comp.name
_chem_comp.formula
LFA non-polymer EICOSANE 'C20 H42'
LMT D-saccharide DODECYL-BETA-D-MALTOSIDE 'C24 H46 O11'
#
# COMPACT_ATOMS: atom_id res chain seq x y z
N FME A 1 -19.88 -21.80 16.38
CN FME A 1 -20.83 -20.85 16.31
O1 FME A 1 -21.13 -20.04 17.20
CA FME A 1 -19.03 -21.98 17.54
CB FME A 1 -19.02 -23.39 18.10
CG FME A 1 -20.38 -24.01 18.25
SD FME A 1 -20.35 -25.87 18.13
CE FME A 1 -22.09 -26.15 17.87
C FME A 1 -17.59 -21.55 17.23
O FME A 1 -17.23 -21.53 16.04
N PRO A 2 -16.60 -21.34 18.08
CA PRO A 2 -15.25 -20.90 17.70
C PRO A 2 -14.54 -22.09 17.06
N SER A 3 -13.57 -21.82 16.21
CA SER A 3 -12.80 -22.90 15.59
C SER A 3 -12.05 -23.69 16.63
N ILE A 4 -11.67 -24.92 16.28
CA ILE A 4 -11.02 -25.83 17.22
C ILE A 4 -9.66 -25.31 17.72
N GLU A 5 -9.02 -24.40 16.99
CA GLU A 5 -7.75 -23.80 17.38
C GLU A 5 -7.86 -23.07 18.71
N ASN A 6 -9.06 -22.60 19.03
CA ASN A 6 -9.30 -21.79 20.22
C ASN A 6 -9.31 -22.64 21.46
N PHE A 7 -9.27 -23.97 21.30
CA PHE A 7 -9.47 -24.83 22.44
C PHE A 7 -8.18 -25.58 22.73
N LEU A 8 -7.04 -25.07 22.22
CA LEU A 8 -5.76 -25.76 22.34
C LEU A 8 -4.69 -24.77 22.81
N ALA A 9 -3.61 -25.29 23.41
CA ALA A 9 -2.42 -24.48 23.65
C ALA A 9 -1.31 -24.95 22.71
N TYR A 10 -0.37 -24.07 22.41
CA TYR A 10 0.63 -24.41 21.43
C TYR A 10 2.03 -24.33 22.03
N ASP A 11 2.90 -25.25 21.64
CA ASP A 11 4.32 -25.12 21.89
C ASP A 11 4.92 -24.02 21.02
N PHE A 12 6.04 -23.46 21.43
CA PHE A 12 6.56 -22.35 20.66
C PHE A 12 6.45 -22.70 19.16
N TRP A 13 6.92 -23.88 18.76
CA TRP A 13 7.11 -24.13 17.35
C TRP A 13 5.78 -24.34 16.65
N GLN A 14 4.79 -24.87 17.36
CA GLN A 14 3.46 -25.06 16.79
C GLN A 14 2.88 -23.71 16.41
N TYR A 15 2.91 -22.76 17.32
CA TYR A 15 2.32 -21.47 17.01
C TYR A 15 3.17 -20.78 15.97
N ASP A 16 4.48 -20.99 16.05
CA ASP A 16 5.45 -20.27 15.24
C ASP A 16 5.35 -20.71 13.77
N VAL A 17 5.27 -22.02 13.55
CA VAL A 17 5.01 -22.52 12.21
C VAL A 17 3.75 -21.90 11.60
N ILE A 18 2.63 -21.90 12.33
CA ILE A 18 1.41 -21.33 11.77
C ILE A 18 1.54 -19.85 11.43
N ARG A 19 2.27 -19.04 12.21
CA ARG A 19 2.31 -17.64 11.84
C ARG A 19 3.24 -17.44 10.66
N HIS A 20 4.21 -18.36 10.52
CA HIS A 20 5.13 -18.35 9.41
C HIS A 20 4.40 -18.72 8.14
N LEU A 21 3.54 -19.75 8.23
CA LEU A 21 2.75 -20.16 7.10
C LEU A 21 1.82 -19.05 6.64
N PHE A 22 1.20 -18.33 7.55
CA PHE A 22 0.26 -17.32 7.13
C PHE A 22 1.00 -16.18 6.47
N ALA A 23 2.19 -15.91 6.99
CA ALA A 23 2.94 -14.78 6.47
C ALA A 23 3.53 -15.14 5.10
N PHE A 24 3.99 -16.37 4.96
CA PHE A 24 4.55 -16.85 3.72
C PHE A 24 3.49 -16.72 2.62
N SER A 25 2.31 -17.27 2.88
CA SER A 25 1.22 -17.28 1.93
C SER A 25 0.87 -15.87 1.48
N THR A 26 0.84 -14.93 2.40
CA THR A 26 0.56 -13.57 2.02
C THR A 26 1.60 -13.10 1.02
N ALA A 27 2.86 -13.43 1.27
CA ALA A 27 3.95 -12.96 0.43
C ALA A 27 3.89 -13.60 -0.96
N VAL A 28 3.56 -14.87 -0.99
CA VAL A 28 3.42 -15.59 -2.23
C VAL A 28 2.35 -14.93 -3.09
N PHE A 29 1.22 -14.56 -2.49
CA PHE A 29 0.13 -14.04 -3.29
C PHE A 29 0.42 -12.61 -3.69
N LEU A 30 1.20 -11.87 -2.90
CA LEU A 30 1.52 -10.51 -3.28
C LEU A 30 2.57 -10.53 -4.38
N ALA A 31 3.47 -11.49 -4.32
CA ALA A 31 4.46 -11.64 -5.35
C ALA A 31 3.80 -12.13 -6.63
N GLY A 32 2.92 -13.12 -6.50
CA GLY A 32 2.07 -13.59 -7.59
C GLY A 32 1.34 -12.44 -8.28
N LEU A 33 0.85 -11.48 -7.52
CA LEU A 33 0.16 -10.35 -8.10
C LEU A 33 1.10 -9.52 -8.95
N VAL A 34 2.27 -9.17 -8.41
CA VAL A 34 3.23 -8.39 -9.17
C VAL A 34 3.54 -9.15 -10.47
N TYR A 35 3.65 -10.44 -10.38
CA TYR A 35 4.05 -11.25 -11.50
C TYR A 35 3.00 -11.30 -12.60
N PHE A 36 1.76 -11.57 -12.21
CA PHE A 36 0.67 -11.67 -13.17
C PHE A 36 0.40 -10.30 -13.78
N ALA A 37 0.54 -9.25 -13.00
CA ALA A 37 0.36 -7.90 -13.49
C ALA A 37 1.42 -7.58 -14.53
N MET A 38 2.65 -8.04 -14.32
CA MET A 38 3.74 -7.75 -15.20
C MET A 38 3.75 -8.66 -16.41
N THR A 39 2.88 -9.65 -16.50
CA THR A 39 3.02 -10.63 -17.56
C THR A 39 1.73 -10.77 -18.36
N ALA A 40 0.70 -10.00 -18.02
CA ALA A 40 -0.61 -10.21 -18.60
C ALA A 40 -0.66 -9.90 -20.10
N ARG A 41 0.05 -8.86 -20.54
CA ARG A 41 -0.05 -8.41 -21.92
C ARG A 41 0.66 -9.34 -22.90
N THR A 42 1.31 -10.38 -22.42
CA THR A 42 2.05 -11.29 -23.27
C THR A 42 1.08 -12.32 -23.84
N THR A 43 -0.11 -12.32 -23.28
CA THR A 43 -1.16 -13.22 -23.70
C THR A 43 -2.01 -12.53 -24.77
N ALA A 44 -2.42 -13.27 -25.78
CA ALA A 44 -3.28 -12.70 -26.80
C ALA A 44 -4.57 -12.17 -26.18
N PRO A 45 -5.16 -11.09 -26.72
CA PRO A 45 -6.39 -10.52 -26.15
C PRO A 45 -7.58 -11.45 -25.99
N ASN A 46 -7.63 -12.55 -26.74
CA ASN A 46 -8.72 -13.49 -26.59
C ASN A 46 -8.51 -14.40 -25.37
N TYR A 47 -7.33 -14.38 -24.75
CA TYR A 47 -7.08 -15.19 -23.57
C TYR A 47 -6.71 -14.31 -22.38
N ARG A 48 -6.69 -13.00 -22.56
CA ARG A 48 -6.11 -12.14 -21.55
C ARG A 48 -7.05 -12.05 -20.35
N LEU A 49 -8.30 -12.47 -20.51
CA LEU A 49 -9.22 -12.44 -19.39
C LEU A 49 -8.68 -13.38 -18.31
N SER A 50 -8.07 -14.49 -18.72
CA SER A 50 -7.51 -15.47 -17.82
C SER A 50 -6.34 -14.88 -17.04
N ALA A 51 -5.46 -14.18 -17.74
CA ALA A 51 -4.37 -13.45 -17.14
C ALA A 51 -4.86 -12.47 -16.10
N ASN A 52 -5.94 -11.77 -16.43
CA ASN A 52 -6.50 -10.77 -15.56
C ASN A 52 -7.11 -11.40 -14.33
N ILE A 53 -7.76 -12.54 -14.50
CA ILE A 53 -8.37 -13.24 -13.39
C ILE A 53 -7.29 -13.68 -12.40
N SER A 54 -6.15 -14.11 -12.91
CA SER A 54 -5.07 -14.52 -12.03
C SER A 54 -4.68 -13.37 -11.11
N ALA A 55 -4.63 -12.16 -11.65
CA ALA A 55 -4.26 -11.05 -10.81
C ALA A 55 -5.33 -10.80 -9.75
N VAL A 56 -6.60 -10.97 -10.12
CA VAL A 56 -7.72 -10.79 -9.22
C VAL A 56 -7.66 -11.83 -8.11
N VAL A 57 -7.38 -13.07 -8.46
CA VAL A 57 -7.30 -14.11 -7.47
C VAL A 57 -6.14 -13.86 -6.51
N MET A 58 -5.04 -13.28 -6.97
CA MET A 58 -3.90 -13.05 -6.12
C MET A 58 -4.25 -12.01 -5.08
N VAL A 59 -5.05 -11.02 -5.44
CA VAL A 59 -5.37 -9.95 -4.52
C VAL A 59 -6.26 -10.55 -3.43
N SER A 60 -7.28 -11.27 -3.85
CA SER A 60 -8.18 -11.91 -2.92
C SER A 60 -7.42 -12.76 -1.91
N ALA A 61 -6.52 -13.61 -2.39
CA ALA A 61 -5.85 -14.59 -1.56
C ALA A 61 -4.86 -13.88 -0.65
N ALA A 62 -4.21 -12.83 -1.14
CA ALA A 62 -3.29 -12.09 -0.30
C ALA A 62 -4.03 -11.54 0.91
N LEU A 63 -5.23 -11.04 0.70
CA LEU A 63 -6.00 -10.46 1.80
C LEU A 63 -6.59 -11.53 2.71
N GLU A 64 -7.05 -12.62 2.14
CA GLU A 64 -7.47 -13.79 2.88
C GLU A 64 -6.42 -14.23 3.90
N LEU A 65 -5.17 -14.33 3.46
CA LEU A 65 -4.14 -14.90 4.29
C LEU A 65 -3.59 -13.84 5.22
N GLY A 66 -3.63 -12.57 4.82
CA GLY A 66 -3.21 -11.50 5.70
C GLY A 66 -4.13 -11.36 6.92
N GLN A 67 -5.43 -11.53 6.71
N GLN A 67 -5.43 -11.53 6.71
CA GLN A 67 -6.39 -11.46 7.79
CA GLN A 67 -6.39 -11.45 7.78
C GLN A 67 -6.16 -12.58 8.80
C GLN A 67 -6.16 -12.58 8.80
N LEU A 68 -5.87 -13.78 8.29
CA LEU A 68 -5.63 -14.91 9.13
C LEU A 68 -4.35 -14.71 9.92
N TRP A 69 -3.34 -14.12 9.28
CA TRP A 69 -2.08 -13.85 9.91
C TRP A 69 -2.28 -12.89 11.08
N LEU A 70 -3.01 -11.82 10.83
CA LEU A 70 -3.38 -10.88 11.86
C LEU A 70 -4.14 -11.52 13.02
N LEU A 71 -5.16 -12.29 12.71
CA LEU A 71 -6.03 -12.77 13.75
C LEU A 71 -5.29 -13.84 14.57
N TRP A 72 -4.43 -14.63 13.94
CA TRP A 72 -3.61 -15.60 14.63
C TRP A 72 -2.70 -14.92 15.64
N ASN A 73 -2.16 -13.77 15.24
CA ASN A 73 -1.27 -13.05 16.11
C ASN A 73 -2.05 -12.48 17.28
N GLU A 74 -3.31 -12.12 17.06
CA GLU A 74 -4.06 -11.38 18.02
C GLU A 74 -4.71 -12.29 19.04
N SER A 75 -4.87 -13.54 18.67
CA SER A 75 -5.76 -14.42 19.38
C SER A 75 -5.05 -15.22 20.46
N PHE A 76 -3.72 -15.26 20.43
CA PHE A 76 -2.98 -16.13 21.33
C PHE A 76 -1.82 -15.31 21.83
N GLN A 77 -1.35 -15.60 23.04
CA GLN A 77 -0.21 -14.87 23.57
C GLN A 77 0.67 -15.85 24.31
N TRP A 78 1.94 -15.51 24.46
CA TRP A 78 2.86 -16.39 25.15
C TRP A 78 2.52 -16.42 26.63
N ALA A 79 2.68 -17.59 27.24
CA ALA A 79 2.54 -17.73 28.68
C ALA A 79 3.75 -18.48 29.19
N GLU A 80 4.73 -17.75 29.76
CA GLU A 80 5.99 -18.33 30.18
C GLU A 80 5.81 -19.44 31.22
N LEU A 81 4.86 -19.31 32.14
CA LEU A 81 4.66 -20.34 33.14
C LEU A 81 4.26 -21.66 32.49
N GLN A 82 3.41 -21.61 31.46
CA GLN A 82 2.97 -22.80 30.75
C GLN A 82 3.93 -23.13 29.61
N GLY A 83 4.72 -22.16 29.20
CA GLY A 83 5.61 -22.32 28.06
C GLY A 83 4.84 -22.60 26.79
N SER A 84 3.74 -21.86 26.61
CA SER A 84 2.78 -22.13 25.54
C SER A 84 2.22 -20.85 25.04
N PHE A 85 1.78 -20.84 23.77
CA PHE A 85 0.90 -19.77 23.33
C PHE A 85 -0.49 -20.24 23.70
N VAL A 86 -1.27 -19.33 24.29
CA VAL A 86 -2.57 -19.68 24.83
C VAL A 86 -3.53 -18.62 24.36
N PRO A 87 -4.83 -18.91 24.32
CA PRO A 87 -5.83 -17.94 23.89
C PRO A 87 -5.81 -16.70 24.74
N VAL A 88 -6.01 -15.53 24.14
CA VAL A 88 -6.25 -14.30 24.87
C VAL A 88 -7.74 -14.19 25.23
N ALA A 89 -8.08 -13.26 26.13
CA ALA A 89 -9.40 -13.21 26.71
C ALA A 89 -10.46 -12.72 25.72
N GLY A 90 -10.18 -11.65 24.97
CA GLY A 90 -11.24 -11.00 24.23
C GLY A 90 -11.17 -11.21 22.73
N GLU A 91 -10.34 -12.16 22.30
CA GLU A 91 -10.25 -12.43 20.87
C GLU A 91 -10.46 -13.92 20.69
N ARG A 92 -11.11 -14.33 19.60
CA ARG A 92 -11.24 -15.74 19.25
C ARG A 92 -10.88 -15.92 17.78
N PHE A 93 -10.10 -16.95 17.44
CA PHE A 93 -9.62 -17.14 16.07
C PHE A 93 -10.69 -17.83 15.25
N SER A 94 -10.69 -17.57 13.95
CA SER A 94 -11.64 -18.20 13.04
C SER A 94 -10.92 -18.61 11.78
N ASN A 95 -11.11 -19.85 11.35
CA ASN A 95 -10.59 -20.27 10.07
C ASN A 95 -11.55 -19.84 8.95
N GLY A 96 -12.77 -19.42 9.30
CA GLY A 96 -13.81 -19.01 8.37
C GLY A 96 -13.49 -17.73 7.61
N TYR A 97 -12.43 -17.03 7.95
CA TYR A 97 -12.04 -15.94 7.09
C TYR A 97 -11.64 -16.42 5.69
N ARG A 98 -11.17 -17.67 5.56
CA ARG A 98 -10.73 -18.15 4.27
C ARG A 98 -11.94 -18.46 3.41
N TYR A 99 -12.99 -19.02 3.99
CA TYR A 99 -14.16 -19.43 3.26
C TYR A 99 -14.75 -18.28 2.45
N MET A 100 -14.86 -17.10 3.02
CA MET A 100 -15.62 -16.03 2.41
C MET A 100 -14.86 -15.55 1.17
N ASN A 101 -13.53 -15.53 1.22
CA ASN A 101 -12.73 -15.14 0.06
C ASN A 101 -12.80 -16.16 -1.07
N TRP A 102 -13.06 -17.42 -0.74
CA TRP A 102 -13.25 -18.45 -1.74
C TRP A 102 -14.43 -18.11 -2.65
N LEU A 103 -15.39 -17.32 -2.19
CA LEU A 103 -16.48 -16.92 -3.06
C LEU A 103 -15.92 -16.14 -4.24
N ILE A 104 -14.75 -15.54 -4.10
CA ILE A 104 -14.07 -14.93 -5.24
C ILE A 104 -13.24 -15.97 -5.96
N ASP A 105 -12.33 -16.61 -5.23
CA ASP A 105 -11.33 -17.50 -5.77
C ASP A 105 -11.99 -18.62 -6.57
N VAL A 106 -12.95 -19.33 -6.01
CA VAL A 106 -13.30 -20.63 -6.57
C VAL A 106 -13.89 -20.42 -7.96
N PRO A 107 -14.90 -19.56 -8.11
CA PRO A 107 -15.54 -19.36 -9.40
C PRO A 107 -14.61 -18.71 -10.41
N MET A 108 -13.73 -17.83 -9.95
CA MET A 108 -12.74 -17.20 -10.80
C MET A 108 -11.71 -18.17 -11.34
N LEU A 109 -11.17 -19.07 -10.50
CA LEU A 109 -10.24 -20.09 -10.95
C LEU A 109 -10.89 -21.03 -11.94
N ALA A 110 -12.15 -21.36 -11.75
CA ALA A 110 -12.80 -22.28 -12.66
C ALA A 110 -13.13 -21.55 -13.97
N THR A 111 -13.35 -20.24 -13.89
CA THR A 111 -13.72 -19.48 -15.06
C THR A 111 -12.51 -19.33 -15.97
N GLN A 112 -11.34 -19.04 -15.39
CA GLN A 112 -10.16 -18.86 -16.22
C GLN A 112 -9.76 -20.15 -16.94
N LEU A 113 -10.11 -21.30 -16.41
CA LEU A 113 -9.90 -22.53 -17.16
C LEU A 113 -10.83 -22.62 -18.38
N VAL A 114 -12.07 -22.19 -18.22
CA VAL A 114 -13.05 -22.16 -19.30
C VAL A 114 -12.66 -21.11 -20.36
N VAL A 115 -12.12 -19.98 -19.93
CA VAL A 115 -11.58 -19.01 -20.85
C VAL A 115 -10.45 -19.60 -21.71
N VAL A 116 -9.52 -20.35 -21.12
CA VAL A 116 -8.41 -20.88 -21.88
C VAL A 116 -8.87 -22.07 -22.71
N CYS A 117 -10.00 -22.66 -22.38
CA CYS A 117 -10.53 -23.74 -23.21
C CYS A 117 -11.13 -23.15 -24.48
N GLY A 118 -11.41 -21.85 -24.46
CA GLY A 118 -11.85 -21.18 -25.66
C GLY A 118 -13.31 -20.74 -25.69
N PHE A 119 -14.05 -20.97 -24.61
CA PHE A 119 -15.44 -20.56 -24.59
C PHE A 119 -15.50 -19.03 -24.58
N VAL A 120 -16.43 -18.48 -25.35
CA VAL A 120 -16.60 -17.04 -25.39
C VAL A 120 -18.08 -16.71 -25.38
N GLY A 121 -18.40 -15.47 -25.05
CA GLY A 121 -19.76 -15.01 -25.22
C GLY A 121 -20.72 -15.71 -24.27
N THR A 122 -21.87 -16.15 -24.78
CA THR A 122 -22.89 -16.67 -23.90
C THR A 122 -22.41 -17.99 -23.34
N GLU A 123 -21.69 -18.76 -24.15
CA GLU A 123 -21.18 -20.04 -23.71
C GLU A 123 -20.19 -19.83 -22.56
N LEU A 124 -19.45 -18.74 -22.57
CA LEU A 124 -18.62 -18.44 -21.43
C LEU A 124 -19.51 -18.04 -20.27
N ARG A 125 -20.49 -17.18 -20.54
CA ARG A 125 -21.34 -16.65 -19.48
C ARG A 125 -22.14 -17.79 -18.86
N ASN A 126 -22.61 -18.69 -19.68
CA ASN A 126 -23.41 -19.78 -19.18
C ASN A 126 -22.61 -20.61 -18.20
N ARG A 127 -21.38 -20.91 -18.56
CA ARG A 127 -20.53 -21.73 -17.72
C ARG A 127 -20.16 -20.95 -16.47
N TRP A 128 -19.92 -19.67 -16.61
CA TRP A 128 -19.52 -18.87 -15.47
C TRP A 128 -20.64 -18.82 -14.44
N ALA A 129 -21.87 -18.75 -14.93
CA ALA A 129 -23.04 -18.70 -14.08
C ALA A 129 -23.21 -20.04 -13.36
N LYS A 130 -23.12 -21.16 -14.09
CA LYS A 130 -23.27 -22.46 -13.45
C LYS A 130 -22.17 -22.67 -12.40
N LEU A 131 -20.95 -22.29 -12.74
CA LEU A 131 -19.83 -22.47 -11.86
C LEU A 131 -19.95 -21.59 -10.65
N THR A 132 -20.50 -20.39 -10.79
CA THR A 132 -20.64 -19.45 -9.67
C THR A 132 -21.76 -19.92 -8.77
N ILE A 133 -22.83 -20.45 -9.32
CA ILE A 133 -23.87 -20.99 -8.48
C ILE A 133 -23.33 -22.18 -7.72
N ALA A 134 -22.77 -23.16 -8.44
CA ALA A 134 -22.25 -24.37 -7.82
C ALA A 134 -21.15 -24.01 -6.80
N GLY A 135 -20.32 -23.02 -7.10
CA GLY A 135 -19.22 -22.71 -6.23
C GLY A 135 -19.68 -21.98 -4.99
N VAL A 136 -20.60 -21.04 -5.17
CA VAL A 136 -21.13 -20.30 -4.03
C VAL A 136 -21.88 -21.24 -3.09
N LEU A 137 -22.62 -22.20 -3.62
CA LEU A 137 -23.39 -23.08 -2.76
C LEU A 137 -22.48 -24.07 -2.05
N MET A 138 -21.36 -24.43 -2.70
CA MET A 138 -20.43 -25.33 -2.07
C MET A 138 -19.78 -24.58 -0.90
N ILE A 139 -19.38 -23.34 -1.12
CA ILE A 139 -18.67 -22.61 -0.10
C ILE A 139 -19.60 -22.23 1.05
N LEU A 140 -20.84 -21.87 0.79
CA LEU A 140 -21.70 -21.46 1.87
C LEU A 140 -22.21 -22.65 2.66
N THR A 141 -22.40 -23.81 2.04
CA THR A 141 -22.74 -24.98 2.85
C THR A 141 -21.55 -25.49 3.68
N GLY A 142 -20.33 -25.24 3.27
CA GLY A 142 -19.19 -25.66 4.05
C GLY A 142 -18.88 -24.66 5.15
N TYR A 143 -19.19 -23.40 4.91
CA TYR A 143 -19.02 -22.37 5.93
C TYR A 143 -19.96 -22.67 7.09
N VAL A 144 -21.16 -23.13 6.79
CA VAL A 144 -22.08 -23.39 7.85
C VAL A 144 -21.52 -24.53 8.65
N GLY A 145 -21.06 -25.57 7.97
CA GLY A 145 -20.58 -26.77 8.65
C GLY A 145 -19.38 -26.51 9.55
N GLN A 146 -18.50 -25.62 9.14
CA GLN A 146 -17.27 -25.42 9.89
C GLN A 146 -17.56 -24.61 11.15
N TYR A 147 -18.79 -24.12 11.34
CA TYR A 147 -19.19 -23.48 12.59
C TYR A 147 -19.54 -24.56 13.63
N PHE A 148 -19.39 -25.84 13.32
CA PHE A 148 -19.76 -26.89 14.26
C PHE A 148 -18.58 -27.78 14.63
N GLU A 149 -17.37 -27.26 14.56
CA GLU A 149 -16.23 -28.16 14.67
C GLU A 149 -15.77 -28.41 16.12
N PRO A 150 -16.03 -27.57 17.14
CA PRO A 150 -15.82 -27.99 18.52
C PRO A 150 -16.75 -29.14 18.90
N ALA A 151 -17.89 -29.22 18.21
CA ALA A 151 -18.89 -30.24 18.49
C ALA A 151 -18.44 -31.57 17.92
N VAL A 152 -17.86 -31.54 16.72
CA VAL A 152 -17.46 -32.78 16.06
C VAL A 152 -16.18 -33.26 16.70
N ALA A 153 -15.38 -32.31 17.22
CA ALA A 153 -14.12 -32.59 17.89
C ALA A 153 -14.34 -33.11 19.32
N GLY A 154 -15.58 -33.08 19.79
CA GLY A 154 -15.90 -33.58 21.10
C GLY A 154 -15.50 -32.66 22.26
N VAL A 155 -15.16 -31.39 21.98
CA VAL A 155 -14.94 -30.42 23.04
C VAL A 155 -16.20 -30.36 23.89
N PRO A 156 -16.11 -30.55 25.24
CA PRO A 156 -17.30 -30.65 26.06
C PRO A 156 -18.13 -29.37 26.08
N GLY A 157 -19.45 -29.53 25.96
CA GLY A 157 -20.39 -28.43 26.02
C GLY A 157 -20.72 -27.85 24.64
N TYR A 158 -20.41 -28.60 23.59
CA TYR A 158 -20.71 -28.19 22.24
C TYR A 158 -21.48 -29.31 21.58
N GLU A 159 -22.63 -29.00 20.97
CA GLU A 159 -23.46 -30.01 20.34
C GLU A 159 -23.71 -29.66 18.88
N GLY A 160 -24.12 -30.66 18.09
CA GLY A 160 -24.44 -30.44 16.68
C GLY A 160 -23.35 -30.99 15.79
N ALA A 161 -22.77 -32.11 16.21
CA ALA A 161 -21.73 -32.76 15.45
C ALA A 161 -22.32 -33.19 14.11
N GLU A 162 -23.60 -33.58 14.11
CA GLU A 162 -24.25 -34.04 12.90
C GLU A 162 -24.35 -32.90 11.88
N GLN A 163 -24.41 -31.66 12.34
CA GLN A 163 -24.51 -30.54 11.42
C GLN A 163 -23.23 -30.48 10.60
N PHE A 164 -22.11 -30.84 11.19
CA PHE A 164 -20.84 -30.83 10.49
C PHE A 164 -20.83 -31.81 9.33
N TRP A 165 -21.45 -32.96 9.54
CA TRP A 165 -21.54 -34.00 8.52
C TRP A 165 -22.49 -33.60 7.42
N ILE A 166 -23.68 -33.18 7.82
CA ILE A 166 -24.72 -32.85 6.86
C ILE A 166 -24.22 -31.76 5.93
N TRP A 167 -23.70 -30.68 6.48
CA TRP A 167 -23.34 -29.54 5.66
C TRP A 167 -22.11 -29.81 4.81
N GLY A 168 -21.22 -30.69 5.29
CA GLY A 168 -20.05 -31.04 4.51
C GLY A 168 -20.41 -31.94 3.34
N ILE A 169 -21.37 -32.83 3.53
CA ILE A 169 -21.78 -33.72 2.47
C ILE A 169 -22.55 -32.96 1.38
N ILE A 170 -23.44 -32.06 1.77
CA ILE A 170 -24.06 -31.18 0.79
C ILE A 170 -22.99 -30.38 0.04
N SER A 171 -21.97 -29.88 0.74
CA SER A 171 -20.96 -29.10 0.07
C SER A 171 -20.23 -29.97 -0.94
N THR A 172 -20.05 -31.24 -0.62
CA THR A 172 -19.35 -32.15 -1.51
C THR A 172 -20.15 -32.39 -2.79
N ALA A 173 -21.47 -32.34 -2.73
CA ALA A 173 -22.26 -32.55 -3.92
C ALA A 173 -22.09 -31.39 -4.89
N PHE A 174 -22.07 -30.16 -4.39
CA PHE A 174 -21.88 -29.03 -5.26
C PHE A 174 -20.46 -29.03 -5.82
N PHE A 175 -19.52 -29.67 -5.11
CA PHE A 175 -18.14 -29.79 -5.58
C PHE A 175 -18.09 -30.72 -6.78
N VAL A 176 -18.76 -31.86 -6.69
CA VAL A 176 -18.84 -32.78 -7.81
C VAL A 176 -19.51 -32.13 -9.01
N TRP A 177 -20.56 -31.34 -8.78
CA TRP A 177 -21.18 -30.63 -9.87
C TRP A 177 -20.19 -29.66 -10.53
N MET A 178 -19.48 -28.84 -9.77
CA MET A 178 -18.50 -27.98 -10.40
C MET A 178 -17.52 -28.80 -11.25
N LEU A 179 -17.07 -29.96 -10.75
CA LEU A 179 -16.05 -30.69 -11.45
C LEU A 179 -16.62 -31.26 -12.74
N LEU A 180 -17.89 -31.62 -12.74
CA LEU A 180 -18.52 -32.12 -13.94
C LEU A 180 -18.62 -31.02 -15.00
N ILE A 181 -18.87 -29.78 -14.57
CA ILE A 181 -18.97 -28.68 -15.49
C ILE A 181 -17.61 -28.47 -16.13
N LEU A 182 -16.56 -28.42 -15.32
CA LEU A 182 -15.22 -28.19 -15.82
C LEU A 182 -14.74 -29.37 -16.65
N ALA A 183 -15.15 -30.58 -16.30
CA ALA A 183 -14.68 -31.72 -17.04
C ALA A 183 -15.25 -31.68 -18.44
N ASN A 184 -16.45 -31.12 -18.58
CA ASN A 184 -17.13 -31.05 -19.86
C ASN A 184 -16.48 -29.96 -20.71
N ALA A 185 -15.92 -28.93 -20.05
CA ALA A 185 -15.28 -27.82 -20.75
C ALA A 185 -13.94 -28.25 -21.30
N VAL A 186 -13.16 -29.01 -20.54
CA VAL A 186 -11.80 -29.32 -20.96
C VAL A 186 -11.85 -30.46 -21.96
N ARG A 187 -12.95 -31.21 -21.97
CA ARG A 187 -13.07 -32.30 -22.91
C ARG A 187 -13.58 -31.78 -24.25
N ASN A 188 -14.09 -30.54 -24.26
CA ASN A 188 -14.64 -29.95 -25.45
C ASN A 188 -14.09 -28.56 -25.62
N PRO A 189 -12.76 -28.41 -25.76
CA PRO A 189 -12.18 -27.10 -25.97
C PRO A 189 -12.62 -26.57 -27.33
N GLN A 190 -12.52 -25.25 -27.47
CA GLN A 190 -13.02 -24.53 -28.63
C GLN A 190 -11.84 -23.93 -29.34
N GLY A 191 -11.97 -23.68 -30.64
CA GLY A 191 -10.95 -22.98 -31.39
C GLY A 191 -9.88 -23.91 -31.97
N ALA A 192 -10.24 -25.19 -32.14
CA ALA A 192 -9.36 -26.15 -32.79
C ALA A 192 -7.97 -26.13 -32.17
N PRO A 193 -7.83 -26.55 -30.89
CA PRO A 193 -6.52 -26.61 -30.26
C PRO A 193 -5.66 -27.75 -30.81
N SER A 194 -4.33 -27.57 -30.72
CA SER A 194 -3.35 -28.64 -30.89
C SER A 194 -3.61 -29.79 -29.91
N ASP A 195 -3.03 -30.95 -30.21
CA ASP A 195 -3.09 -32.09 -29.31
C ASP A 195 -2.26 -31.80 -28.05
N GLU A 196 -1.27 -30.93 -28.18
CA GLU A 196 -0.48 -30.54 -27.05
C GLU A 196 -1.34 -29.65 -26.17
N VAL A 197 -2.09 -28.75 -26.77
CA VAL A 197 -2.94 -27.87 -26.00
C VAL A 197 -4.05 -28.69 -25.36
N ARG A 198 -4.55 -29.68 -26.08
CA ARG A 198 -5.60 -30.51 -25.54
C ARG A 198 -5.12 -31.24 -24.28
N SER A 199 -3.91 -31.79 -24.34
CA SER A 199 -3.35 -32.51 -23.23
C SER A 199 -3.12 -31.61 -22.02
N ARG A 200 -2.75 -30.38 -22.30
CA ARG A 200 -2.35 -29.49 -21.24
C ARG A 200 -3.59 -28.98 -20.55
N LEU A 201 -4.70 -28.92 -21.29
CA LEU A 201 -5.96 -28.51 -20.70
C LEU A 201 -6.44 -29.61 -19.77
N LYS A 202 -6.31 -30.84 -20.22
CA LYS A 202 -6.68 -31.97 -19.40
C LYS A 202 -5.83 -32.02 -18.15
N PHE A 203 -4.57 -31.67 -18.25
CA PHE A 203 -3.68 -31.67 -17.09
C PHE A 203 -4.11 -30.60 -16.10
N CYS A 204 -4.47 -29.43 -16.59
CA CYS A 204 -4.95 -28.37 -15.75
C CYS A 204 -6.20 -28.78 -14.97
N PHE A 205 -7.05 -29.61 -15.58
CA PHE A 205 -8.24 -30.06 -14.91
C PHE A 205 -7.87 -30.93 -13.71
N TRP A 206 -7.08 -31.97 -13.93
CA TRP A 206 -6.61 -32.84 -12.87
C TRP A 206 -5.76 -32.12 -11.82
N PHE A 207 -4.99 -31.11 -12.22
CA PHE A 207 -4.28 -30.36 -11.22
C PHE A 207 -5.27 -29.66 -10.29
N LEU A 208 -6.31 -29.03 -10.86
CA LEU A 208 -7.40 -28.35 -10.15
C LEU A 208 -8.04 -29.38 -9.23
N LEU A 209 -8.43 -30.51 -9.78
CA LEU A 209 -9.16 -31.49 -9.00
C LEU A 209 -8.35 -31.98 -7.81
N ALA A 210 -7.07 -32.29 -8.03
CA ALA A 210 -6.19 -32.74 -6.96
C ALA A 210 -5.99 -31.67 -5.88
N THR A 211 -5.70 -30.46 -6.29
CA THR A 211 -5.42 -29.45 -5.31
C THR A 211 -6.66 -29.05 -4.55
N TRP A 212 -7.83 -29.03 -5.23
CA TRP A 212 -9.09 -28.65 -4.63
C TRP A 212 -9.60 -29.73 -3.67
N SER A 213 -9.14 -30.95 -3.86
CA SER A 213 -9.53 -32.06 -3.01
C SER A 213 -8.90 -31.99 -1.63
N ILE A 214 -7.90 -31.15 -1.46
CA ILE A 214 -7.22 -31.03 -0.20
C ILE A 214 -8.14 -30.33 0.79
N TYR A 215 -8.95 -29.40 0.30
CA TYR A 215 -9.76 -28.53 1.14
C TYR A 215 -10.74 -29.36 1.96
N PRO A 216 -11.52 -30.27 1.35
CA PRO A 216 -12.38 -31.14 2.12
C PRO A 216 -11.68 -31.92 3.22
N PHE A 217 -10.40 -32.22 3.03
N PHE A 217 -10.40 -32.22 3.03
CA PHE A 217 -9.63 -32.93 4.05
CA PHE A 217 -9.63 -32.93 4.04
C PHE A 217 -9.29 -31.99 5.20
C PHE A 217 -9.28 -31.99 5.19
N ALA A 218 -8.94 -30.75 4.88
CA ALA A 218 -8.66 -29.78 5.92
C ALA A 218 -9.90 -29.52 6.76
N TYR A 219 -11.07 -29.56 6.12
CA TYR A 219 -12.35 -29.40 6.76
C TYR A 219 -12.57 -30.52 7.77
N ALA A 220 -12.22 -31.74 7.40
CA ALA A 220 -12.47 -32.89 8.25
C ALA A 220 -11.42 -33.09 9.34
N MET A 221 -10.36 -32.29 9.39
CA MET A 221 -9.29 -32.50 10.37
C MET A 221 -9.79 -32.48 11.81
N PRO A 222 -10.66 -31.55 12.25
CA PRO A 222 -11.19 -31.58 13.61
C PRO A 222 -11.73 -32.93 14.03
N LEU A 223 -12.10 -33.75 13.06
CA LEU A 223 -12.70 -35.03 13.34
C LEU A 223 -11.60 -36.07 13.52
N PHE A 224 -10.48 -35.90 12.82
CA PHE A 224 -9.41 -36.88 12.88
C PHE A 224 -8.42 -36.55 14.00
N ALA A 225 -7.94 -35.31 14.01
CA ALA A 225 -6.93 -34.87 14.94
C ALA A 225 -7.29 -33.52 15.55
N PRO A 226 -8.18 -33.46 16.55
CA PRO A 226 -8.49 -32.21 17.24
C PRO A 226 -7.43 -31.86 18.30
N THR A 227 -6.20 -31.63 17.83
CA THR A 227 -5.03 -31.45 18.68
C THR A 227 -4.14 -30.39 18.06
N ALA A 228 -3.08 -29.95 18.77
CA ALA A 228 -2.31 -28.83 18.25
C ALA A 228 -1.42 -29.29 17.10
N ASP A 229 -1.07 -30.58 17.08
CA ASP A 229 -0.35 -31.15 15.95
C ASP A 229 -1.28 -31.27 14.75
N GLY A 230 -2.53 -31.64 14.99
CA GLY A 230 -3.57 -31.60 13.96
C GLY A 230 -3.76 -30.19 13.39
N VAL A 231 -3.67 -29.18 14.23
CA VAL A 231 -3.93 -27.84 13.79
C VAL A 231 -2.77 -27.40 12.90
N VAL A 232 -1.57 -27.88 13.21
CA VAL A 232 -0.40 -27.52 12.44
C VAL A 232 -0.49 -28.21 11.09
N VAL A 233 -0.79 -29.50 11.09
CA VAL A 233 -0.93 -30.21 9.84
C VAL A 233 -2.00 -29.58 8.96
N ARG A 234 -3.14 -29.21 9.53
CA ARG A 234 -4.20 -28.59 8.78
C ARG A 234 -3.72 -27.30 8.11
N GLN A 235 -3.02 -26.45 8.82
CA GLN A 235 -2.59 -25.20 8.22
C GLN A 235 -1.47 -25.44 7.21
N VAL A 236 -0.69 -26.51 7.41
CA VAL A 236 0.31 -26.89 6.45
C VAL A 236 -0.38 -27.29 5.16
N ILE A 237 -1.44 -28.09 5.22
CA ILE A 237 -2.06 -28.56 3.99
C ILE A 237 -2.89 -27.46 3.34
N TYR A 238 -3.51 -26.57 4.11
CA TYR A 238 -4.10 -25.38 3.52
C TYR A 238 -3.05 -24.57 2.75
N THR A 239 -1.80 -24.53 3.21
CA THR A 239 -0.81 -23.67 2.58
C THR A 239 -0.41 -24.30 1.25
N VAL A 240 -0.27 -25.60 1.28
CA VAL A 240 0.08 -26.30 0.07
C VAL A 240 -1.05 -26.12 -0.91
N ALA A 241 -2.30 -26.33 -0.46
CA ALA A 241 -3.47 -26.23 -1.32
C ALA A 241 -3.63 -24.82 -1.86
N ASP A 242 -3.43 -23.81 -1.04
CA ASP A 242 -3.64 -22.44 -1.50
C ASP A 242 -2.63 -22.10 -2.57
N VAL A 243 -1.36 -22.38 -2.32
CA VAL A 243 -0.31 -21.98 -3.24
C VAL A 243 -0.49 -22.76 -4.54
N SER A 244 -0.78 -24.06 -4.44
CA SER A 244 -1.00 -24.87 -5.62
C SER A 244 -2.21 -24.42 -6.43
N SER A 245 -3.35 -24.30 -5.78
CA SER A 245 -4.63 -24.16 -6.45
C SER A 245 -4.71 -22.77 -7.06
N LYR A 246 -3.93 -21.82 -6.57
CA LYR A 246 -4.08 -20.45 -7.05
C LYR A 246 -2.87 -19.97 -7.82
O LYR A 246 -3.07 -19.52 -8.95
CB LYR A 246 -4.35 -19.51 -5.89
CG LYR A 246 -5.66 -19.79 -5.16
CD LYR A 246 -5.89 -18.83 -4.06
CE LYR A 246 -6.13 -19.52 -2.73
NZ LYR A 246 -7.54 -19.81 -2.52
C1 LYR A 246 -7.97 -20.93 -3.32
C2 LYR A 246 -9.25 -21.52 -2.78
C3 LYR A 246 -9.80 -22.71 -3.21
C4 LYR A 246 -9.39 -23.41 -4.45
C5 LYR A 246 -10.85 -23.32 -2.44
C6 LYR A 246 -11.51 -24.49 -2.66
C7 LYR A 246 -12.43 -24.99 -1.81
C80 LYR A 246 -13.13 -26.23 -1.88
C8 LYR A 246 -12.90 -27.11 -3.11
C9 LYR A 246 -14.01 -26.56 -0.79
C10 LYR A 246 -14.71 -27.71 -0.69
C11 LYR A 246 -15.48 -28.21 0.42
C12 LYR A 246 -16.05 -29.43 0.29
C13 LYR A 246 -16.12 -30.19 -1.00
C14 LYR A 246 -16.67 -30.16 1.44
C15 LYR A 246 -16.29 -29.57 2.80
C16 LYR A 246 -16.46 -28.14 2.75
C17 LYR A 246 -15.55 -27.46 1.74
C18 LYR A 246 -16.11 -26.05 1.53
C19 LYR A 246 -14.18 -27.33 2.40
N LEU A 247 -1.67 -20.01 -7.23
CA LEU A 247 -0.48 -19.46 -7.87
C LEU A 247 0.05 -20.49 -8.88
N VAL A 248 0.22 -21.74 -8.50
CA VAL A 248 0.84 -22.69 -9.40
C VAL A 248 -0.11 -22.97 -10.57
N PHE A 249 -1.39 -23.07 -10.27
CA PHE A 249 -2.40 -23.22 -11.31
C PHE A 249 -2.40 -22.00 -12.27
N GLY A 250 -2.20 -20.80 -11.75
CA GLY A 250 -2.12 -19.60 -12.57
C GLY A 250 -0.97 -19.63 -13.55
N VAL A 251 0.17 -20.20 -13.13
CA VAL A 251 1.34 -20.27 -13.96
C VAL A 251 1.14 -21.35 -15.01
N ILE A 252 0.59 -22.48 -14.63
CA ILE A 252 0.41 -23.55 -15.58
C ILE A 252 -0.60 -23.13 -16.64
N LEU A 253 -1.64 -22.41 -16.24
CA LEU A 253 -2.70 -22.02 -17.13
C LEU A 253 -2.16 -20.95 -18.06
N SER A 254 -1.39 -20.00 -17.51
CA SER A 254 -0.73 -18.98 -18.31
C SER A 254 0.13 -19.60 -19.40
N GLN A 255 0.72 -20.75 -19.14
CA GLN A 255 1.56 -21.38 -20.11
C GLN A 255 0.75 -21.97 -21.25
N VAL A 256 -0.45 -22.42 -20.96
CA VAL A 256 -1.35 -22.96 -21.96
C VAL A 256 -1.97 -21.80 -22.74
N ALA A 257 -2.24 -20.71 -22.03
CA ALA A 257 -2.77 -19.51 -22.65
C ALA A 257 -1.80 -18.96 -23.67
N LEU A 258 -0.49 -19.04 -23.37
CA LEU A 258 0.56 -18.55 -24.24
C LEU A 258 0.75 -19.47 -25.42
N ARG A 259 0.56 -20.74 -25.24
CA ARG A 259 0.73 -21.67 -26.32
C ARG A 259 -0.39 -21.43 -27.32
N ARG A 260 -1.62 -21.30 -26.81
CA ARG A 260 -2.75 -21.04 -27.66
C ARG A 260 -2.53 -19.69 -28.35
N SER A 261 -2.10 -18.69 -27.59
CA SER A 261 -1.85 -17.38 -28.15
C SER A 261 -0.93 -17.52 -29.35
N ALA A 262 0.20 -18.20 -29.14
CA ALA A 262 1.25 -18.34 -30.13
C ALA A 262 0.79 -19.20 -31.30
N GLU A 263 0.02 -20.24 -31.05
CA GLU A 263 -0.53 -21.04 -32.14
C GLU A 263 -1.57 -20.26 -32.95
N GLU A 264 -2.01 -19.10 -32.46
CA GLU A 264 -2.97 -18.29 -33.18
C GLU A 264 -2.32 -17.03 -33.71
N GLY A 265 -0.99 -16.92 -33.55
CA GLY A 265 -0.22 -15.90 -34.22
C GLY A 265 0.06 -14.64 -33.40
N PHE A 266 -0.29 -14.61 -32.10
CA PHE A 266 0.05 -13.45 -31.31
C PHE A 266 1.58 -13.35 -31.20
N GLU A 267 2.15 -12.23 -31.64
CA GLU A 267 3.60 -12.15 -31.76
C GLU A 267 4.25 -12.11 -30.38
N PRO A 268 3.75 -11.29 -29.43
CA PRO A 268 4.33 -11.29 -28.09
C PRO A 268 4.40 -12.69 -27.46
N ALA A 269 3.40 -13.53 -27.78
CA ALA A 269 3.36 -14.89 -27.26
C ALA A 269 4.36 -15.77 -27.99
N ARG A 270 4.66 -15.45 -29.25
CA ARG A 270 5.60 -16.23 -30.04
C ARG A 270 7.04 -15.85 -29.69
N VAL A 271 7.33 -14.55 -29.50
CA VAL A 271 8.69 -14.11 -29.18
C VAL A 271 9.02 -14.49 -27.73
N ALA A 272 8.02 -14.99 -26.98
CA ALA A 272 8.22 -15.53 -25.64
C ALA A 272 7.61 -16.93 -25.55
N FME B 1 11.73 -24.50 20.03
CN FME B 1 10.55 -25.10 19.83
O1 FME B 1 9.56 -25.08 20.59
CA FME B 1 11.99 -23.67 21.19
CB FME B 1 13.24 -24.06 21.96
CG FME B 1 13.36 -25.54 22.25
SD FME B 1 15.14 -26.10 22.40
CE FME B 1 14.85 -27.86 22.41
C FME B 1 12.10 -22.19 20.78
O FME B 1 12.37 -21.93 19.60
N PRO B 2 12.10 -21.13 21.56
CA PRO B 2 12.16 -19.74 21.08
C PRO B 2 13.59 -19.48 20.63
N SER B 3 13.79 -18.53 19.71
CA SER B 3 15.13 -18.18 19.26
C SER B 3 15.96 -17.65 20.41
N ILE B 4 17.27 -17.69 20.25
CA ILE B 4 18.21 -17.30 21.31
C ILE B 4 18.08 -15.82 21.69
N GLU B 5 17.53 -14.98 20.82
CA GLU B 5 17.32 -13.57 21.08
C GLU B 5 16.41 -13.35 22.29
N ASN B 6 15.54 -14.31 22.56
CA ASN B 6 14.54 -14.20 23.59
C ASN B 6 15.16 -14.40 24.97
N PHE B 7 16.42 -14.79 25.01
CA PHE B 7 17.01 -15.17 26.27
C PHE B 7 18.09 -14.15 26.66
N LEU B 8 18.05 -12.96 26.06
CA LEU B 8 19.08 -11.95 26.26
C LEU B 8 18.42 -10.59 26.54
N ALA B 9 19.18 -9.69 27.20
CA ALA B 9 18.76 -8.29 27.28
C ALA B 9 19.69 -7.45 26.41
N TYR B 10 19.21 -6.30 25.94
CA TYR B 10 19.99 -5.54 25.00
C TYR B 10 20.27 -4.14 25.57
N ASP B 11 21.46 -3.63 25.30
CA ASP B 11 21.76 -2.23 25.50
C ASP B 11 21.05 -1.38 24.47
N PHE B 12 20.81 -0.11 24.75
CA PHE B 12 20.05 0.67 23.81
C PHE B 12 20.56 0.35 22.38
N TRP B 13 21.88 0.41 22.16
CA TRP B 13 22.37 0.43 20.80
C TRP B 13 22.24 -0.95 20.17
N GLN B 14 22.32 -2.01 20.99
CA GLN B 14 22.16 -3.36 20.48
C GLN B 14 20.77 -3.52 19.90
N TYR B 15 19.74 -3.14 20.65
CA TYR B 15 18.40 -3.32 20.15
C TYR B 15 18.18 -2.38 19.00
N ASP B 16 18.78 -1.18 19.09
CA ASP B 16 18.53 -0.10 18.15
C ASP B 16 19.12 -0.43 16.78
N VAL B 17 20.36 -0.93 16.76
CA VAL B 17 20.93 -1.42 15.53
C VAL B 17 20.05 -2.47 14.86
N ILE B 18 19.58 -3.49 15.59
CA ILE B 18 18.75 -4.51 14.98
C ILE B 18 17.43 -3.94 14.40
N ARG B 19 16.79 -2.96 15.03
CA ARG B 19 15.56 -2.50 14.43
C ARG B 19 15.83 -1.64 13.22
N HIS B 20 17.02 -1.02 13.21
CA HIS B 20 17.47 -0.22 12.10
C HIS B 20 17.78 -1.12 10.92
N LEU B 21 18.46 -2.24 11.19
CA LEU B 21 18.75 -3.20 10.14
C LEU B 21 17.47 -3.77 9.53
N PHE B 22 16.48 -4.08 10.34
CA PHE B 22 15.29 -4.69 9.78
C PHE B 22 14.56 -3.68 8.93
N ALA B 23 14.62 -2.43 9.36
CA ALA B 23 13.89 -1.39 8.65
C ALA B 23 14.60 -1.03 7.36
N PHE B 24 15.93 -0.99 7.39
CA PHE B 24 16.73 -0.69 6.23
C PHE B 24 16.42 -1.72 5.14
N SER B 25 16.52 -2.99 5.51
CA SER B 25 16.31 -4.11 4.62
C SER B 25 14.94 -4.03 3.95
N THR B 26 13.92 -3.70 4.72
CA THR B 26 12.60 -3.58 4.14
C THR B 26 12.63 -2.52 3.05
N ALA B 27 13.30 -1.40 3.32
CA ALA B 27 13.34 -0.30 2.40
C ALA B 27 14.12 -0.63 1.14
N VAL B 28 15.22 -1.34 1.30
CA VAL B 28 16.02 -1.79 0.19
C VAL B 28 15.18 -2.65 -0.72
N PHE B 29 14.39 -3.56 -0.17
CA PHE B 29 13.67 -4.50 -1.02
C PHE B 29 12.48 -3.79 -1.65
N LEU B 30 11.92 -2.79 -1.01
CA LEU B 30 10.81 -2.07 -1.60
C LEU B 30 11.32 -1.16 -2.70
N ALA B 31 12.49 -0.60 -2.50
CA ALA B 31 13.12 0.22 -3.51
C ALA B 31 13.53 -0.65 -4.70
N GLY B 32 14.16 -1.78 -4.39
CA GLY B 32 14.49 -2.81 -5.37
C GLY B 32 13.29 -3.18 -6.23
N LEU B 33 12.11 -3.30 -5.62
CA LEU B 33 10.92 -3.66 -6.35
C LEU B 33 10.56 -2.55 -7.33
N VAL B 34 10.54 -1.30 -6.89
CA VAL B 34 10.21 -0.20 -7.79
C VAL B 34 11.20 -0.22 -8.94
N TYR B 35 12.45 -0.52 -8.65
CA TYR B 35 13.49 -0.46 -9.65
C TYR B 35 13.35 -1.55 -10.70
N PHE B 36 13.16 -2.78 -10.25
CA PHE B 36 13.05 -3.92 -11.16
C PHE B 36 11.78 -3.80 -11.97
N ALA B 37 10.72 -3.29 -11.37
CA ALA B 37 9.47 -3.07 -12.08
C ALA B 37 9.65 -2.03 -13.16
N MET B 38 10.44 -1.00 -12.90
CA MET B 38 10.63 0.07 -13.85
C MET B 38 11.67 -0.28 -14.89
N THR B 39 12.34 -1.41 -14.81
CA THR B 39 13.45 -1.66 -15.71
C THR B 39 13.29 -2.98 -16.45
N ALA B 40 12.19 -3.67 -16.22
CA ALA B 40 12.06 -5.03 -16.71
C ALA B 40 11.96 -5.09 -18.24
N ARG B 41 11.27 -4.15 -18.86
CA ARG B 41 10.99 -4.17 -20.29
C ARG B 41 12.24 -3.89 -21.13
N THR B 42 13.36 -3.56 -20.50
CA THR B 42 14.56 -3.20 -21.22
C THR B 42 15.31 -4.47 -21.59
N THR B 43 14.85 -5.56 -21.01
CA THR B 43 15.43 -6.86 -21.26
C THR B 43 14.66 -7.52 -22.41
N ALA B 44 15.37 -8.21 -23.29
CA ALA B 44 14.71 -8.93 -24.35
C ALA B 44 13.72 -9.95 -23.80
N PRO B 45 12.59 -10.21 -24.49
CA PRO B 45 11.59 -11.16 -24.00
C PRO B 45 12.06 -12.56 -23.66
N ASN B 46 13.18 -13.00 -24.24
CA ASN B 46 13.70 -14.32 -23.92
C ASN B 46 14.44 -14.32 -22.58
N TYR B 47 14.71 -13.16 -21.99
CA TYR B 47 15.38 -13.09 -20.70
C TYR B 47 14.51 -12.38 -19.68
N ARG B 48 13.30 -11.99 -20.05
CA ARG B 48 12.53 -11.10 -19.21
C ARG B 48 11.97 -11.87 -18.01
N LEU B 49 12.00 -13.20 -18.08
CA LEU B 49 11.52 -13.98 -16.95
C LEU B 49 12.41 -13.68 -15.75
N SER B 50 13.70 -13.48 -15.99
CA SER B 50 14.67 -13.17 -14.96
C SER B 50 14.38 -11.83 -14.31
N ALA B 51 14.09 -10.83 -15.13
CA ALA B 51 13.67 -9.51 -14.68
C ALA B 51 12.43 -9.60 -13.81
N ASN B 52 11.49 -10.45 -14.21
CA ASN B 52 10.26 -10.60 -13.50
C ASN B 52 10.48 -11.29 -12.17
N ILE B 53 11.37 -12.27 -12.15
CA ILE B 53 11.68 -12.98 -10.92
C ILE B 53 12.28 -12.02 -9.90
N SER B 54 13.13 -11.12 -10.36
CA SER B 54 13.72 -10.16 -9.45
C SER B 54 12.63 -9.38 -8.73
N ALA B 55 11.60 -9.00 -9.45
CA ALA B 55 10.55 -8.25 -8.80
C ALA B 55 9.82 -9.12 -7.78
N VAL B 56 9.63 -10.40 -8.09
CA VAL B 56 8.97 -11.35 -7.21
C VAL B 56 9.81 -11.53 -5.95
N VAL B 57 11.10 -11.67 -6.10
CA VAL B 57 11.97 -11.84 -4.96
C VAL B 57 11.96 -10.60 -4.07
N MET B 58 11.84 -9.42 -4.65
CA MET B 58 11.86 -8.20 -3.87
C MET B 58 10.61 -8.13 -3.00
N VAL B 59 9.49 -8.60 -3.50
CA VAL B 59 8.25 -8.53 -2.75
C VAL B 59 8.38 -9.46 -1.56
N SER B 60 8.79 -10.69 -1.85
CA SER B 60 8.98 -11.69 -0.81
C SER B 60 9.86 -11.14 0.31
N ALA B 61 11.02 -10.59 -0.04
CA ALA B 61 12.03 -10.20 0.91
C ALA B 61 11.55 -8.98 1.68
N ALA B 62 10.84 -8.08 1.02
CA ALA B 62 10.32 -6.92 1.71
C ALA B 62 9.39 -7.35 2.84
N LEU B 63 8.57 -8.36 2.58
CA LEU B 63 7.63 -8.83 3.58
C LEU B 63 8.31 -9.67 4.65
N GLU B 64 9.27 -10.46 4.27
CA GLU B 64 10.14 -11.18 5.19
C GLU B 64 10.73 -10.25 6.26
N LEU B 65 11.28 -9.13 5.82
CA LEU B 65 12.03 -8.27 6.70
C LEU B 65 11.07 -7.36 7.44
N GLY B 66 9.93 -7.03 6.84
CA GLY B 66 8.93 -6.24 7.53
C GLY B 66 8.34 -6.98 8.73
N GLN B 67 8.11 -8.27 8.58
N GLN B 67 8.11 -8.27 8.58
CA GLN B 67 7.57 -9.09 9.65
CA GLN B 67 7.56 -9.09 9.65
C GLN B 67 8.54 -9.14 10.82
C GLN B 67 8.53 -9.13 10.82
N LEU B 68 9.81 -9.30 10.52
CA LEU B 68 10.85 -9.35 11.50
C LEU B 68 10.96 -8.02 12.22
N TRP B 69 10.83 -6.94 11.48
CA TRP B 69 10.91 -5.61 12.03
C TRP B 69 9.77 -5.42 13.03
N LEU B 70 8.57 -5.78 12.63
CA LEU B 70 7.43 -5.76 13.51
C LEU B 70 7.61 -6.60 14.76
N LEU B 71 8.03 -7.83 14.61
CA LEU B 71 8.06 -8.73 15.73
C LEU B 71 9.18 -8.31 16.70
N TRP B 72 10.28 -7.78 16.18
CA TRP B 72 11.36 -7.28 17.00
C TRP B 72 10.87 -6.12 17.87
N ASN B 73 10.03 -5.28 17.27
CA ASN B 73 9.52 -4.15 18.00
C ASN B 73 8.56 -4.62 19.08
N GLU B 74 7.87 -5.73 18.84
CA GLU B 74 6.78 -6.15 19.69
C GLU B 74 7.29 -6.98 20.85
N SER B 75 8.45 -7.56 20.69
CA SER B 75 8.87 -8.63 21.55
C SER B 75 9.70 -8.14 22.72
N PHE B 76 10.17 -6.91 22.68
CA PHE B 76 11.09 -6.40 23.68
C PHE B 76 10.62 -5.00 24.02
N GLN B 77 10.87 -4.55 25.25
CA GLN B 77 10.47 -3.22 25.62
C GLN B 77 11.56 -2.65 26.50
N TRP B 78 11.62 -1.33 26.57
CA TRP B 78 12.64 -0.68 27.38
C TRP B 78 12.35 -0.91 28.85
N ALA B 79 13.40 -1.09 29.63
CA ALA B 79 13.29 -1.17 31.07
C ALA B 79 14.30 -0.21 31.67
N GLU B 80 13.84 0.97 32.10
CA GLU B 80 14.71 2.03 32.58
C GLU B 80 15.55 1.58 33.77
N LEU B 81 15.01 0.78 34.68
CA LEU B 81 15.79 0.36 35.84
C LEU B 81 16.98 -0.50 35.41
N GLN B 82 16.79 -1.36 34.40
CA GLN B 82 17.86 -2.20 33.88
C GLN B 82 18.66 -1.43 32.82
N GLY B 83 18.06 -0.41 32.24
CA GLY B 83 18.65 0.32 31.12
C GLY B 83 18.87 -0.60 29.93
N SER B 84 17.85 -1.42 29.65
CA SER B 84 17.95 -2.49 28.67
C SER B 84 16.63 -2.67 27.98
N PHE B 85 16.67 -3.16 26.75
CA PHE B 85 15.46 -3.71 26.15
C PHE B 85 15.39 -5.14 26.61
N VAL B 86 14.21 -5.57 27.06
CA VAL B 86 14.05 -6.87 27.69
C VAL B 86 12.82 -7.48 27.08
N PRO B 87 12.67 -8.81 27.11
CA PRO B 87 11.51 -9.49 26.55
C PRO B 87 10.23 -9.01 27.20
N VAL B 88 9.15 -8.89 26.42
CA VAL B 88 7.83 -8.68 26.96
C VAL B 88 7.19 -10.02 27.32
N ALA B 89 6.09 -9.99 28.07
CA ALA B 89 5.52 -11.19 28.66
C ALA B 89 4.87 -12.10 27.62
N GLY B 90 4.07 -11.55 26.71
CA GLY B 90 3.23 -12.41 25.90
C GLY B 90 3.66 -12.51 24.46
N GLU B 91 4.86 -12.05 24.16
CA GLU B 91 5.36 -12.14 22.79
C GLU B 91 6.71 -12.81 22.85
N ARG B 92 7.05 -13.62 21.85
CA ARG B 92 8.38 -14.21 21.72
C ARG B 92 8.88 -14.03 20.29
N PHE B 93 10.14 -13.64 20.11
CA PHE B 93 10.67 -13.35 18.78
C PHE B 93 11.10 -14.63 18.10
N SER B 94 11.04 -14.64 16.77
CA SER B 94 11.45 -15.80 16.00
C SER B 94 12.25 -15.33 14.80
N ASN B 95 13.41 -15.93 14.58
CA ASN B 95 14.16 -15.65 13.37
C ASN B 95 13.62 -16.50 12.22
N GLY B 96 12.79 -17.51 12.52
CA GLY B 96 12.21 -18.43 11.56
C GLY B 96 11.23 -17.79 10.60
N TYR B 97 10.86 -16.54 10.81
CA TYR B 97 10.07 -15.89 9.77
C TYR B 97 10.85 -15.76 8.47
N ARG B 98 12.20 -15.71 8.52
CA ARG B 98 12.96 -15.53 7.31
C ARG B 98 12.99 -16.85 6.54
N TYR B 99 13.10 -17.97 7.22
CA TYR B 99 13.21 -19.26 6.57
C TYR B 99 12.06 -19.51 5.61
N MET B 100 10.85 -19.21 6.00
CA MET B 100 9.68 -19.65 5.23
C MET B 100 9.65 -18.86 3.92
N ASN B 101 10.06 -17.58 3.94
CA ASN B 101 10.11 -16.79 2.72
C ASN B 101 11.21 -17.25 1.77
N TRP B 102 12.26 -17.87 2.30
CA TRP B 102 13.30 -18.44 1.48
C TRP B 102 12.74 -19.51 0.55
N LEU B 103 11.63 -20.14 0.90
CA LEU B 103 11.03 -21.11 0.00
C LEU B 103 10.65 -20.43 -1.30
N ILE B 104 10.44 -19.11 -1.28
CA ILE B 104 10.25 -18.37 -2.51
C ILE B 104 11.60 -17.95 -3.08
N ASP B 105 12.37 -17.25 -2.28
CA ASP B 105 13.61 -16.60 -2.69
C ASP B 105 14.57 -17.63 -3.29
N VAL B 106 14.85 -18.73 -2.59
CA VAL B 106 16.03 -19.49 -2.94
C VAL B 106 15.84 -20.09 -4.34
N PRO B 107 14.73 -20.79 -4.60
CA PRO B 107 14.53 -21.43 -5.90
C PRO B 107 14.36 -20.42 -7.01
N MET B 108 13.77 -19.27 -6.71
CA MET B 108 13.59 -18.19 -7.67
C MET B 108 14.92 -17.56 -8.07
N LEU B 109 15.81 -17.27 -7.11
CA LEU B 109 17.13 -16.74 -7.41
C LEU B 109 17.95 -17.72 -8.22
N ALA B 110 17.82 -19.00 -7.96
CA ALA B 110 18.61 -19.96 -8.71
C ALA B 110 18.01 -20.13 -10.10
N THR B 111 16.70 -19.93 -10.23
CA THR B 111 16.04 -20.12 -11.50
C THR B 111 16.42 -18.99 -12.44
N GLN B 112 16.44 -17.75 -11.94
CA GLN B 112 16.77 -16.64 -12.81
C GLN B 112 18.21 -16.71 -13.33
N LEU B 113 19.10 -17.37 -12.61
CA LEU B 113 20.43 -17.60 -13.16
C LEU B 113 20.39 -18.59 -14.34
N VAL B 114 19.56 -19.63 -14.21
CA VAL B 114 19.37 -20.62 -15.27
C VAL B 114 18.67 -20.01 -16.50
N VAL B 115 17.72 -19.10 -16.26
CA VAL B 115 17.11 -18.35 -17.33
C VAL B 115 18.16 -17.53 -18.10
N VAL B 116 19.07 -16.84 -17.43
CA VAL B 116 20.03 -16.01 -18.12
C VAL B 116 21.12 -16.87 -18.74
N CYS B 117 21.27 -18.11 -18.28
CA CYS B 117 22.22 -19.00 -18.91
C CYS B 117 21.68 -19.48 -20.24
N GLY B 118 20.37 -19.33 -20.43
CA GLY B 118 19.77 -19.63 -21.72
C GLY B 118 18.91 -20.89 -21.78
N PHE B 119 18.72 -21.57 -20.67
CA PHE B 119 17.89 -22.76 -20.70
C PHE B 119 16.45 -22.34 -20.93
N VAL B 120 15.74 -23.09 -21.76
CA VAL B 120 14.34 -22.80 -22.02
C VAL B 120 13.55 -24.10 -22.04
N GLY B 121 12.23 -23.99 -21.89
CA GLY B 121 11.40 -25.15 -22.12
C GLY B 121 11.61 -26.22 -21.05
N THR B 122 11.73 -27.47 -21.47
CA THR B 122 11.77 -28.54 -20.50
C THR B 122 13.07 -28.47 -19.74
N GLU B 123 14.14 -28.07 -20.42
CA GLU B 123 15.43 -27.96 -19.78
C GLU B 123 15.39 -26.88 -18.71
N LEU B 124 14.60 -25.83 -18.92
CA LEU B 124 14.42 -24.87 -17.86
C LEU B 124 13.59 -25.51 -16.76
N ARG B 125 12.51 -26.19 -17.13
CA ARG B 125 11.60 -26.76 -16.15
C ARG B 125 12.31 -27.83 -15.35
N ASN B 126 13.13 -28.62 -16.01
CA ASN B 126 13.82 -29.68 -15.34
C ASN B 126 14.72 -29.12 -14.24
N ARG B 127 15.44 -28.07 -14.56
CA ARG B 127 16.35 -27.46 -13.63
C ARG B 127 15.56 -26.78 -12.53
N TRP B 128 14.46 -26.16 -12.88
CA TRP B 128 13.66 -25.47 -11.89
C TRP B 128 13.12 -26.43 -10.85
N ALA B 129 12.73 -27.62 -11.32
CA ALA B 129 12.19 -28.65 -10.47
C ALA B 129 13.29 -29.18 -9.54
N LYS B 130 14.47 -29.49 -10.09
CA LYS B 130 15.54 -29.99 -9.24
C LYS B 130 15.95 -28.94 -8.20
N LEU B 131 16.04 -27.70 -8.62
CA LEU B 131 16.43 -26.62 -7.74
C LEU B 131 15.39 -26.38 -6.67
N THR B 132 14.12 -26.54 -7.00
CA THR B 132 13.04 -26.30 -6.04
C THR B 132 12.99 -27.45 -5.05
N ILE B 133 13.23 -28.66 -5.48
CA ILE B 133 13.28 -29.76 -4.55
C ILE B 133 14.46 -29.57 -3.63
N ALA B 134 15.66 -29.41 -4.19
CA ALA B 134 16.87 -29.24 -3.40
C ALA B 134 16.74 -28.03 -2.48
N GLY B 135 16.11 -26.95 -2.95
CA GLY B 135 16.04 -25.74 -2.16
C GLY B 135 15.03 -25.86 -1.04
N VAL B 136 13.88 -26.45 -1.34
CA VAL B 136 12.86 -26.65 -0.32
C VAL B 136 13.38 -27.59 0.77
N LEU B 137 14.12 -28.63 0.41
CA LEU B 137 14.57 -29.57 1.42
C LEU B 137 15.69 -28.97 2.26
N MET B 138 16.46 -28.07 1.66
CA MET B 138 17.52 -27.41 2.40
C MET B 138 16.86 -26.49 3.42
N ILE B 139 15.84 -25.74 3.00
CA ILE B 139 15.23 -24.77 3.88
C ILE B 139 14.42 -25.45 4.98
N LEU B 140 13.73 -26.54 4.68
CA LEU B 140 12.91 -27.16 5.71
C LEU B 140 13.77 -27.95 6.69
N THR B 141 14.87 -28.53 6.27
CA THR B 141 15.75 -29.15 7.25
C THR B 141 16.48 -28.13 8.13
N GLY B 142 16.69 -26.91 7.65
CA GLY B 142 17.33 -25.91 8.46
C GLY B 142 16.34 -25.23 9.38
N TYR B 143 15.09 -25.15 8.96
CA TYR B 143 14.04 -24.60 9.79
C TYR B 143 13.84 -25.50 11.00
N VAL B 144 13.95 -26.80 10.80
CA VAL B 144 13.74 -27.68 11.92
C VAL B 144 14.88 -27.45 12.87
N GLY B 145 16.09 -27.38 12.37
CA GLY B 145 17.27 -27.24 13.20
C GLY B 145 17.28 -25.96 14.03
N GLN B 146 16.78 -24.87 13.46
CA GLN B 146 16.88 -23.60 14.14
C GLN B 146 15.86 -23.53 15.26
N TYR B 147 14.98 -24.54 15.41
CA TYR B 147 14.08 -24.64 16.55
C TYR B 147 14.83 -25.22 17.74
N PHE B 148 16.12 -25.51 17.64
CA PHE B 148 16.85 -26.12 18.75
C PHE B 148 18.01 -25.26 19.22
N GLU B 149 17.92 -23.95 19.04
CA GLU B 149 19.10 -23.13 19.27
C GLU B 149 19.26 -22.69 20.73
N PRO B 150 18.25 -22.60 21.61
CA PRO B 150 18.49 -22.44 23.03
C PRO B 150 19.23 -23.65 23.61
N ALA B 151 19.04 -24.80 22.98
CA ALA B 151 19.64 -26.05 23.43
C ALA B 151 21.10 -26.08 23.07
N VAL B 152 21.44 -25.59 21.87
CA VAL B 152 22.82 -25.66 21.41
C VAL B 152 23.58 -24.54 22.09
N ALA B 153 22.88 -23.45 22.45
CA ALA B 153 23.45 -22.29 23.13
C ALA B 153 23.66 -22.57 24.61
N GLY B 154 23.16 -23.71 25.10
CA GLY B 154 23.33 -24.07 26.49
C GLY B 154 22.44 -23.32 27.47
N VAL B 155 21.38 -22.64 27.00
CA VAL B 155 20.40 -22.04 27.88
C VAL B 155 19.82 -23.17 28.74
N PRO B 156 19.83 -23.06 30.08
CA PRO B 156 19.42 -24.16 30.94
C PRO B 156 17.96 -24.54 30.77
N GLY B 157 17.72 -25.86 30.70
CA GLY B 157 16.38 -26.39 30.59
C GLY B 157 15.93 -26.61 29.15
N TYR B 158 16.88 -26.63 28.23
CA TYR B 158 16.59 -26.88 26.83
C TYR B 158 17.51 -28.01 26.39
N GLU B 159 16.94 -29.04 25.76
CA GLU B 159 17.73 -30.19 25.34
C GLU B 159 17.54 -30.42 23.84
N GLY B 160 18.45 -31.16 23.21
CA GLY B 160 18.34 -31.49 21.79
C GLY B 160 19.32 -30.69 20.97
N ALA B 161 20.50 -30.46 21.55
CA ALA B 161 21.54 -29.74 20.87
C ALA B 161 21.96 -30.52 19.64
N GLU B 162 21.91 -31.86 19.73
CA GLU B 162 22.30 -32.69 18.61
C GLU B 162 21.35 -32.51 17.44
N GLN B 163 20.10 -32.14 17.68
CA GLN B 163 19.16 -31.96 16.60
C GLN B 163 19.62 -30.78 15.76
N PHE B 164 20.24 -29.79 16.38
CA PHE B 164 20.73 -28.63 15.66
C PHE B 164 21.83 -29.01 14.67
N TRP B 165 22.67 -29.95 15.07
CA TRP B 165 23.76 -30.43 14.23
C TRP B 165 23.24 -31.27 13.10
N ILE B 166 22.40 -32.25 13.45
CA ILE B 166 21.91 -33.19 12.47
C ILE B 166 21.19 -32.45 11.38
N TRP B 167 20.26 -31.57 11.74
CA TRP B 167 19.42 -30.92 10.74
C TRP B 167 20.19 -29.91 9.93
N GLY B 168 21.23 -29.31 10.50
CA GLY B 168 22.05 -28.37 9.77
C GLY B 168 22.94 -29.07 8.76
N ILE B 169 23.43 -30.25 9.11
CA ILE B 169 24.28 -30.99 8.20
C ILE B 169 23.48 -31.55 7.03
N ILE B 170 22.29 -32.09 7.29
CA ILE B 170 21.41 -32.46 6.19
C ILE B 170 21.13 -31.25 5.30
N SER B 171 20.88 -30.09 5.90
CA SER B 171 20.57 -28.93 5.10
C SER B 171 21.76 -28.59 4.22
N THR B 172 22.96 -28.80 4.71
CA THR B 172 24.17 -28.49 3.96
C THR B 172 24.33 -29.41 2.76
N ALA B 173 23.85 -30.64 2.85
CA ALA B 173 23.96 -31.54 1.72
C ALA B 173 23.07 -31.07 0.58
N PHE B 174 21.85 -30.63 0.88
CA PHE B 174 20.98 -30.15 -0.17
C PHE B 174 21.52 -28.87 -0.74
N PHE B 175 22.32 -28.13 0.02
CA PHE B 175 22.93 -26.89 -0.45
C PHE B 175 24.01 -27.22 -1.48
N VAL B 176 24.84 -28.20 -1.21
CA VAL B 176 25.83 -28.65 -2.17
C VAL B 176 25.16 -29.15 -3.44
N TRP B 177 24.06 -29.88 -3.31
CA TRP B 177 23.33 -30.32 -4.49
C TRP B 177 22.86 -29.11 -5.31
N MET B 178 22.22 -28.13 -4.71
CA MET B 178 21.82 -26.98 -5.48
C MET B 178 23.02 -26.36 -6.21
N LEU B 179 24.16 -26.28 -5.55
CA LEU B 179 25.29 -25.58 -6.14
C LEU B 179 25.81 -26.39 -7.32
N LEU B 180 25.74 -27.71 -7.24
CA LEU B 180 26.19 -28.53 -8.35
C LEU B 180 25.27 -28.36 -9.55
N ILE B 181 23.97 -28.17 -9.32
CA ILE B 181 23.03 -27.98 -10.41
C ILE B 181 23.36 -26.67 -11.10
N LEU B 182 23.54 -25.61 -10.32
CA LEU B 182 23.83 -24.30 -10.86
C LEU B 182 25.21 -24.27 -11.51
N ALA B 183 26.15 -25.03 -10.97
CA ALA B 183 27.48 -24.99 -11.54
C ALA B 183 27.47 -25.63 -12.91
N ASN B 184 26.56 -26.58 -13.13
CA ASN B 184 26.48 -27.28 -14.38
C ASN B 184 25.79 -26.40 -15.41
N ALA B 185 24.92 -25.49 -14.94
CA ALA B 185 24.20 -24.57 -15.81
C ALA B 185 25.14 -23.48 -16.31
N VAL B 186 26.01 -22.94 -15.46
CA VAL B 186 26.79 -21.79 -15.85
C VAL B 186 28.00 -22.28 -16.64
N ARG B 187 28.33 -23.55 -16.50
CA ARG B 187 29.46 -24.10 -17.23
C ARG B 187 29.00 -24.52 -18.62
N ASN B 188 27.69 -24.64 -18.81
CA ASN B 188 27.12 -25.07 -20.07
C ASN B 188 26.02 -24.10 -20.45
N PRO B 189 26.35 -22.81 -20.66
CA PRO B 189 25.35 -21.84 -21.05
C PRO B 189 24.86 -22.18 -22.45
N GLN B 190 23.67 -21.68 -22.77
CA GLN B 190 22.98 -22.03 -23.99
C GLN B 190 22.87 -20.78 -24.84
N GLY B 191 22.71 -20.97 -26.14
CA GLY B 191 22.48 -19.87 -27.05
C GLY B 191 23.79 -19.24 -27.53
N ALA B 192 24.86 -20.02 -27.52
CA ALA B 192 26.16 -19.56 -28.01
C ALA B 192 26.51 -18.18 -27.43
N PRO B 193 26.74 -18.08 -26.10
CA PRO B 193 27.10 -16.81 -25.49
C PRO B 193 28.50 -16.34 -25.89
N SER B 194 28.70 -15.00 -25.85
CA SER B 194 30.03 -14.41 -25.92
C SER B 194 30.91 -14.87 -24.75
N ASP B 195 32.22 -14.71 -24.90
CA ASP B 195 33.16 -15.07 -23.84
C ASP B 195 33.03 -14.09 -22.68
N GLU B 196 32.55 -12.89 -22.97
CA GLU B 196 32.32 -11.94 -21.91
C GLU B 196 31.09 -12.38 -21.13
N VAL B 197 30.08 -12.84 -21.85
CA VAL B 197 28.87 -13.30 -21.19
C VAL B 197 29.20 -14.56 -20.39
N ARG B 198 30.06 -15.40 -20.95
CA ARG B 198 30.45 -16.61 -20.26
C ARG B 198 31.12 -16.30 -18.92
N SER B 199 32.02 -15.33 -18.93
CA SER B 199 32.73 -14.93 -17.73
C SER B 199 31.79 -14.35 -16.68
N ARG B 200 30.79 -13.63 -17.15
CA ARG B 200 29.94 -12.90 -16.26
C ARG B 200 28.96 -13.88 -15.62
N LEU B 201 28.66 -14.96 -16.34
CA LEU B 201 27.78 -15.98 -15.80
C LEU B 201 28.54 -16.71 -14.70
N LYS B 202 29.80 -17.01 -14.95
CA LYS B 202 30.62 -17.66 -13.95
C LYS B 202 30.76 -16.78 -12.72
N PHE B 203 30.85 -15.47 -12.91
CA PHE B 203 30.96 -14.56 -11.78
C PHE B 203 29.68 -14.57 -10.96
N CYS B 204 28.54 -14.57 -11.62
CA CYS B 204 27.27 -14.63 -10.94
C CYS B 204 27.14 -15.89 -10.09
N PHE B 205 27.74 -17.00 -10.55
CA PHE B 205 27.69 -18.22 -9.79
C PHE B 205 28.43 -18.06 -8.47
N TRP B 206 29.70 -17.65 -8.53
CA TRP B 206 30.52 -17.41 -7.37
C TRP B 206 29.97 -16.31 -6.47
N PHE B 207 29.32 -15.29 -7.03
CA PHE B 207 28.70 -14.31 -6.18
C PHE B 207 27.61 -14.96 -5.35
N LEU B 208 26.76 -15.79 -5.99
CA LEU B 208 25.67 -16.55 -5.37
C LEU B 208 26.29 -17.43 -4.29
N LEU B 209 27.31 -18.18 -4.64
CA LEU B 209 27.87 -19.13 -3.70
C LEU B 209 28.42 -18.43 -2.46
N ALA B 210 29.15 -17.33 -2.65
CA ALA B 210 29.70 -16.56 -1.55
C ALA B 210 28.60 -15.97 -0.67
N THR B 211 27.62 -15.34 -1.26
CA THR B 211 26.63 -14.68 -0.46
C THR B 211 25.74 -15.69 0.24
N TRP B 212 25.46 -16.83 -0.40
CA TRP B 212 24.60 -17.87 0.16
C TRP B 212 25.32 -18.62 1.28
N SER B 213 26.65 -18.58 1.29
CA SER B 213 27.43 -19.24 2.31
C SER B 213 27.36 -18.53 3.65
N ILE B 214 26.88 -17.30 3.65
CA ILE B 214 26.80 -16.54 4.88
C ILE B 214 25.70 -17.12 5.74
N TYR B 215 24.64 -17.63 5.13
CA TYR B 215 23.45 -18.06 5.85
C TYR B 215 23.80 -19.19 6.80
N PRO B 216 24.49 -20.26 6.36
CA PRO B 216 24.92 -21.30 7.28
C PRO B 216 25.72 -20.80 8.48
N PHE B 217 26.43 -19.69 8.32
N PHE B 217 26.43 -19.69 8.32
CA PHE B 217 27.19 -19.12 9.42
CA PHE B 217 27.19 -19.11 9.41
C PHE B 217 26.25 -18.41 10.40
C PHE B 217 26.25 -18.41 10.39
N ALA B 218 25.24 -17.71 9.88
CA ALA B 218 24.28 -17.07 10.74
C ALA B 218 23.52 -18.12 11.56
N TYR B 219 23.28 -19.28 10.94
CA TYR B 219 22.63 -20.40 11.58
C TYR B 219 23.46 -20.88 12.76
N ALA B 220 24.77 -20.96 12.59
CA ALA B 220 25.63 -21.51 13.60
C ALA B 220 26.01 -20.49 14.69
N MET B 221 25.60 -19.24 14.61
CA MET B 221 25.99 -18.23 15.58
C MET B 221 25.61 -18.60 17.01
N PRO B 222 24.39 -19.10 17.32
CA PRO B 222 24.06 -19.52 18.67
C PRO B 222 25.09 -20.42 19.31
N LEU B 223 25.87 -21.10 18.48
CA LEU B 223 26.83 -22.05 18.98
C LEU B 223 28.13 -21.32 19.30
N PHE B 224 28.43 -20.25 18.56
CA PHE B 224 29.70 -19.53 18.76
C PHE B 224 29.52 -18.41 19.78
N ALA B 225 28.53 -17.57 19.58
CA ALA B 225 28.30 -16.41 20.41
C ALA B 225 26.84 -16.28 20.81
N PRO B 226 26.36 -17.04 21.81
CA PRO B 226 24.98 -16.90 22.29
C PRO B 226 24.84 -15.71 23.26
N THR B 227 25.09 -14.50 22.74
CA THR B 227 25.17 -13.27 23.52
C THR B 227 24.55 -12.14 22.73
N ALA B 228 24.38 -10.97 23.34
CA ALA B 228 23.64 -9.91 22.64
C ALA B 228 24.52 -9.29 21.55
N ASP B 229 25.84 -9.37 21.73
CA ASP B 229 26.76 -8.94 20.70
C ASP B 229 26.75 -9.93 19.54
N GLY B 230 26.67 -11.23 19.86
CA GLY B 230 26.44 -12.26 18.85
C GLY B 230 25.15 -12.06 18.07
N VAL B 231 24.11 -11.59 18.76
CA VAL B 231 22.83 -11.44 18.10
C VAL B 231 22.92 -10.28 17.13
N VAL B 232 23.70 -9.27 17.49
CA VAL B 232 23.84 -8.09 16.65
C VAL B 232 24.66 -8.49 15.42
N VAL B 233 25.77 -9.17 15.63
CA VAL B 233 26.57 -9.62 14.52
C VAL B 233 25.77 -10.49 13.57
N ARG B 234 24.98 -11.41 14.10
CA ARG B 234 24.17 -12.27 13.28
C ARG B 234 23.21 -11.47 12.41
N GLN B 235 22.53 -10.49 12.95
CA GLN B 235 21.59 -9.75 12.15
C GLN B 235 22.32 -8.83 11.16
N VAL B 236 23.53 -8.41 11.53
CA VAL B 236 24.33 -7.64 10.61
C VAL B 236 24.69 -8.50 9.41
N ILE B 237 25.10 -9.74 9.63
CA ILE B 237 25.51 -10.57 8.50
C ILE B 237 24.32 -11.05 7.70
N TYR B 238 23.18 -11.32 8.32
CA TYR B 238 21.97 -11.55 7.57
C TYR B 238 21.64 -10.35 6.66
N THR B 239 21.94 -9.13 7.08
CA THR B 239 21.54 -7.96 6.31
C THR B 239 22.44 -7.87 5.09
N VAL B 240 23.71 -8.13 5.33
CA VAL B 240 24.64 -8.11 4.23
C VAL B 240 24.26 -9.20 3.24
N ALA B 241 24.00 -10.41 3.75
CA ALA B 241 23.64 -11.56 2.92
C ALA B 241 22.35 -11.30 2.16
N ASP B 242 21.34 -10.75 2.81
CA ASP B 242 20.07 -10.55 2.14
C ASP B 242 20.23 -9.57 1.01
N VAL B 243 20.86 -8.43 1.27
CA VAL B 243 20.96 -7.37 0.29
C VAL B 243 21.82 -7.87 -0.87
N SER B 244 22.92 -8.54 -0.57
CA SER B 244 23.79 -9.09 -1.59
C SER B 244 23.10 -10.15 -2.44
N SER B 245 22.53 -11.15 -1.79
CA SER B 245 22.09 -12.36 -2.45
C SER B 245 20.85 -12.06 -3.27
N LYR B 246 20.13 -10.99 -2.97
CA LYR B 246 18.87 -10.75 -3.64
C LYR B 246 18.91 -9.51 -4.51
O LYR B 246 18.60 -9.63 -5.70
CB LYR B 246 17.73 -10.62 -2.65
CG LYR B 246 17.50 -11.89 -1.82
CD LYR B 246 16.35 -11.73 -0.90
CE LYR B 246 16.72 -12.10 0.54
NZ LYR B 246 16.50 -13.52 0.80
C1 LYR B 246 17.54 -14.32 0.21
C2 LYR B 246 17.60 -15.69 0.85
C3 LYR B 246 18.61 -16.60 0.63
C4 LYR B 246 19.59 -16.51 -0.50
C5 LYR B 246 18.74 -17.72 1.51
C6 LYR B 246 19.66 -18.73 1.49
C7 LYR B 246 19.72 -19.70 2.43
C80 LYR B 246 20.66 -20.76 2.57
C8 LYR B 246 21.73 -20.91 1.48
C9 LYR B 246 20.54 -21.61 3.72
C10 LYR B 246 21.38 -22.63 4.00
C11 LYR B 246 21.45 -23.44 5.19
C12 LYR B 246 22.42 -24.37 5.26
C13 LYR B 246 23.29 -24.77 4.11
C14 LYR B 246 22.75 -25.11 6.54
C15 LYR B 246 22.13 -24.47 7.78
C16 LYR B 246 20.74 -24.19 7.50
C17 LYR B 246 20.53 -23.19 6.38
C18 LYR B 246 19.06 -23.28 5.97
C19 LYR B 246 20.75 -21.79 6.99
N LEU B 247 19.25 -8.34 -3.95
CA LEU B 247 19.21 -7.09 -4.69
C LEU B 247 20.48 -6.96 -5.52
N VAL B 248 21.65 -7.16 -4.95
CA VAL B 248 22.87 -6.92 -5.71
C VAL B 248 23.01 -7.99 -6.79
N PHE B 249 22.66 -9.21 -6.47
CA PHE B 249 22.61 -10.30 -7.44
C PHE B 249 21.62 -9.98 -8.58
N GLY B 250 20.47 -9.38 -8.26
CA GLY B 250 19.51 -8.98 -9.27
C GLY B 250 20.05 -7.97 -10.25
N VAL B 251 20.88 -7.05 -9.76
CA VAL B 251 21.44 -6.01 -10.60
C VAL B 251 22.53 -6.61 -11.46
N ILE B 252 23.36 -7.46 -10.90
CA ILE B 252 24.44 -8.04 -11.67
C ILE B 252 23.88 -8.94 -12.75
N LEU B 253 22.82 -9.66 -12.44
CA LEU B 253 22.23 -10.61 -13.37
C LEU B 253 21.54 -9.84 -14.46
N SER B 254 20.82 -8.77 -14.09
CA SER B 254 20.19 -7.88 -15.06
C SER B 254 21.22 -7.34 -16.05
N GLN B 255 22.44 -7.12 -15.63
CA GLN B 255 23.44 -6.58 -16.50
C GLN B 255 23.89 -7.62 -17.50
N VAL B 256 23.88 -8.88 -17.12
CA VAL B 256 24.24 -9.97 -18.01
C VAL B 256 23.06 -10.24 -18.94
N ALA B 257 21.86 -10.12 -18.41
CA ALA B 257 20.66 -10.30 -19.20
C ALA B 257 20.60 -9.26 -20.31
N LEU B 258 21.05 -8.03 -20.02
CA LEU B 258 21.04 -6.95 -20.97
C LEU B 258 22.13 -7.13 -22.01
N ARG B 259 23.24 -7.69 -21.62
CA ARG B 259 24.32 -7.90 -22.56
C ARG B 259 23.86 -8.94 -23.56
N ARG B 260 23.30 -10.03 -23.05
CA ARG B 260 22.82 -11.09 -23.91
C ARG B 260 21.71 -10.51 -24.80
N SER B 261 20.80 -9.73 -24.21
CA SER B 261 19.74 -9.12 -24.98
C SER B 261 20.32 -8.37 -26.16
N ALA B 262 21.29 -7.50 -25.86
CA ALA B 262 21.88 -6.61 -26.83
C ALA B 262 22.72 -7.38 -27.84
N GLU B 263 23.43 -8.41 -27.43
CA GLU B 263 24.16 -9.23 -28.37
C GLU B 263 23.23 -10.03 -29.28
N GLU B 264 21.94 -10.07 -28.97
CA GLU B 264 20.99 -10.79 -29.79
C GLU B 264 20.07 -9.81 -30.53
N GLY B 265 20.36 -8.50 -30.40
CA GLY B 265 19.73 -7.50 -31.24
C GLY B 265 18.51 -6.81 -30.64
N PHE B 266 18.20 -7.04 -29.36
CA PHE B 266 17.10 -6.31 -28.76
C PHE B 266 17.47 -4.83 -28.71
N GLU B 267 16.65 -3.96 -29.33
CA GLU B 267 17.06 -2.58 -29.49
C GLU B 267 17.00 -1.85 -28.15
N PRO B 268 15.93 -2.01 -27.34
CA PRO B 268 15.89 -1.37 -26.03
C PRO B 268 17.13 -1.68 -25.20
N ALA B 269 17.69 -2.90 -25.35
CA ALA B 269 18.87 -3.30 -24.62
C ALA B 269 20.12 -2.67 -25.21
N ARG B 270 20.10 -2.39 -26.52
CA ARG B 270 21.25 -1.79 -27.19
C ARG B 270 21.29 -0.28 -26.96
N VAL B 271 20.13 0.40 -27.02
CA VAL B 271 20.09 1.85 -26.82
C VAL B 271 20.36 2.18 -25.35
N ALA B 272 20.43 1.14 -24.50
CA ALA B 272 20.77 1.28 -23.10
C ALA B 272 21.88 0.27 -22.74
N FME C 1 23.79 4.85 23.42
CN FME C 1 24.02 3.53 23.34
O1 FME C 1 23.57 2.66 24.11
CA FME C 1 22.94 5.45 24.42
CB FME C 1 23.59 6.58 25.22
CG FME C 1 24.95 6.24 25.75
SD FME C 1 26.06 7.73 25.93
CE FME C 1 27.29 6.96 26.95
C FME C 1 21.64 5.98 23.79
O FME C 1 21.66 6.24 22.57
N PRO C 2 20.54 6.36 24.39
CA PRO C 2 19.32 6.83 23.70
C PRO C 2 19.61 8.24 23.18
N SER C 3 18.91 8.64 22.12
CA SER C 3 19.11 9.99 21.61
C SER C 3 18.69 11.04 22.63
N ILE C 4 19.17 12.25 22.46
CA ILE C 4 18.93 13.33 23.41
C ILE C 4 17.44 13.71 23.56
N GLU C 5 16.61 13.38 22.56
CA GLU C 5 15.19 13.63 22.60
C GLU C 5 14.52 12.93 23.78
N ASN C 6 15.11 11.84 24.23
CA ASN C 6 14.54 10.99 25.26
C ASN C 6 14.73 11.62 26.63
N PHE C 7 15.51 12.68 26.71
CA PHE C 7 15.86 13.20 28.01
C PHE C 7 15.22 14.57 28.21
N LEU C 8 14.17 14.86 27.43
CA LEU C 8 13.52 16.17 27.44
C LEU C 8 12.00 15.99 27.50
N ALA C 9 11.30 17.03 27.98
CA ALA C 9 9.85 17.08 27.86
C ALA C 9 9.47 18.15 26.85
N TYR C 10 8.31 18.02 26.22
CA TYR C 10 7.97 18.94 25.16
C TYR C 10 6.67 19.68 25.48
N ASP C 11 6.60 20.95 25.11
CA ASP C 11 5.35 21.66 25.07
C ASP C 11 4.47 21.18 23.94
N PHE C 12 3.17 21.38 24.01
CA PHE C 12 2.33 20.84 22.97
C PHE C 12 3.00 21.12 21.61
N TRP C 13 3.40 22.36 21.36
CA TRP C 13 3.75 22.74 20.00
C TRP C 13 5.10 22.14 19.60
N GLN C 14 5.99 21.96 20.58
CA GLN C 14 7.27 21.34 20.30
C GLN C 14 7.06 19.93 19.78
N TYR C 15 6.27 19.14 20.48
CA TYR C 15 6.06 17.77 20.05
C TYR C 15 5.28 17.78 18.75
N ASP C 16 4.36 18.73 18.64
CA ASP C 16 3.39 18.77 17.54
C ASP C 16 4.09 19.14 16.23
N VAL C 17 4.96 20.15 16.28
CA VAL C 17 5.79 20.45 15.12
C VAL C 17 6.58 19.24 14.65
N ILE C 18 7.28 18.52 15.54
CA ILE C 18 8.04 17.36 15.11
C ILE C 18 7.17 16.27 14.49
N ARG C 19 5.95 16.03 14.95
CA ARG C 19 5.20 14.95 14.33
C ARG C 19 4.67 15.41 12.98
N HIS C 20 4.47 16.72 12.85
CA HIS C 20 4.04 17.32 11.62
C HIS C 20 5.14 17.24 10.58
N LEU C 21 6.37 17.54 11.02
CA LEU C 21 7.51 17.45 10.14
C LEU C 21 7.73 16.03 9.66
N PHE C 22 7.59 15.04 10.51
CA PHE C 22 7.86 13.69 10.09
C PHE C 22 6.80 13.26 9.11
N ALA C 23 5.59 13.73 9.32
CA ALA C 23 4.48 13.31 8.48
C ALA C 23 4.55 14.03 7.12
N PHE C 24 4.94 15.30 7.13
CA PHE C 24 5.08 16.07 5.93
C PHE C 24 6.11 15.38 5.02
N SER C 25 7.27 15.09 5.58
CA SER C 25 8.38 14.50 4.87
C SER C 25 7.97 13.18 4.24
N THR C 26 7.22 12.37 4.95
CA THR C 26 6.77 11.11 4.39
C THR C 26 5.94 11.40 3.15
N ALA C 27 5.07 12.40 3.22
CA ALA C 27 4.17 12.71 2.13
C ALA C 27 4.93 13.26 0.93
N VAL C 28 5.92 14.08 1.19
CA VAL C 28 6.75 14.63 0.14
C VAL C 28 7.43 13.50 -0.61
N PHE C 29 7.95 12.51 0.09
CA PHE C 29 8.71 11.48 -0.58
C PHE C 29 7.77 10.52 -1.28
N LEU C 30 6.55 10.36 -0.79
CA LEU C 30 5.61 9.49 -1.47
C LEU C 30 5.08 10.17 -2.72
N ALA C 31 4.91 11.47 -2.64
CA ALA C 31 4.48 12.25 -3.79
C ALA C 31 5.60 12.29 -4.82
N GLY C 32 6.83 12.55 -4.34
CA GLY C 32 8.03 12.48 -5.16
C GLY C 32 8.12 11.16 -5.91
N LEU C 33 7.76 10.06 -5.28
CA LEU C 33 7.82 8.77 -5.91
C LEU C 33 6.82 8.70 -7.06
N VAL C 34 5.57 9.10 -6.81
CA VAL C 34 4.57 9.07 -7.86
C VAL C 34 5.07 9.91 -9.02
N TYR C 35 5.70 11.02 -8.72
CA TYR C 35 6.12 11.95 -9.72
C TYR C 35 7.25 11.42 -10.59
N PHE C 36 8.28 10.88 -9.96
CA PHE C 36 9.44 10.37 -10.66
C PHE C 36 9.04 9.13 -11.46
N ALA C 37 8.13 8.33 -10.92
CA ALA C 37 7.64 7.17 -11.63
C ALA C 37 6.89 7.59 -12.87
N MET C 38 6.13 8.68 -12.79
CA MET C 38 5.34 9.12 -13.90
C MET C 38 6.15 9.93 -14.90
N THR C 39 7.41 10.22 -14.65
CA THR C 39 8.12 11.14 -15.51
C THR C 39 9.41 10.52 -16.04
N ALA C 40 9.70 9.28 -15.67
CA ALA C 40 10.99 8.71 -15.95
C ALA C 40 11.25 8.48 -17.45
N ARG C 41 10.22 8.08 -18.19
CA ARG C 41 10.36 7.72 -19.59
C ARG C 41 10.62 8.92 -20.49
N THR C 42 10.58 10.14 -19.94
CA THR C 42 10.74 11.34 -20.73
C THR C 42 12.22 11.61 -20.92
N THR C 43 13.02 10.87 -20.17
CA THR C 43 14.46 11.00 -20.23
C THR C 43 15.00 10.00 -21.24
N ALA C 44 16.00 10.38 -22.02
CA ALA C 44 16.61 9.46 -22.95
C ALA C 44 17.15 8.24 -22.21
N PRO C 45 17.13 7.04 -22.82
CA PRO C 45 17.64 5.83 -22.16
C PRO C 45 19.06 5.87 -21.61
N ASN C 46 19.90 6.75 -22.13
CA ASN C 46 21.26 6.86 -21.61
C ASN C 46 21.29 7.64 -20.29
N TYR C 47 20.20 8.31 -19.91
CA TYR C 47 20.17 9.06 -18.66
C TYR C 47 19.08 8.53 -17.75
N ARG C 48 18.38 7.48 -18.15
CA ARG C 48 17.18 7.10 -17.46
C ARG C 48 17.54 6.40 -16.14
N LEU C 49 18.79 6.00 -15.99
CA LEU C 49 19.21 5.38 -14.75
C LEU C 49 19.05 6.40 -13.62
N SER C 50 19.30 7.66 -13.92
CA SER C 50 19.19 8.75 -12.97
C SER C 50 17.75 8.94 -12.52
N ALA C 51 16.85 8.93 -13.49
CA ALA C 51 15.41 8.98 -13.26
C ALA C 51 14.97 7.84 -12.35
N ASN C 52 15.52 6.66 -12.60
CA ASN C 52 15.16 5.48 -11.85
C ASN C 52 15.68 5.57 -10.43
N ILE C 53 16.89 6.11 -10.27
CA ILE C 53 17.47 6.25 -8.95
C ILE C 53 16.62 7.19 -8.11
N SER C 54 16.10 8.25 -8.72
CA SER C 54 15.27 9.18 -7.99
C SER C 54 14.08 8.44 -7.39
N ALA C 55 13.50 7.53 -8.13
CA ALA C 55 12.36 6.80 -7.59
C ALA C 55 12.79 5.91 -6.44
N VAL C 56 13.98 5.32 -6.52
CA VAL C 56 14.53 4.46 -5.49
C VAL C 56 14.78 5.28 -4.24
N VAL C 57 15.35 6.45 -4.39
CA VAL C 57 15.63 7.31 -3.26
C VAL C 57 14.33 7.74 -2.58
N MET C 58 13.27 7.95 -3.34
CA MET C 58 12.03 8.41 -2.76
C MET C 58 11.43 7.32 -1.89
N VAL C 59 11.59 6.06 -2.28
CA VAL C 59 11.01 4.98 -1.52
C VAL C 59 11.77 4.87 -0.21
N SER C 60 13.08 4.87 -0.30
CA SER C 60 13.92 4.81 0.88
C SER C 60 13.54 5.89 1.88
N ALA C 61 13.45 7.13 1.42
CA ALA C 61 13.26 8.27 2.28
C ALA C 61 11.86 8.26 2.85
N ALA C 62 10.88 7.82 2.07
CA ALA C 62 9.53 7.74 2.59
C ALA C 62 9.48 6.80 3.78
N LEU C 63 10.19 5.69 3.70
CA LEU C 63 10.19 4.72 4.79
C LEU C 63 11.03 5.18 5.96
N GLU C 64 12.15 5.82 5.69
CA GLU C 64 12.96 6.47 6.69
C GLU C 64 12.12 7.41 7.59
N LEU C 65 11.31 8.24 6.96
CA LEU C 65 10.61 9.28 7.68
C LEU C 65 9.35 8.71 8.29
N GLY C 66 8.76 7.70 7.67
CA GLY C 66 7.60 7.04 8.24
C GLY C 66 7.93 6.33 9.56
N GLN C 67 9.10 5.69 9.62
N GLN C 67 9.10 5.69 9.62
CA GLN C 67 9.54 5.01 10.82
CA GLN C 67 9.53 4.99 10.81
C GLN C 67 9.73 5.99 11.96
C GLN C 67 9.72 5.99 11.96
N LEU C 68 10.34 7.12 11.67
CA LEU C 68 10.57 8.17 12.63
C LEU C 68 9.25 8.73 13.13
N TRP C 69 8.30 8.90 12.21
CA TRP C 69 7.00 9.41 12.54
C TRP C 69 6.31 8.47 13.54
N LEU C 70 6.32 7.18 13.21
CA LEU C 70 5.82 6.17 14.10
C LEU C 70 6.49 6.16 15.47
N LEU C 71 7.79 6.18 15.51
CA LEU C 71 8.48 6.01 16.76
C LEU C 71 8.31 7.26 17.62
N TRP C 72 8.24 8.43 17.00
CA TRP C 72 7.99 9.67 17.71
C TRP C 72 6.63 9.62 18.39
N ASN C 73 5.65 9.05 17.70
CA ASN C 73 4.33 8.96 18.24
C ASN C 73 4.31 7.98 19.39
N GLU C 74 5.16 6.98 19.36
CA GLU C 74 5.09 5.87 20.28
C GLU C 74 5.85 6.17 21.54
N SER C 75 6.78 7.08 21.45
CA SER C 75 7.80 7.21 22.46
C SER C 75 7.43 8.24 23.52
N PHE C 76 6.43 9.06 23.27
CA PHE C 76 6.11 10.16 24.18
C PHE C 76 4.60 10.16 24.30
N GLN C 77 4.09 10.62 25.44
CA GLN C 77 2.66 10.68 25.61
C GLN C 77 2.35 11.96 26.34
N TRP C 78 1.12 12.44 26.21
CA TRP C 78 0.72 13.66 26.87
C TRP C 78 0.63 13.42 28.37
N ALA C 79 1.01 14.42 29.15
CA ALA C 79 0.83 14.39 30.59
C ALA C 79 0.17 15.69 31.01
N GLU C 80 -1.15 15.67 31.24
CA GLU C 80 -1.92 16.87 31.53
C GLU C 80 -1.41 17.59 32.77
N LEU C 81 -0.98 16.87 33.80
CA LEU C 81 -0.50 17.53 35.01
C LEU C 81 0.72 18.40 34.71
N GLN C 82 1.62 17.92 33.83
CA GLN C 82 2.81 18.65 33.46
C GLN C 82 2.54 19.54 32.24
N GLY C 83 1.47 19.23 31.52
CA GLY C 83 1.15 19.93 30.29
C GLY C 83 2.26 19.77 29.26
N SER C 84 2.75 18.53 29.14
CA SER C 84 3.93 18.23 28.34
C SER C 84 3.77 16.88 27.71
N PHE C 85 4.43 16.66 26.57
CA PHE C 85 4.63 15.31 26.10
C PHE C 85 5.89 14.83 26.79
N VAL C 86 5.84 13.62 27.33
CA VAL C 86 6.91 13.10 28.16
C VAL C 86 7.19 11.70 27.66
N PRO C 87 8.39 11.17 27.91
CA PRO C 87 8.73 9.81 27.49
C PRO C 87 7.79 8.79 28.07
N VAL C 88 7.44 7.76 27.31
CA VAL C 88 6.75 6.59 27.83
C VAL C 88 7.75 5.60 28.42
N ALA C 89 7.25 4.62 29.18
CA ALA C 89 8.11 3.74 29.96
C ALA C 89 8.90 2.76 29.10
N GLY C 90 8.26 2.11 28.13
CA GLY C 90 8.92 0.99 27.49
C GLY C 90 9.36 1.27 26.06
N GLU C 91 9.36 2.54 25.67
CA GLU C 91 9.80 2.87 24.32
C GLU C 91 10.86 3.94 24.46
N ARG C 92 11.87 3.95 23.59
CA ARG C 92 12.87 5.01 23.53
C ARG C 92 13.06 5.46 22.09
N PHE C 93 13.12 6.76 21.81
CA PHE C 93 13.20 7.25 20.44
C PHE C 93 14.65 7.21 19.97
N SER C 94 14.83 7.06 18.66
CA SER C 94 16.16 7.04 18.07
C SER C 94 16.14 7.86 16.80
N ASN C 95 17.09 8.76 16.65
CA ASN C 95 17.25 9.48 15.41
C ASN C 95 18.03 8.62 14.40
N GLY C 96 18.68 7.54 14.89
CA GLY C 96 19.49 6.64 14.10
C GLY C 96 18.71 5.84 13.06
N TYR C 97 17.39 5.89 13.08
CA TYR C 97 16.69 5.27 11.96
C TYR C 97 17.00 5.96 10.64
N ARG C 98 17.38 7.25 10.67
CA ARG C 98 17.63 7.96 9.43
C ARG C 98 18.98 7.51 8.86
N TYR C 99 19.96 7.33 9.72
CA TYR C 99 21.30 6.98 9.29
C TYR C 99 21.31 5.75 8.39
N MET C 100 20.59 4.71 8.76
CA MET C 100 20.73 3.42 8.09
C MET C 100 20.19 3.54 6.68
N ASN C 101 19.11 4.32 6.48
CA ASN C 101 18.56 4.53 5.14
C ASN C 101 19.48 5.37 4.26
N TRP C 102 20.32 6.20 4.86
CA TRP C 102 21.31 6.96 4.12
C TRP C 102 22.26 6.03 3.38
N LEU C 103 22.45 4.79 3.86
CA LEU C 103 23.30 3.87 3.13
C LEU C 103 22.72 3.63 1.74
N ILE C 104 21.42 3.85 1.56
CA ILE C 104 20.84 3.80 0.22
C ILE C 104 20.96 5.18 -0.44
N ASP C 105 20.43 6.19 0.24
CA ASP C 105 20.29 7.52 -0.30
C ASP C 105 21.64 8.08 -0.74
N VAL C 106 22.66 8.05 0.11
CA VAL C 106 23.81 8.90 -0.13
C VAL C 106 24.50 8.45 -1.41
N PRO C 107 24.84 7.15 -1.53
CA PRO C 107 25.56 6.67 -2.71
C PRO C 107 24.71 6.76 -3.97
N MET C 108 23.40 6.57 -3.85
CA MET C 108 22.48 6.68 -4.96
C MET C 108 22.37 8.11 -5.47
N LEU C 109 22.25 9.10 -4.60
CA LEU C 109 22.21 10.49 -5.00
C LEU C 109 23.50 10.91 -5.66
N ALA C 110 24.63 10.41 -5.20
CA ALA C 110 25.89 10.80 -5.80
C ALA C 110 26.06 10.08 -7.13
N THR C 111 25.48 8.89 -7.26
CA THR C 111 25.62 8.13 -8.48
C THR C 111 24.82 8.77 -9.60
N GLN C 112 23.59 9.21 -9.29
CA GLN C 112 22.77 9.79 -10.34
C GLN C 112 23.38 11.11 -10.87
N LEU C 113 24.18 11.80 -10.08
CA LEU C 113 24.90 12.94 -10.60
C LEU C 113 25.99 12.52 -11.60
N VAL C 114 26.67 11.43 -11.31
CA VAL C 114 27.70 10.87 -12.18
C VAL C 114 27.07 10.31 -13.47
N VAL C 115 25.88 9.70 -13.36
CA VAL C 115 25.15 9.29 -14.54
C VAL C 115 24.83 10.47 -15.45
N VAL C 116 24.37 11.60 -14.92
CA VAL C 116 24.00 12.73 -15.74
C VAL C 116 25.25 13.44 -16.24
N CYS C 117 26.38 13.23 -15.60
CA CYS C 117 27.61 13.82 -16.09
C CYS C 117 28.09 13.06 -17.33
N GLY C 118 27.55 11.84 -17.52
CA GLY C 118 27.81 11.10 -18.73
C GLY C 118 28.72 9.89 -18.58
N PHE C 119 29.15 9.57 -17.37
CA PHE C 119 30.01 8.41 -17.18
C PHE C 119 29.17 7.15 -17.44
N VAL C 120 29.79 6.19 -18.13
CA VAL C 120 29.10 4.94 -18.40
C VAL C 120 30.07 3.79 -18.20
N GLY C 121 29.52 2.58 -18.04
CA GLY C 121 30.38 1.42 -18.07
C GLY C 121 31.28 1.35 -16.85
N THR C 122 32.55 1.04 -17.06
CA THR C 122 33.43 0.81 -15.93
C THR C 122 33.67 2.13 -15.22
N GLU C 123 33.75 3.22 -15.99
CA GLU C 123 33.97 4.51 -15.41
C GLU C 123 32.78 4.89 -14.51
N LEU C 124 31.58 4.46 -14.87
CA LEU C 124 30.48 4.66 -13.96
C LEU C 124 30.65 3.75 -12.76
N ARG C 125 31.00 2.49 -13.00
CA ARG C 125 31.10 1.52 -11.93
C ARG C 125 32.22 1.91 -10.98
N ASN C 126 33.30 2.40 -11.52
CA ASN C 126 34.42 2.78 -10.71
C ASN C 126 34.03 3.88 -9.73
N ARG C 127 33.32 4.87 -10.24
CA ARG C 127 32.91 5.99 -9.43
C ARG C 127 31.86 5.52 -8.43
N TRP C 128 30.97 4.65 -8.85
CA TRP C 128 29.93 4.19 -7.97
C TRP C 128 30.52 3.44 -6.77
N ALA C 129 31.56 2.67 -7.05
CA ALA C 129 32.24 1.90 -6.03
C ALA C 129 32.95 2.83 -5.06
N LYS C 130 33.70 3.82 -5.57
CA LYS C 130 34.38 4.74 -4.68
C LYS C 130 33.38 5.51 -3.82
N LEU C 131 32.30 5.96 -4.43
CA LEU C 131 31.29 6.72 -3.75
C LEU C 131 30.59 5.89 -2.71
N THR C 132 30.37 4.61 -2.98
CA THR C 132 29.66 3.73 -2.05
C THR C 132 30.58 3.39 -0.89
N ILE C 133 31.85 3.22 -1.13
CA ILE C 133 32.76 2.98 -0.03
C ILE C 133 32.84 4.22 0.82
N ALA C 134 33.13 5.37 0.21
CA ALA C 134 33.25 6.63 0.95
C ALA C 134 31.93 6.94 1.67
N GLY C 135 30.80 6.65 1.05
CA GLY C 135 29.52 7.00 1.65
C GLY C 135 29.15 6.08 2.78
N VAL C 136 29.39 4.79 2.61
CA VAL C 136 29.11 3.83 3.66
C VAL C 136 30.00 4.10 4.87
N LEU C 137 31.25 4.46 4.67
CA LEU C 137 32.15 4.67 5.80
C LEU C 137 31.81 5.97 6.51
N MET C 138 31.30 6.94 5.76
CA MET C 138 30.91 8.20 6.37
C MET C 138 29.69 7.94 7.23
N ILE C 139 28.73 7.18 6.73
CA ILE C 139 27.50 6.96 7.46
C ILE C 139 27.73 6.06 8.66
N LEU C 140 28.56 5.03 8.55
CA LEU C 140 28.74 4.14 9.67
C LEU C 140 29.60 4.78 10.75
N THR C 141 30.55 5.62 10.40
CA THR C 141 31.27 6.32 11.46
C THR C 141 30.43 7.40 12.16
N GLY C 142 29.43 7.95 11.49
CA GLY C 142 28.58 8.93 12.12
C GLY C 142 27.49 8.26 12.93
N TYR C 143 27.08 7.07 12.53
CA TYR C 143 26.10 6.30 13.29
C TYR C 143 26.70 5.92 14.63
N VAL C 144 27.99 5.62 14.65
CA VAL C 144 28.59 5.22 15.89
C VAL C 144 28.59 6.42 16.78
N GLY C 145 28.99 7.57 16.25
CA GLY C 145 29.13 8.78 17.04
C GLY C 145 27.81 9.25 17.63
N GLN C 146 26.72 9.08 16.90
CA GLN C 146 25.45 9.60 17.37
C GLN C 146 24.90 8.74 18.49
N TYR C 147 25.54 7.60 18.80
CA TYR C 147 25.17 6.80 19.96
C TYR C 147 25.79 7.41 21.22
N PHE C 148 26.48 8.54 21.14
CA PHE C 148 27.13 9.11 22.31
C PHE C 148 26.62 10.51 22.63
N GLU C 149 25.39 10.82 22.24
CA GLU C 149 24.98 12.22 22.33
C GLU C 149 24.39 12.61 23.69
N PRO C 150 23.87 11.74 24.56
CA PRO C 150 23.59 12.13 25.95
C PRO C 150 24.88 12.48 26.68
N ALA C 151 25.99 11.89 26.24
CA ALA C 151 27.28 12.10 26.88
C ALA C 151 27.83 13.45 26.49
N VAL C 152 27.66 13.83 25.23
CA VAL C 152 28.22 15.09 24.76
C VAL C 152 27.33 16.22 25.24
N ALA C 153 26.03 15.93 25.43
CA ALA C 153 25.03 16.86 25.91
C ALA C 153 25.15 17.09 27.42
N GLY C 154 25.98 16.28 28.09
CA GLY C 154 26.17 16.41 29.52
C GLY C 154 25.03 15.89 30.38
N VAL C 155 24.12 15.08 29.82
CA VAL C 155 23.11 14.38 30.61
C VAL C 155 23.84 13.56 31.66
N PRO C 156 23.54 13.71 32.97
CA PRO C 156 24.30 13.05 34.02
C PRO C 156 24.26 11.53 33.93
N GLY C 157 25.44 10.92 34.08
CA GLY C 157 25.58 9.48 34.11
C GLY C 157 25.80 8.86 32.73
N TYR C 158 26.26 9.67 31.79
CA TYR C 158 26.57 9.20 30.46
C TYR C 158 27.99 9.66 30.14
N GLU C 159 28.85 8.74 29.70
CA GLU C 159 30.24 9.07 29.45
C GLU C 159 30.62 8.73 28.01
N GLY C 160 31.69 9.34 27.51
CA GLY C 160 32.19 9.03 26.18
C GLY C 160 31.89 10.16 25.21
N ALA C 161 31.96 11.39 25.72
CA ALA C 161 31.73 12.54 24.91
C ALA C 161 32.78 12.60 23.82
N GLU C 162 34.00 12.14 24.12
CA GLU C 162 35.07 12.18 23.14
C GLU C 162 34.76 11.26 21.96
N GLN C 163 33.99 10.20 22.17
CA GLN C 163 33.67 9.30 21.10
C GLN C 163 32.84 10.04 20.07
N PHE C 164 32.01 10.98 20.52
CA PHE C 164 31.18 11.76 19.61
C PHE C 164 32.02 12.60 18.66
N TRP C 165 33.11 13.15 19.18
CA TRP C 165 34.02 13.98 18.41
C TRP C 165 34.82 13.13 17.45
N ILE C 166 35.42 12.06 17.96
CA ILE C 166 36.28 11.23 17.15
C ILE C 166 35.50 10.70 15.95
N TRP C 167 34.33 10.13 16.18
CA TRP C 167 33.61 9.47 15.12
C TRP C 167 33.03 10.46 14.14
N GLY C 168 32.70 11.66 14.60
CA GLY C 168 32.18 12.69 13.72
C GLY C 168 33.27 13.26 12.83
N ILE C 169 34.48 13.38 13.34
CA ILE C 169 35.58 13.91 12.55
C ILE C 169 36.02 12.89 11.49
N ILE C 170 36.12 11.61 11.85
CA ILE C 170 36.35 10.60 10.85
C ILE C 170 35.26 10.63 9.79
N SER C 171 34.00 10.80 10.19
CA SER C 171 32.94 10.81 9.23
C SER C 171 33.11 11.99 8.28
N THR C 172 33.61 13.10 8.78
CA THR C 172 33.80 14.29 7.98
C THR C 172 34.89 14.06 6.92
N ALA C 173 35.88 13.24 7.21
CA ALA C 173 36.91 12.98 6.23
C ALA C 173 36.37 12.21 5.04
N PHE C 174 35.53 11.20 5.30
CA PHE C 174 34.96 10.45 4.21
C PHE C 174 34.00 11.33 3.42
N PHE C 175 33.44 12.36 4.05
CA PHE C 175 32.56 13.31 3.38
C PHE C 175 33.35 14.14 2.39
N VAL C 176 34.49 14.65 2.80
CA VAL C 176 35.36 15.39 1.92
C VAL C 176 35.81 14.52 0.74
N TRP C 177 36.12 13.25 1.00
CA TRP C 177 36.49 12.36 -0.06
C TRP C 177 35.32 12.21 -1.07
N MET C 178 34.12 11.94 -0.62
CA MET C 178 33.01 11.87 -1.56
C MET C 178 32.93 13.15 -2.40
N LEU C 179 33.10 14.31 -1.78
CA LEU C 179 32.90 15.55 -2.49
C LEU C 179 33.99 15.72 -3.54
N LEU C 180 35.18 15.23 -3.25
CA LEU C 180 36.26 15.33 -4.23
C LEU C 180 35.99 14.42 -5.42
N ILE C 181 35.38 13.26 -5.19
CA ILE C 181 35.07 12.34 -6.26
C ILE C 181 34.05 13.02 -7.17
N LEU C 182 33.01 13.58 -6.58
CA LEU C 182 31.96 14.21 -7.34
C LEU C 182 32.44 15.50 -8.00
N ALA C 183 33.36 16.20 -7.37
CA ALA C 183 33.82 17.45 -7.95
C ALA C 183 34.61 17.14 -9.21
N ASN C 184 35.25 15.97 -9.25
CA ASN C 184 36.06 15.60 -10.39
C ASN C 184 35.15 15.13 -11.53
N ALA C 185 33.97 14.60 -11.18
CA ALA C 185 33.00 14.15 -12.18
C ALA C 185 32.36 15.33 -12.85
N VAL C 186 31.99 16.38 -12.10
CA VAL C 186 31.21 17.46 -12.69
C VAL C 186 32.14 18.39 -13.44
N ARG C 187 33.43 18.33 -13.10
CA ARG C 187 34.39 19.18 -13.79
C ARG C 187 34.84 18.51 -15.08
N ASN C 188 34.56 17.22 -15.22
CA ASN C 188 34.95 16.46 -16.39
C ASN C 188 33.76 15.71 -16.91
N PRO C 189 32.69 16.41 -17.32
CA PRO C 189 31.52 15.75 -17.88
C PRO C 189 31.89 15.09 -19.20
N GLN C 190 31.10 14.10 -19.59
CA GLN C 190 31.39 13.26 -20.74
C GLN C 190 30.29 13.50 -21.76
N GLY C 191 30.58 13.24 -23.04
CA GLY C 191 29.56 13.30 -24.07
C GLY C 191 29.42 14.71 -24.66
N ALA C 192 30.48 15.50 -24.55
CA ALA C 192 30.51 16.82 -25.16
C ALA C 192 29.28 17.63 -24.78
N PRO C 193 29.11 17.98 -23.48
CA PRO C 193 27.96 18.78 -23.07
C PRO C 193 28.05 20.23 -23.55
N SER C 194 26.88 20.85 -23.73
CA SER C 194 26.76 22.31 -23.90
C SER C 194 27.31 23.04 -22.69
N ASP C 195 27.57 24.34 -22.86
CA ASP C 195 28.01 25.18 -21.76
C ASP C 195 26.86 25.39 -20.78
N GLU C 196 25.63 25.25 -21.25
CA GLU C 196 24.50 25.35 -20.36
C GLU C 196 24.45 24.10 -19.51
N VAL C 197 24.71 22.96 -20.13
CA VAL C 197 24.72 21.71 -19.40
C VAL C 197 25.88 21.72 -18.42
N ARG C 198 27.01 22.26 -18.85
CA ARG C 198 28.18 22.29 -17.99
C ARG C 198 27.90 23.10 -16.73
N SER C 199 27.28 24.25 -16.89
CA SER C 199 26.98 25.12 -15.78
C SER C 199 25.99 24.48 -14.82
N ARG C 200 25.05 23.74 -15.38
CA ARG C 200 23.98 23.21 -14.58
C ARG C 200 24.49 22.02 -13.79
N LEU C 201 25.51 21.36 -14.33
CA LEU C 201 26.12 20.24 -13.62
C LEU C 201 26.88 20.81 -12.43
N LYS C 202 27.59 21.89 -12.66
CA LYS C 202 28.32 22.54 -11.59
C LYS C 202 27.37 23.03 -10.51
N PHE C 203 26.19 23.50 -10.90
CA PHE C 203 25.21 23.98 -9.94
C PHE C 203 24.68 22.82 -9.10
N CYS C 204 24.43 21.69 -9.73
CA CYS C 204 23.98 20.51 -9.03
C CYS C 204 25.00 20.06 -7.98
N PHE C 205 26.29 20.24 -8.27
CA PHE C 205 27.32 19.87 -7.33
C PHE C 205 27.21 20.72 -6.07
N TRP C 206 27.25 22.04 -6.22
CA TRP C 206 27.11 22.97 -5.12
C TRP C 206 25.77 22.86 -4.40
N PHE C 207 24.70 22.52 -5.10
CA PHE C 207 23.45 22.30 -4.41
C PHE C 207 23.59 21.12 -3.46
N LEU C 208 24.18 20.01 -3.95
CA LEU C 208 24.46 18.79 -3.19
C LEU C 208 25.33 19.17 -2.00
N LEU C 209 26.41 19.87 -2.24
CA LEU C 209 27.35 20.19 -1.18
C LEU C 209 26.68 21.01 -0.08
N ALA C 210 25.92 22.02 -0.46
CA ALA C 210 25.22 22.86 0.49
C ALA C 210 24.18 22.07 1.30
N THR C 211 23.37 21.30 0.63
CA THR C 211 22.32 20.62 1.34
C THR C 211 22.88 19.51 2.21
N TRP C 212 23.95 18.84 1.76
CA TRP C 212 24.56 17.75 2.50
C TRP C 212 25.33 18.27 3.72
N SER C 213 25.72 19.53 3.69
CA SER C 213 26.44 20.15 4.78
C SER C 213 25.56 20.40 6.00
N ILE C 214 24.26 20.32 5.81
CA ILE C 214 23.33 20.58 6.90
C ILE C 214 23.40 19.42 7.87
N TYR C 215 23.63 18.21 7.36
CA TYR C 215 23.55 16.99 8.17
C TYR C 215 24.59 17.03 9.29
N PRO C 216 25.87 17.32 9.00
CA PRO C 216 26.84 17.47 10.07
C PRO C 216 26.46 18.46 11.16
N PHE C 217 25.67 19.48 10.81
N PHE C 217 25.67 19.48 10.81
CA PHE C 217 25.22 20.45 11.78
CA PHE C 217 25.22 20.45 11.78
C PHE C 217 24.12 19.85 12.66
C PHE C 217 24.12 19.86 12.65
N ALA C 218 23.22 19.09 12.06
CA ALA C 218 22.18 18.43 12.83
C ALA C 218 22.80 17.44 13.82
N TYR C 219 23.89 16.80 13.40
CA TYR C 219 24.65 15.88 14.22
C TYR C 219 25.20 16.59 15.44
N ALA C 220 25.71 17.80 15.25
CA ALA C 220 26.36 18.52 16.34
C ALA C 220 25.38 19.27 17.25
N MET C 221 24.08 19.28 16.96
CA MET C 221 23.12 20.05 17.75
C MET C 221 23.14 19.66 19.24
N PRO C 222 23.17 18.36 19.63
CA PRO C 222 23.25 17.99 21.04
C PRO C 222 24.32 18.73 21.81
N LEU C 223 25.32 19.21 21.09
CA LEU C 223 26.46 19.85 21.72
C LEU C 223 26.14 21.33 21.90
N PHE C 224 25.36 21.91 20.98
CA PHE C 224 25.06 23.34 21.04
C PHE C 224 23.81 23.61 21.86
N ALA C 225 22.72 22.91 21.56
CA ALA C 225 21.45 23.12 22.18
C ALA C 225 20.81 21.79 22.59
N PRO C 226 21.23 21.16 23.70
CA PRO C 226 20.58 19.95 24.19
C PRO C 226 19.28 20.26 24.96
N THR C 227 18.30 20.83 24.25
CA THR C 227 17.08 21.34 24.83
C THR C 227 15.93 21.06 23.87
N ALA C 228 14.68 21.29 24.29
CA ALA C 228 13.57 20.88 23.44
C ALA C 228 13.41 21.83 22.25
N ASP C 229 13.89 23.07 22.42
CA ASP C 229 13.94 24.01 21.31
C ASP C 229 15.03 23.60 20.33
N GLY C 230 16.18 23.14 20.85
CA GLY C 230 17.21 22.54 20.02
C GLY C 230 16.71 21.32 19.25
N VAL C 231 15.85 20.52 19.87
CA VAL C 231 15.40 19.32 19.22
C VAL C 231 14.46 19.70 18.08
N VAL C 232 13.73 20.78 18.26
CA VAL C 232 12.79 21.22 17.24
C VAL C 232 13.59 21.78 16.08
N VAL C 233 14.56 22.64 16.37
CA VAL C 233 15.40 23.19 15.34
C VAL C 233 16.09 22.09 14.54
N ARG C 234 16.63 21.09 15.23
CA ARG C 234 17.29 19.99 14.57
C ARG C 234 16.36 19.28 13.59
N GLN C 235 15.15 18.97 13.99
CA GLN C 235 14.26 18.27 13.10
C GLN C 235 13.78 19.18 11.97
N VAL C 236 13.72 20.48 12.24
CA VAL C 236 13.39 21.42 11.20
C VAL C 236 14.49 21.40 10.14
N ILE C 237 15.76 21.42 10.55
CA ILE C 237 16.82 21.48 9.56
C ILE C 237 17.01 20.14 8.87
N TYR C 238 16.81 19.02 9.55
CA TYR C 238 16.74 17.75 8.86
C TYR C 238 15.66 17.76 7.78
N THR C 239 14.53 18.43 7.99
CA THR C 239 13.43 18.37 7.05
C THR C 239 13.81 19.18 5.82
N VAL C 240 14.42 20.31 6.08
CA VAL C 240 14.85 21.12 4.97
C VAL C 240 15.89 20.35 4.18
N ALA C 241 16.87 19.76 4.87
CA ALA C 241 17.95 19.01 4.25
C ALA C 241 17.42 17.81 3.48
N ASP C 242 16.48 17.08 4.05
CA ASP C 242 15.99 15.89 3.39
C ASP C 242 15.27 16.25 2.11
N VAL C 243 14.37 17.22 2.18
CA VAL C 243 13.56 17.57 1.04
C VAL C 243 14.46 18.15 -0.05
N SER C 244 15.40 19.00 0.34
CA SER C 244 16.34 19.59 -0.60
C SER C 244 17.22 18.55 -1.26
N SER C 245 17.89 17.74 -0.45
CA SER C 245 18.99 16.90 -0.89
C SER C 245 18.42 15.77 -1.73
N LYR C 246 17.14 15.44 -1.58
CA LYR C 246 16.61 14.27 -2.26
C LYR C 246 15.59 14.63 -3.32
O LYR C 246 15.78 14.22 -4.47
CB LYR C 246 16.00 13.30 -1.27
CG LYR C 246 16.98 12.74 -0.27
CD LYR C 246 16.33 11.76 0.65
CE LYR C 246 16.59 12.10 2.11
NZ LYR C 246 17.81 11.48 2.60
C1 LYR C 246 18.98 12.17 2.12
C2 LYR C 246 20.18 11.85 2.97
C3 LYR C 246 21.40 12.50 2.88
C4 LYR C 246 21.78 13.38 1.74
C5 LYR C 246 22.36 12.34 3.93
C6 LYR C 246 23.60 12.89 4.04
C7 LYR C 246 24.39 12.69 5.13
C80 LYR C 246 25.66 13.27 5.42
C8 LYR C 246 26.30 14.17 4.35
C9 LYR C 246 26.27 12.97 6.69
C10 LYR C 246 27.44 13.46 7.11
C11 LYR C 246 28.04 13.36 8.42
C12 LYR C 246 29.22 14.00 8.61
C13 LYR C 246 30.04 14.63 7.53
C14 LYR C 246 29.83 14.17 9.98
C15 LYR C 246 28.84 13.87 11.11
C16 LYR C 246 28.19 12.62 10.83
C17 LYR C 246 27.34 12.65 9.57
C18 LYR C 246 27.03 11.20 9.20
C19 LYR C 246 26.02 13.34 9.94
N LEU C 247 14.53 15.36 -2.96
CA LEU C 247 13.45 15.66 -3.88
C LEU C 247 13.84 16.84 -4.76
N VAL C 248 14.32 17.93 -4.19
CA VAL C 248 14.60 19.11 -4.99
C VAL C 248 15.80 18.83 -5.89
N PHE C 249 16.79 18.14 -5.37
CA PHE C 249 17.93 17.70 -6.17
C PHE C 249 17.48 16.77 -7.31
N GLY C 250 16.52 15.90 -7.07
CA GLY C 250 15.99 15.03 -8.11
C GLY C 250 15.34 15.80 -9.25
N VAL C 251 14.67 16.90 -8.94
CA VAL C 251 14.00 17.70 -9.94
C VAL C 251 15.04 18.49 -10.72
N ILE C 252 16.01 19.05 -10.04
CA ILE C 252 17.01 19.84 -10.71
C ILE C 252 17.82 18.97 -11.64
N LEU C 253 18.12 17.76 -11.21
CA LEU C 253 18.96 16.84 -11.96
C LEU C 253 18.17 16.35 -13.15
N SER C 254 16.89 16.02 -12.95
CA SER C 254 16.00 15.64 -14.03
C SER C 254 15.97 16.71 -15.11
N GLN C 255 16.08 17.97 -14.74
CA GLN C 255 16.04 19.03 -15.71
C GLN C 255 17.29 19.06 -16.55
N VAL C 256 18.42 18.68 -15.97
CA VAL C 256 19.68 18.62 -16.68
C VAL C 256 19.69 17.36 -17.54
N ALA C 257 19.11 16.29 -17.01
CA ALA C 257 19.01 15.05 -17.74
C ALA C 257 18.18 15.23 -19.01
N LEU C 258 17.13 16.07 -18.93
CA LEU C 258 16.25 16.34 -20.05
C LEU C 258 16.93 17.23 -21.07
N ARG C 259 17.76 18.14 -20.61
CA ARG C 259 18.42 19.02 -21.52
C ARG C 259 19.42 18.19 -22.33
N ARG C 260 20.17 17.36 -21.64
CA ARG C 260 21.13 16.49 -22.29
C ARG C 260 20.37 15.58 -23.25
N SER C 261 19.26 15.00 -22.78
CA SER C 261 18.47 14.13 -23.62
C SER C 261 18.13 14.84 -24.92
N ALA C 262 17.58 16.05 -24.78
CA ALA C 262 17.09 16.83 -25.90
C ALA C 262 18.22 17.31 -26.79
N GLU C 263 19.36 17.68 -26.23
CA GLU C 263 20.52 18.03 -27.03
C GLU C 263 21.09 16.82 -27.78
N GLU C 264 20.65 15.61 -27.44
CA GLU C 264 21.13 14.42 -28.10
C GLU C 264 20.03 13.82 -28.97
N GLY C 265 18.90 14.53 -29.07
CA GLY C 265 17.88 14.20 -30.05
C GLY C 265 16.73 13.32 -29.54
N PHE C 266 16.67 13.03 -28.24
CA PHE C 266 15.54 12.26 -27.74
C PHE C 266 14.27 13.09 -27.92
N GLU C 267 13.28 12.55 -28.66
CA GLU C 267 12.14 13.35 -29.05
C GLU C 267 11.25 13.65 -27.84
N PRO C 268 10.93 12.65 -26.97
CA PRO C 268 10.14 12.93 -25.78
C PRO C 268 10.73 14.05 -24.94
N ALA C 269 12.06 14.15 -24.90
CA ALA C 269 12.74 15.20 -24.14
C ALA C 269 12.64 16.54 -24.86
N ARG C 270 12.54 16.52 -26.19
CA ARG C 270 12.45 17.73 -26.98
C ARG C 270 11.01 18.27 -26.96
N VAL C 271 10.00 17.40 -27.07
CA VAL C 271 8.61 17.83 -27.06
C VAL C 271 8.20 18.27 -25.66
N ALA C 272 9.08 18.04 -24.67
CA ALA C 272 8.88 18.51 -23.31
C ALA C 272 10.14 19.28 -22.84
N FME D 1 -0.34 25.69 21.87
CN FME D 1 0.98 25.48 21.99
O1 FME D 1 1.54 24.85 22.90
CA FME D 1 -1.31 25.12 22.79
CB FME D 1 -2.27 26.15 23.38
CG FME D 1 -1.59 27.38 23.93
SD FME D 1 -2.69 28.90 23.87
CE FME D 1 -1.43 30.15 24.12
C FME D 1 -2.13 24.03 22.10
O FME D 1 -2.19 24.04 20.86
N PRO D 2 -2.93 23.14 22.65
CA PRO D 2 -3.65 22.09 21.92
C PRO D 2 -4.80 22.77 21.17
N SER D 3 -5.27 22.16 20.09
CA SER D 3 -6.39 22.73 19.36
C SER D 3 -7.64 22.72 20.21
N ILE D 4 -8.61 23.55 19.84
CA ILE D 4 -9.83 23.75 20.63
C ILE D 4 -10.67 22.45 20.74
N GLU D 5 -10.49 21.50 19.82
CA GLU D 5 -11.19 20.22 19.86
C GLU D 5 -10.91 19.45 21.14
N ASN D 6 -9.75 19.69 21.73
CA ASN D 6 -9.29 18.96 22.89
C ASN D 6 -10.01 19.42 24.15
N PHE D 7 -10.79 20.49 24.04
CA PHE D 7 -11.36 21.08 25.23
C PHE D 7 -12.87 20.90 25.22
N LEU D 8 -13.37 19.94 24.42
CA LEU D 8 -14.80 19.75 24.24
C LEU D 8 -15.13 18.25 24.37
N ALA D 9 -16.39 17.95 24.70
CA ALA D 9 -16.89 16.58 24.60
C ALA D 9 -17.86 16.48 23.44
N TYR D 10 -18.02 15.30 22.85
CA TYR D 10 -18.83 15.20 21.67
C TYR D 10 -19.98 14.22 21.89
N ASP D 11 -21.16 14.53 21.33
CA ASP D 11 -22.22 13.57 21.21
C ASP D 11 -21.89 12.51 20.17
N PHE D 12 -22.50 11.34 20.25
CA PHE D 12 -22.10 10.31 19.33
C PHE D 12 -21.96 10.93 17.92
N TRP D 13 -22.96 11.68 17.46
CA TRP D 13 -23.01 12.04 16.07
C TRP D 13 -21.97 13.10 15.74
N GLN D 14 -21.64 13.95 16.71
CA GLN D 14 -20.60 14.95 16.50
C GLN D 14 -19.29 14.27 16.22
N TYR D 15 -18.89 13.33 17.06
CA TYR D 15 -17.62 12.69 16.85
C TYR D 15 -17.68 11.86 15.58
N ASP D 16 -18.85 11.26 15.34
CA ASP D 16 -19.03 10.29 14.28
C ASP D 16 -18.97 10.97 12.91
N VAL D 17 -19.64 12.11 12.77
CA VAL D 17 -19.48 12.92 11.58
C VAL D 17 -18.03 13.26 11.28
N ILE D 18 -17.27 13.76 12.26
CA ILE D 18 -15.89 14.10 12.01
C ILE D 18 -15.04 12.90 11.58
N ARG D 19 -15.27 11.70 12.10
CA ARG D 19 -14.41 10.62 11.67
C ARG D 19 -14.81 10.14 10.28
N HIS D 20 -16.09 10.36 9.94
CA HIS D 20 -16.61 10.04 8.64
C HIS D 20 -16.04 11.00 7.62
N LEU D 21 -15.99 12.28 7.97
CA LEU D 21 -15.41 13.27 7.09
C LEU D 21 -13.94 13.00 6.83
N PHE D 22 -13.18 12.62 7.85
CA PHE D 22 -11.77 12.42 7.63
C PHE D 22 -11.56 11.21 6.75
N ALA D 23 -12.42 10.23 6.91
CA ALA D 23 -12.26 8.99 6.17
C ALA D 23 -12.71 9.19 4.71
N PHE D 24 -13.78 9.95 4.51
CA PHE D 24 -14.28 10.25 3.19
C PHE D 24 -13.18 10.95 2.39
N SER D 25 -12.63 12.00 2.97
CA SER D 25 -11.60 12.80 2.35
C SER D 25 -10.41 11.96 1.93
N THR D 26 -9.99 11.04 2.79
CA THR D 26 -8.88 10.20 2.45
C THR D 26 -9.23 9.41 1.18
N ALA D 27 -10.46 8.91 1.12
CA ALA D 27 -10.88 8.08 0.01
C ALA D 27 -10.99 8.88 -1.29
N VAL D 28 -11.48 10.09 -1.18
CA VAL D 28 -11.58 10.97 -2.31
C VAL D 28 -10.19 11.21 -2.89
N PHE D 29 -9.20 11.45 -2.04
CA PHE D 29 -7.90 11.80 -2.56
C PHE D 29 -7.20 10.56 -3.09
N LEU D 30 -7.51 9.39 -2.56
CA LEU D 30 -6.89 8.18 -3.07
C LEU D 30 -7.52 7.80 -4.40
N ALA D 31 -8.81 8.05 -4.53
CA ALA D 31 -9.50 7.80 -5.77
C ALA D 31 -9.04 8.81 -6.82
N GLY D 32 -8.96 10.08 -6.41
CA GLY D 32 -8.40 11.14 -7.24
C GLY D 32 -7.03 10.77 -7.78
N LEU D 33 -6.20 10.13 -6.96
CA LEU D 33 -4.88 9.75 -7.39
C LEU D 33 -4.96 8.70 -8.48
N VAL D 34 -5.77 7.66 -8.28
CA VAL D 34 -5.90 6.62 -9.29
C VAL D 34 -6.37 7.28 -10.58
N TYR D 35 -7.25 8.24 -10.47
CA TYR D 35 -7.85 8.86 -11.62
C TYR D 35 -6.86 9.71 -12.41
N PHE D 36 -6.12 10.56 -11.72
CA PHE D 36 -5.17 11.45 -12.37
C PHE D 36 -4.02 10.63 -12.95
N ALA D 37 -3.64 9.56 -12.26
CA ALA D 37 -2.60 8.68 -12.77
C ALA D 37 -3.06 8.01 -14.04
N MET D 38 -4.33 7.62 -14.12
CA MET D 38 -4.85 6.93 -15.27
C MET D 38 -5.18 7.88 -16.41
N THR D 39 -5.09 9.19 -16.23
CA THR D 39 -5.61 10.09 -17.25
C THR D 39 -4.53 11.08 -17.69
N ALA D 40 -3.34 10.99 -17.14
CA ALA D 40 -2.34 12.02 -17.35
C ALA D 40 -1.86 12.10 -18.80
N ARG D 41 -1.71 10.95 -19.46
CA ARG D 41 -1.12 10.91 -20.78
C ARG D 41 -2.05 11.43 -21.87
N THR D 42 -3.26 11.84 -21.51
CA THR D 42 -4.23 12.32 -22.48
C THR D 42 -3.96 13.79 -22.75
N THR D 43 -3.11 14.36 -21.90
CA THR D 43 -2.76 15.76 -22.01
C THR D 43 -1.51 15.87 -22.87
N ALA D 44 -1.45 16.89 -23.73
CA ALA D 44 -0.26 17.12 -24.51
C ALA D 44 0.94 17.28 -23.60
N PRO D 45 2.14 16.84 -24.02
CA PRO D 45 3.33 16.95 -23.17
C PRO D 45 3.69 18.34 -22.66
N ASN D 46 3.22 19.40 -23.31
CA ASN D 46 3.49 20.74 -22.84
C ASN D 46 2.57 21.12 -21.67
N TYR D 47 1.54 20.32 -21.38
CA TYR D 47 0.66 20.60 -20.26
C TYR D 47 0.67 19.47 -19.26
N ARG D 48 1.48 18.45 -19.49
CA ARG D 48 1.36 17.24 -18.70
C ARG D 48 1.92 17.47 -17.30
N LEU D 49 2.67 18.54 -17.12
CA LEU D 49 3.21 18.83 -15.80
C LEU D 49 2.05 19.09 -14.85
N SER D 50 0.98 19.71 -15.35
CA SER D 50 -0.21 20.01 -14.57
C SER D 50 -0.91 18.73 -14.14
N ALA D 51 -1.05 17.81 -15.07
CA ALA D 51 -1.58 16.48 -14.82
C ALA D 51 -0.80 15.76 -13.74
N ASN D 52 0.52 15.90 -13.81
CA ASN D 52 1.40 15.24 -12.88
C ASN D 52 1.29 15.87 -11.49
N ILE D 53 1.15 17.19 -11.44
CA ILE D 53 1.01 17.88 -10.17
C ILE D 53 -0.27 17.42 -9.48
N SER D 54 -1.33 17.22 -10.24
CA SER D 54 -2.58 16.77 -9.65
C SER D 54 -2.35 15.45 -8.92
N ALA D 55 -1.57 14.56 -9.50
CA ALA D 55 -1.33 13.30 -8.84
C ALA D 55 -0.53 13.51 -7.56
N VAL D 56 0.43 14.44 -7.57
CA VAL D 56 1.25 14.76 -6.44
C VAL D 56 0.39 15.34 -5.33
N VAL D 57 -0.50 16.24 -5.68
CA VAL D 57 -1.37 16.85 -4.70
C VAL D 57 -2.31 15.81 -4.07
N MET D 58 -2.73 14.81 -4.82
CA MET D 58 -3.64 13.82 -4.29
C MET D 58 -2.93 12.98 -3.25
N VAL D 59 -1.65 12.71 -3.46
CA VAL D 59 -0.92 11.88 -2.53
C VAL D 59 -0.78 12.64 -1.23
N SER D 60 -0.33 13.88 -1.33
CA SER D 60 -0.19 14.74 -0.19
C SER D 60 -1.47 14.78 0.64
N ALA D 61 -2.59 15.05 -0.02
CA ALA D 61 -3.84 15.30 0.67
C ALA D 61 -4.36 14.01 1.27
N ALA D 62 -4.15 12.88 0.58
CA ALA D 62 -4.58 11.61 1.12
C ALA D 62 -3.90 11.35 2.45
N LEU D 63 -2.61 11.67 2.53
CA LEU D 63 -1.85 11.43 3.75
C LEU D 63 -2.19 12.46 4.84
N GLU D 64 -2.39 13.69 4.44
CA GLU D 64 -2.89 14.73 5.32
C GLU D 64 -4.16 14.31 6.05
N LEU D 65 -5.12 13.77 5.33
CA LEU D 65 -6.41 13.48 5.89
C LEU D 65 -6.38 12.16 6.60
N GLY D 66 -5.52 11.24 6.17
CA GLY D 66 -5.35 9.97 6.87
C GLY D 66 -4.77 10.16 8.27
N GLN D 67 -3.82 11.07 8.41
N GLN D 67 -3.82 11.07 8.40
CA GLN D 67 -3.20 11.35 9.68
CA GLN D 67 -3.20 11.35 9.68
C GLN D 67 -4.23 11.92 10.65
C GLN D 67 -4.24 11.93 10.64
N LEU D 68 -5.07 12.83 10.14
CA LEU D 68 -6.09 13.44 10.94
C LEU D 68 -7.11 12.40 11.38
N TRP D 69 -7.44 11.49 10.48
CA TRP D 69 -8.38 10.44 10.75
C TRP D 69 -7.87 9.56 11.88
N LEU D 70 -6.61 9.15 11.78
CA LEU D 70 -5.95 8.42 12.82
C LEU D 70 -5.93 9.14 14.16
N LEU D 71 -5.53 10.39 14.16
CA LEU D 71 -5.33 11.08 15.41
C LEU D 71 -6.67 11.36 16.07
N TRP D 72 -7.71 11.63 15.27
CA TRP D 72 -9.05 11.82 15.79
C TRP D 72 -9.54 10.56 16.49
N ASN D 73 -9.22 9.41 15.91
CA ASN D 73 -9.63 8.16 16.49
C ASN D 73 -8.89 7.93 17.79
N GLU D 74 -7.66 8.40 17.88
CA GLU D 74 -6.79 8.05 18.97
C GLU D 74 -7.02 8.96 20.16
N SER D 75 -7.56 10.13 19.90
CA SER D 75 -7.50 11.20 20.86
C SER D 75 -8.73 11.24 21.75
N PHE D 76 -9.80 10.53 21.40
CA PHE D 76 -11.05 10.64 22.13
C PHE D 76 -11.56 9.22 22.27
N GLN D 77 -12.31 8.96 23.33
CA GLN D 77 -12.87 7.64 23.52
C GLN D 77 -14.27 7.79 24.06
N TRP D 78 -15.09 6.77 23.88
CA TRP D 78 -16.45 6.81 24.36
C TRP D 78 -16.47 6.77 25.87
N ALA D 79 -17.40 7.48 26.47
CA ALA D 79 -17.65 7.41 27.90
C ALA D 79 -19.13 7.22 28.11
N GLU D 80 -19.56 5.98 28.39
CA GLU D 80 -20.98 5.65 28.48
C GLU D 80 -21.68 6.45 29.59
N LEU D 81 -21.02 6.70 30.72
CA LEU D 81 -21.68 7.47 31.77
C LEU D 81 -22.00 8.88 31.32
N GLN D 82 -21.10 9.50 30.54
CA GLN D 82 -21.32 10.84 30.00
C GLN D 82 -22.10 10.77 28.69
N GLY D 83 -22.07 9.61 28.04
CA GLY D 83 -22.66 9.42 26.73
C GLY D 83 -22.02 10.34 25.71
N SER D 84 -20.68 10.41 25.76
CA SER D 84 -19.92 11.38 25.00
C SER D 84 -18.61 10.76 24.59
N PHE D 85 -18.03 11.24 23.49
CA PHE D 85 -16.63 10.98 23.24
C PHE D 85 -15.87 12.07 23.97
N VAL D 86 -14.84 11.69 24.70
CA VAL D 86 -14.12 12.60 25.58
C VAL D 86 -12.66 12.38 25.30
N PRO D 87 -11.81 13.37 25.61
CA PRO D 87 -10.37 13.24 25.39
C PRO D 87 -9.80 12.07 26.16
N VAL D 88 -8.82 11.38 25.57
CA VAL D 88 -8.05 10.38 26.29
C VAL D 88 -6.88 11.05 27.00
N ALA D 89 -6.23 10.34 27.92
CA ALA D 89 -5.26 10.93 28.83
C ALA D 89 -3.97 11.32 28.12
N GLY D 90 -3.42 10.45 27.28
CA GLY D 90 -2.06 10.67 26.81
C GLY D 90 -1.98 11.07 25.36
N GLU D 91 -3.11 11.45 24.76
CA GLU D 91 -3.07 11.88 23.37
C GLU D 91 -3.76 13.23 23.31
N ARG D 92 -3.31 14.12 22.43
CA ARG D 92 -3.98 15.40 22.18
C ARG D 92 -4.12 15.61 20.68
N PHE D 93 -5.28 16.06 20.20
CA PHE D 93 -5.52 16.20 18.76
C PHE D 93 -4.96 17.52 18.27
N SER D 94 -4.58 17.55 17.00
CA SER D 94 -4.04 18.76 16.40
C SER D 94 -4.63 18.91 15.01
N ASN D 95 -5.15 20.09 14.70
CA ASN D 95 -5.59 20.38 13.36
C ASN D 95 -4.39 20.78 12.50
N GLY D 96 -3.24 21.07 13.12
CA GLY D 96 -2.02 21.49 12.47
C GLY D 96 -1.37 20.43 11.59
N TYR D 97 -1.86 19.19 11.62
CA TYR D 97 -1.34 18.26 10.63
C TYR D 97 -1.70 18.69 9.22
N ARG D 98 -2.79 19.44 9.03
CA ARG D 98 -3.20 19.81 7.68
C ARG D 98 -2.27 20.92 7.17
N TYR D 99 -1.91 21.85 8.03
CA TYR D 99 -1.10 22.99 7.64
C TYR D 99 0.19 22.57 6.95
N MET D 100 0.88 21.58 7.50
CA MET D 100 2.24 21.29 7.04
C MET D 100 2.15 20.70 5.64
N ASN D 101 1.12 19.90 5.35
CA ASN D 101 0.94 19.34 4.01
C ASN D 101 0.58 20.41 2.98
N TRP D 102 -0.03 21.51 3.42
CA TRP D 102 -0.31 22.63 2.55
C TRP D 102 0.96 23.20 1.94
N LEU D 103 2.11 23.03 2.59
CA LEU D 103 3.36 23.49 2.02
C LEU D 103 3.59 22.78 0.70
N ILE D 104 3.01 21.60 0.51
CA ILE D 104 3.05 20.94 -0.79
C ILE D 104 1.90 21.44 -1.67
N ASP D 105 0.69 21.30 -1.15
CA ASP D 105 -0.53 21.54 -1.88
C ASP D 105 -0.55 22.96 -2.44
N VAL D 106 -0.31 23.98 -1.63
CA VAL D 106 -0.72 25.31 -2.03
C VAL D 106 0.11 25.74 -3.22
N PRO D 107 1.45 25.65 -3.16
CA PRO D 107 2.30 26.11 -4.26
C PRO D 107 2.13 25.23 -5.50
N MET D 108 1.87 23.95 -5.32
CA MET D 108 1.63 23.03 -6.41
C MET D 108 0.33 23.34 -7.14
N LEU D 109 -0.77 23.59 -6.42
CA LEU D 109 -2.03 23.96 -7.04
C LEU D 109 -1.92 25.27 -7.79
N ALA D 110 -1.15 26.21 -7.27
CA ALA D 110 -1.03 27.49 -7.95
C ALA D 110 -0.10 27.33 -9.16
N THR D 111 0.84 26.40 -9.10
CA THR D 111 1.78 26.22 -10.18
C THR D 111 1.07 25.58 -11.37
N GLN D 112 0.23 24.58 -11.11
CA GLN D 112 -0.45 23.91 -12.21
C GLN D 112 -1.39 24.86 -12.95
N LEU D 113 -1.90 25.89 -12.30
CA LEU D 113 -2.66 26.89 -13.02
C LEU D 113 -1.78 27.72 -13.96
N VAL D 114 -0.58 28.05 -13.51
CA VAL D 114 0.40 28.78 -14.31
C VAL D 114 0.91 27.93 -15.48
N VAL D 115 1.08 26.62 -15.26
CA VAL D 115 1.41 25.72 -16.33
C VAL D 115 0.32 25.72 -17.42
N VAL D 116 -0.96 25.67 -17.06
CA VAL D 116 -2.02 25.61 -18.05
C VAL D 116 -2.22 26.98 -18.68
N CYS D 117 -1.75 28.04 -18.03
CA CYS D 117 -1.83 29.36 -18.63
C CYS D 117 -0.80 29.48 -19.74
N GLY D 118 0.20 28.59 -19.72
CA GLY D 118 1.15 28.53 -20.81
C GLY D 118 2.55 29.02 -20.49
N PHE D 119 2.81 29.42 -19.25
CA PHE D 119 4.14 29.87 -18.90
C PHE D 119 5.08 28.66 -18.94
N VAL D 120 6.27 28.87 -19.48
CA VAL D 120 7.24 27.78 -19.56
C VAL D 120 8.61 28.33 -19.20
N GLY D 121 9.52 27.42 -18.84
CA GLY D 121 10.88 27.85 -18.71
C GLY D 121 11.08 28.77 -17.52
N THR D 122 11.80 29.87 -17.70
CA THR D 122 12.15 30.67 -16.54
C THR D 122 10.95 31.45 -16.08
N GLU D 123 10.07 31.80 -17.01
CA GLU D 123 8.84 32.48 -16.65
C GLU D 123 7.97 31.55 -15.79
N LEU D 124 8.04 30.25 -16.03
CA LEU D 124 7.35 29.35 -15.14
C LEU D 124 8.10 29.32 -13.82
N ARG D 125 9.42 29.22 -13.87
CA ARG D 125 10.22 29.09 -12.66
C ARG D 125 10.07 30.33 -11.81
N ASN D 126 10.04 31.48 -12.45
CA ASN D 126 9.94 32.70 -11.71
C ASN D 126 8.65 32.76 -10.92
N ARG D 127 7.57 32.37 -11.57
CA ARG D 127 6.26 32.40 -10.94
C ARG D 127 6.21 31.33 -9.86
N TRP D 128 6.79 30.19 -10.12
CA TRP D 128 6.77 29.11 -9.16
C TRP D 128 7.48 29.51 -7.88
N ALA D 129 8.58 30.24 -8.05
CA ALA D 129 9.38 30.70 -6.93
C ALA D 129 8.59 31.74 -6.13
N LYS D 130 7.99 32.72 -6.79
CA LYS D 130 7.22 33.71 -6.07
C LYS D 130 6.04 33.07 -5.32
N LEU D 131 5.37 32.15 -5.98
CA LEU D 131 4.23 31.49 -5.42
C LEU D 131 4.64 30.62 -4.24
N THR D 132 5.80 30.00 -4.30
CA THR D 132 6.27 29.11 -3.25
C THR D 132 6.71 29.95 -2.05
N ILE D 133 7.32 31.07 -2.29
CA ILE D 133 7.68 31.93 -1.19
C ILE D 133 6.42 32.47 -0.54
N ALA D 134 5.53 33.07 -1.32
CA ALA D 134 4.30 33.63 -0.79
C ALA D 134 3.46 32.54 -0.11
N GLY D 135 3.46 31.32 -0.64
CA GLY D 135 2.63 30.28 -0.10
C GLY D 135 3.20 29.72 1.19
N VAL D 136 4.51 29.53 1.21
CA VAL D 136 5.16 29.03 2.41
C VAL D 136 5.02 30.04 3.55
N LEU D 137 5.13 31.33 3.27
CA LEU D 137 5.05 32.32 4.33
C LEU D 137 3.61 32.45 4.83
N MET D 138 2.65 32.22 3.95
CA MET D 138 1.26 32.30 4.35
C MET D 138 0.98 31.11 5.27
N ILE D 139 1.46 29.93 4.91
CA ILE D 139 1.15 28.75 5.68
C ILE D 139 1.89 28.76 7.01
N LEU D 140 3.13 29.22 7.05
CA LEU D 140 3.86 29.19 8.31
C LEU D 140 3.41 30.29 9.25
N THR D 141 2.97 31.42 8.76
CA THR D 141 2.40 32.40 9.69
C THR D 141 1.01 31.98 10.22
N GLY D 142 0.28 31.16 9.49
CA GLY D 142 -1.00 30.70 9.97
C GLY D 142 -0.84 29.52 10.90
N TYR D 143 0.19 28.72 10.70
CA TYR D 143 0.49 27.62 11.58
C TYR D 143 0.84 28.16 12.96
N VAL D 144 1.55 29.28 13.00
CA VAL D 144 1.94 29.80 14.28
C VAL D 144 0.69 30.25 14.97
N GLY D 145 -0.19 30.96 14.25
CA GLY D 145 -1.40 31.52 14.83
C GLY D 145 -2.35 30.45 15.37
N GLN D 146 -2.43 29.32 14.70
CA GLN D 146 -3.39 28.32 15.11
C GLN D 146 -2.91 27.60 16.37
N TYR D 147 -1.69 27.88 16.84
CA TYR D 147 -1.23 27.36 18.12
C TYR D 147 -1.78 28.22 19.25
N PHE D 148 -2.61 29.22 18.97
CA PHE D 148 -3.11 30.10 20.03
C PHE D 148 -4.62 30.07 20.13
N GLU D 149 -5.25 28.99 19.73
CA GLU D 149 -6.70 29.03 19.60
C GLU D 149 -7.46 28.71 20.90
N PRO D 150 -6.94 28.00 21.91
CA PRO D 150 -7.58 27.95 23.21
C PRO D 150 -7.61 29.34 23.86
N ALA D 151 -6.65 30.18 23.48
CA ALA D 151 -6.51 31.51 24.05
C ALA D 151 -7.56 32.43 23.45
N VAL D 152 -7.79 32.30 22.15
CA VAL D 152 -8.71 33.19 21.46
C VAL D 152 -10.12 32.71 21.78
N ALA D 153 -10.29 31.40 22.04
CA ALA D 153 -11.56 30.78 22.38
C ALA D 153 -11.94 31.07 23.83
N GLY D 154 -11.03 31.66 24.61
CA GLY D 154 -11.31 31.99 25.99
C GLY D 154 -11.28 30.81 26.96
N VAL D 155 -10.73 29.66 26.55
CA VAL D 155 -10.52 28.55 27.47
C VAL D 155 -9.65 29.06 28.61
N PRO D 156 -10.06 28.92 29.88
CA PRO D 156 -9.32 29.53 31.00
C PRO D 156 -7.91 28.96 31.16
N GLY D 157 -6.96 29.87 31.38
CA GLY D 157 -5.58 29.50 31.61
C GLY D 157 -4.73 29.48 30.35
N TYR D 158 -5.24 30.10 29.29
CA TYR D 158 -4.51 30.19 28.04
C TYR D 158 -4.47 31.65 27.65
N GLU D 159 -3.29 32.18 27.34
CA GLU D 159 -3.13 33.57 27.00
C GLU D 159 -2.47 33.71 25.63
N GLY D 160 -2.61 34.88 25.01
CA GLY D 160 -1.98 35.15 23.72
C GLY D 160 -3.00 35.14 22.61
N ALA D 161 -4.19 35.64 22.92
CA ALA D 161 -5.25 35.72 21.94
C ALA D 161 -4.81 36.64 20.82
N GLU D 162 -4.04 37.68 21.16
CA GLU D 162 -3.59 38.64 20.17
C GLU D 162 -2.66 37.98 19.17
N GLN D 163 -1.95 36.93 19.56
CA GLN D 163 -1.04 36.27 18.65
C GLN D 163 -1.86 35.63 17.54
N PHE D 164 -3.06 35.18 17.85
CA PHE D 164 -3.93 34.57 16.85
C PHE D 164 -4.32 35.58 15.75
N TRP D 165 -4.54 36.82 16.17
CA TRP D 165 -4.91 37.88 15.26
C TRP D 165 -3.74 38.30 14.42
N ILE D 166 -2.63 38.58 15.09
CA ILE D 166 -1.45 39.08 14.40
C ILE D 166 -1.03 38.10 13.33
N TRP D 167 -0.89 36.83 13.68
CA TRP D 167 -0.35 35.87 12.74
C TRP D 167 -1.33 35.55 11.63
N GLY D 168 -2.62 35.65 11.89
CA GLY D 168 -3.61 35.43 10.86
C GLY D 168 -3.66 36.57 9.86
N ILE D 169 -3.46 37.79 10.33
CA ILE D 169 -3.48 38.93 9.44
C ILE D 169 -2.23 38.96 8.57
N ILE D 170 -1.06 38.66 9.12
CA ILE D 170 0.11 38.49 8.29
C ILE D 170 -0.12 37.39 7.25
N SER D 171 -0.73 36.28 7.65
CA SER D 171 -0.96 35.21 6.72
C SER D 171 -1.87 35.69 5.59
N THR D 172 -2.81 36.56 5.90
CA THR D 172 -3.74 37.06 4.91
C THR D 172 -3.03 37.95 3.88
N ALA D 173 -1.98 38.64 4.29
CA ALA D 173 -1.27 39.48 3.35
C ALA D 173 -0.55 38.64 2.31
N PHE D 174 0.08 37.54 2.74
CA PHE D 174 0.75 36.68 1.79
C PHE D 174 -0.25 36.00 0.89
N PHE D 175 -1.50 35.85 1.36
CA PHE D 175 -2.56 35.25 0.56
C PHE D 175 -2.96 36.20 -0.57
N VAL D 176 -3.12 37.47 -0.26
CA VAL D 176 -3.40 38.46 -1.28
C VAL D 176 -2.28 38.53 -2.30
N TRP D 177 -1.03 38.44 -1.85
CA TRP D 177 0.09 38.42 -2.77
C TRP D 177 -0.01 37.21 -3.71
N MET D 178 -0.21 36.02 -3.19
CA MET D 178 -0.37 34.88 -4.08
C MET D 178 -1.46 35.13 -5.12
N LEU D 179 -2.58 35.71 -4.69
CA LEU D 179 -3.71 35.85 -5.60
C LEU D 179 -3.37 36.87 -6.67
N LEU D 180 -2.58 37.88 -6.33
CA LEU D 180 -2.18 38.86 -7.33
C LEU D 180 -1.25 38.23 -8.36
N ILE D 181 -0.39 37.30 -7.94
CA ILE D 181 0.52 36.65 -8.85
C ILE D 181 -0.31 35.83 -9.83
N LEU D 182 -1.25 35.05 -9.32
CA LEU D 182 -2.07 34.21 -10.15
C LEU D 182 -3.03 35.02 -11.01
N ALA D 183 -3.48 36.16 -10.51
CA ALA D 183 -4.41 36.94 -11.28
C ALA D 183 -3.70 37.51 -12.49
N ASN D 184 -2.41 37.74 -12.36
CA ASN D 184 -1.63 38.33 -13.44
C ASN D 184 -1.33 37.24 -14.48
N ALA D 185 -1.26 35.99 -14.04
CA ALA D 185 -0.99 34.87 -14.93
C ALA D 185 -2.22 34.56 -15.78
N VAL D 186 -3.42 34.59 -15.19
CA VAL D 186 -4.59 34.13 -15.93
C VAL D 186 -5.05 35.27 -16.82
N ARG D 187 -4.65 36.49 -16.51
CA ARG D 187 -5.04 37.62 -17.33
C ARG D 187 -4.08 37.76 -18.51
N ASN D 188 -2.95 37.07 -18.45
CA ASN D 188 -1.95 37.13 -19.49
C ASN D 188 -1.54 35.72 -19.86
N PRO D 189 -2.49 34.90 -20.34
CA PRO D 189 -2.16 33.55 -20.76
C PRO D 189 -1.22 33.61 -21.97
N GLN D 190 -0.48 32.52 -22.17
CA GLN D 190 0.56 32.46 -23.17
C GLN D 190 0.14 31.42 -24.21
N GLY D 191 0.67 31.55 -25.43
CA GLY D 191 0.45 30.53 -26.44
C GLY D 191 -0.82 30.78 -27.25
N ALA D 192 -1.26 32.04 -27.27
CA ALA D 192 -2.40 32.44 -28.09
C ALA D 192 -3.60 31.52 -27.83
N PRO D 193 -4.18 31.55 -26.61
CA PRO D 193 -5.34 30.73 -26.32
C PRO D 193 -6.60 31.23 -27.03
N SER D 194 -7.55 30.31 -27.28
CA SER D 194 -8.92 30.64 -27.65
C SER D 194 -9.57 31.53 -26.60
N ASP D 195 -10.67 32.20 -26.99
CA ASP D 195 -11.44 33.00 -26.04
C ASP D 195 -12.17 32.08 -25.07
N GLU D 196 -12.41 30.85 -25.49
CA GLU D 196 -13.02 29.86 -24.61
C GLU D 196 -11.99 29.45 -23.57
N VAL D 197 -10.76 29.26 -24.01
CA VAL D 197 -9.71 28.87 -23.08
C VAL D 197 -9.44 30.04 -22.14
N ARG D 198 -9.50 31.26 -22.66
CA ARG D 198 -9.28 32.42 -21.84
C ARG D 198 -10.31 32.49 -20.73
N SER D 199 -11.58 32.28 -21.06
CA SER D 199 -12.65 32.32 -20.09
C SER D 199 -12.51 31.23 -19.03
N ARG D 200 -12.02 30.09 -19.45
CA ARG D 200 -12.00 28.95 -18.57
C ARG D 200 -10.84 29.12 -17.60
N LEU D 201 -9.80 29.84 -18.04
CA LEU D 201 -8.67 30.11 -17.17
C LEU D 201 -9.13 31.09 -16.10
N LYS D 202 -9.89 32.09 -16.51
CA LYS D 202 -10.40 33.07 -15.58
C LYS D 202 -11.32 32.38 -14.58
N PHE D 203 -12.09 31.39 -15.01
CA PHE D 203 -12.98 30.68 -14.13
C PHE D 203 -12.19 29.88 -13.10
N CYS D 204 -11.13 29.23 -13.54
CA CYS D 204 -10.27 28.50 -12.65
C CYS D 204 -9.66 29.39 -11.57
N PHE D 205 -9.39 30.65 -11.91
CA PHE D 205 -8.84 31.57 -10.93
C PHE D 205 -9.86 31.83 -9.82
N TRP D 206 -11.06 32.26 -10.18
CA TRP D 206 -12.13 32.49 -9.25
C TRP D 206 -12.55 31.24 -8.48
N PHE D 207 -12.49 30.07 -9.11
CA PHE D 207 -12.77 28.87 -8.36
C PHE D 207 -11.75 28.70 -7.24
N LEU D 208 -10.46 28.88 -7.56
CA LEU D 208 -9.33 28.82 -6.62
C LEU D 208 -9.59 29.85 -5.52
N LEU D 209 -9.87 31.07 -5.90
CA LEU D 209 -10.01 32.13 -4.92
C LEU D 209 -11.16 31.83 -3.95
N ALA D 210 -12.30 31.39 -4.47
CA ALA D 210 -13.44 31.06 -3.65
C ALA D 210 -13.15 29.88 -2.71
N THR D 211 -12.59 28.83 -3.23
CA THR D 211 -12.38 27.67 -2.40
C THR D 211 -11.29 27.92 -1.37
N TRP D 212 -10.26 28.69 -1.73
CA TRP D 212 -9.15 28.99 -0.84
C TRP D 212 -9.57 29.96 0.26
N SER D 213 -10.62 30.71 0.02
CA SER D 213 -11.13 31.67 0.98
C SER D 213 -11.83 30.99 2.16
N ILE D 214 -12.15 29.71 2.02
CA ILE D 214 -12.83 29.01 3.08
C ILE D 214 -11.87 28.77 4.23
N TYR D 215 -10.59 28.57 3.90
CA TYR D 215 -9.59 28.18 4.90
C TYR D 215 -9.46 29.26 5.97
N PRO D 216 -9.27 30.54 5.62
CA PRO D 216 -9.26 31.60 6.62
C PRO D 216 -10.47 31.60 7.55
N PHE D 217 -11.63 31.15 7.07
N PHE D 217 -11.62 31.15 7.06
CA PHE D 217 -12.82 31.09 7.88
CA PHE D 217 -12.82 31.09 7.87
C PHE D 217 -12.73 29.93 8.86
C PHE D 217 -12.74 29.93 8.85
N ALA D 218 -12.20 28.79 8.41
CA ALA D 218 -12.03 27.67 9.29
C ALA D 218 -11.05 28.01 10.41
N TYR D 219 -10.04 28.82 10.08
CA TYR D 219 -9.06 29.31 11.02
C TYR D 219 -9.73 30.14 12.11
N ALA D 220 -10.68 30.99 11.71
CA ALA D 220 -11.30 31.89 12.66
C ALA D 220 -12.44 31.25 13.46
N MET D 221 -12.81 30.01 13.20
CA MET D 221 -13.94 29.38 13.88
C MET D 221 -13.80 29.39 15.41
N PRO D 222 -12.62 29.06 16.00
CA PRO D 222 -12.48 29.12 17.46
C PRO D 222 -12.93 30.44 18.06
N LEU D 223 -12.96 31.48 17.25
CA LEU D 223 -13.30 32.79 17.73
C LEU D 223 -14.81 32.97 17.67
N PHE D 224 -15.46 32.33 16.70
CA PHE D 224 -16.91 32.49 16.54
C PHE D 224 -17.67 31.44 17.35
N ALA D 225 -17.32 30.18 17.17
CA ALA D 225 -18.01 29.08 17.80
C ALA D 225 -17.03 28.08 18.41
N PRO D 226 -16.47 28.37 19.61
CA PRO D 226 -15.61 27.41 20.30
C PRO D 226 -16.41 26.32 21.03
N THR D 227 -17.16 25.53 20.26
CA THR D 227 -18.11 24.56 20.77
C THR D 227 -18.08 23.33 19.90
N ALA D 228 -18.76 22.24 20.30
CA ALA D 228 -18.61 21.00 19.55
C ALA D 228 -19.38 21.07 18.23
N ASP D 229 -20.40 21.91 18.19
CA ASP D 229 -21.12 22.17 16.95
C ASP D 229 -20.25 23.01 16.02
N GLY D 230 -19.53 23.99 16.58
CA GLY D 230 -18.51 24.72 15.84
C GLY D 230 -17.42 23.82 15.28
N VAL D 231 -17.03 22.80 16.04
CA VAL D 231 -15.96 21.95 15.60
C VAL D 231 -16.45 21.10 14.43
N VAL D 232 -17.72 20.75 14.45
CA VAL D 232 -18.28 19.94 13.40
C VAL D 232 -18.38 20.79 12.14
N VAL D 233 -18.92 21.99 12.27
CA VAL D 233 -19.02 22.89 11.14
C VAL D 233 -17.65 23.14 10.52
N ARG D 234 -16.64 23.39 11.35
CA ARG D 234 -15.31 23.63 10.86
C ARG D 234 -14.80 22.46 10.03
N GLN D 235 -14.95 21.24 10.49
CA GLN D 235 -14.44 20.12 9.75
C GLN D 235 -15.29 19.87 8.50
N VAL D 236 -16.56 20.24 8.56
CA VAL D 236 -17.40 20.16 7.38
C VAL D 236 -16.88 21.11 6.32
N ILE D 237 -16.56 22.34 6.70
CA ILE D 237 -16.13 23.30 5.69
C ILE D 237 -14.72 23.01 5.22
N TYR D 238 -13.83 22.53 6.07
CA TYR D 238 -12.56 22.01 5.60
C TYR D 238 -12.76 20.92 4.55
N THR D 239 -13.78 20.07 4.67
CA THR D 239 -13.94 18.95 3.77
C THR D 239 -14.39 19.46 2.42
N VAL D 240 -15.29 20.42 2.48
CA VAL D 240 -15.76 21.00 1.25
C VAL D 240 -14.60 21.69 0.57
N ALA D 241 -13.83 22.49 1.32
CA ALA D 241 -12.70 23.23 0.81
C ALA D 241 -11.63 22.30 0.26
N ASP D 242 -11.32 21.23 0.95
CA ASP D 242 -10.27 20.34 0.49
C ASP D 242 -10.66 19.69 -0.81
N VAL D 243 -11.87 19.15 -0.89
CA VAL D 243 -12.29 18.40 -2.06
C VAL D 243 -12.38 19.37 -3.24
N SER D 244 -12.94 20.55 -3.01
CA SER D 244 -13.04 21.55 -4.04
C SER D 244 -11.68 22.03 -4.54
N SER D 245 -10.85 22.47 -3.62
CA SER D 245 -9.64 23.20 -3.95
C SER D 245 -8.63 22.26 -4.59
N LYR D 246 -8.76 20.96 -4.36
CA LYR D 246 -7.74 20.04 -4.83
C LYR D 246 -8.24 19.12 -5.92
O LYR D 246 -7.63 19.08 -6.99
CB LYR D 246 -7.15 19.21 -3.70
CG LYR D 246 -6.49 20.04 -2.61
CD LYR D 246 -5.91 19.18 -1.55
CE LYR D 246 -6.34 19.64 -0.16
NZ LYR D 246 -5.43 20.64 0.39
C1 LYR D 246 -5.65 21.93 -0.22
C2 LYR D 246 -5.09 23.02 0.64
C3 LYR D 246 -5.30 24.38 0.43
C4 LYR D 246 -5.82 24.93 -0.85
C5 LYR D 246 -4.98 25.30 1.47
C6 LYR D 246 -5.13 26.66 1.47
C7 LYR D 246 -4.85 27.43 2.56
C80 LYR D 246 -5.02 28.83 2.73
C8 LYR D 246 -5.51 29.64 1.51
C9 LYR D 246 -4.75 29.40 4.01
C10 LYR D 246 -4.90 30.70 4.33
C11 LYR D 246 -4.81 31.33 5.62
C12 LYR D 246 -5.05 32.66 5.69
C13 LYR D 246 -5.20 33.55 4.50
C14 LYR D 246 -5.21 33.38 7.00
C15 LYR D 246 -5.39 32.44 8.19
C16 LYR D 246 -4.39 31.41 8.12
C17 LYR D 246 -4.52 30.52 6.89
C18 LYR D 246 -3.21 29.74 6.76
C19 LYR D 246 -5.63 29.51 7.17
N LEU D 247 -9.32 18.37 -5.66
CA LEU D 247 -9.82 17.37 -6.60
C LEU D 247 -10.67 18.06 -7.66
N VAL D 248 -11.62 18.90 -7.28
CA VAL D 248 -12.51 19.48 -8.26
C VAL D 248 -11.74 20.46 -9.14
N PHE D 249 -10.84 21.22 -8.52
CA PHE D 249 -9.95 22.10 -9.27
C PHE D 249 -9.07 21.30 -10.25
N GLY D 250 -8.59 20.13 -9.85
CA GLY D 250 -7.81 19.28 -10.72
C GLY D 250 -8.57 18.82 -11.96
N VAL D 251 -9.86 18.57 -11.81
CA VAL D 251 -10.69 18.11 -12.91
C VAL D 251 -10.98 19.29 -13.83
N ILE D 252 -11.29 20.43 -13.25
CA ILE D 252 -11.62 21.58 -14.07
C ILE D 252 -10.40 22.01 -14.87
N LEU D 253 -9.24 21.94 -14.25
CA LEU D 253 -8.00 22.39 -14.86
C LEU D 253 -7.62 21.40 -15.94
N SER D 254 -7.74 20.10 -15.66
CA SER D 254 -7.53 19.06 -16.65
C SER D 254 -8.39 19.28 -17.89
N GLN D 255 -9.57 19.83 -17.74
CA GLN D 255 -10.44 20.03 -18.86
C GLN D 255 -9.95 21.18 -19.71
N VAL D 256 -9.32 22.17 -19.10
CA VAL D 256 -8.75 23.30 -19.81
C VAL D 256 -7.45 22.86 -20.46
N ALA D 257 -6.71 22.00 -19.76
CA ALA D 257 -5.47 21.47 -20.28
C ALA D 257 -5.72 20.65 -21.54
N LEU D 258 -6.85 19.93 -21.57
CA LEU D 258 -7.21 19.09 -22.70
C LEU D 258 -7.70 19.94 -23.85
N ARG D 259 -8.36 21.04 -23.57
CA ARG D 259 -8.85 21.89 -24.62
C ARG D 259 -7.64 22.51 -25.30
N ARG D 260 -6.72 23.02 -24.51
CA ARG D 260 -5.51 23.62 -25.04
C ARG D 260 -4.76 22.55 -25.83
N SER D 261 -4.62 21.35 -25.24
CA SER D 261 -3.94 20.27 -25.91
C SER D 261 -4.52 20.07 -27.30
N ALA D 262 -5.84 19.94 -27.35
CA ALA D 262 -6.57 19.64 -28.57
C ALA D 262 -6.53 20.80 -29.55
N GLU D 263 -6.59 22.03 -29.07
CA GLU D 263 -6.44 23.19 -29.95
C GLU D 263 -5.02 23.30 -30.49
N GLU D 264 -4.08 22.53 -29.96
CA GLU D 264 -2.71 22.57 -30.44
C GLU D 264 -2.37 21.28 -31.19
N GLY D 265 -3.39 20.42 -31.37
CA GLY D 265 -3.27 19.29 -32.27
C GLY D 265 -2.89 17.97 -31.62
N PHE D 266 -2.83 17.89 -30.28
CA PHE D 266 -2.54 16.62 -29.65
C PHE D 266 -3.69 15.66 -29.94
N GLU D 267 -3.40 14.51 -30.55
CA GLU D 267 -4.46 13.64 -31.04
C GLU D 267 -5.18 12.98 -29.87
N PRO D 268 -4.47 12.43 -28.86
CA PRO D 268 -5.15 11.85 -27.70
C PRO D 268 -6.14 12.82 -27.06
N ALA D 269 -5.82 14.11 -27.07
CA ALA D 269 -6.70 15.13 -26.50
C ALA D 269 -7.88 15.40 -27.41
N ARG D 270 -7.69 15.21 -28.73
CA ARG D 270 -8.76 15.44 -29.69
C ARG D 270 -9.72 14.25 -29.73
N VAL D 271 -9.20 13.02 -29.68
CA VAL D 271 -10.05 11.83 -29.72
C VAL D 271 -10.80 11.67 -28.40
N ALA D 272 -10.44 12.49 -27.40
CA ALA D 272 -11.15 12.54 -26.12
C ALA D 272 -11.53 14.01 -25.80
N FME E 1 -27.32 9.22 17.52
CN FME E 1 -26.72 10.41 17.65
O1 FME E 1 -26.08 10.81 18.64
CA FME E 1 -27.24 8.18 18.53
CB FME E 1 -28.58 7.63 18.97
CG FME E 1 -29.60 8.69 19.32
SD FME E 1 -31.36 8.13 19.03
CE FME E 1 -32.16 9.74 19.04
C FME E 1 -26.36 7.01 18.05
O FME E 1 -26.21 6.88 16.83
N PRO E 2 -25.87 6.02 18.75
CA PRO E 2 -25.01 4.96 18.21
C PRO E 2 -25.90 4.03 17.39
N SER E 3 -25.32 3.33 16.42
CA SER E 3 -26.11 2.40 15.63
C SER E 3 -26.63 1.26 16.50
N ILE E 4 -27.67 0.59 16.02
CA ILE E 4 -28.34 -0.46 16.78
C ILE E 4 -27.42 -1.66 17.11
N GLU E 5 -26.33 -1.84 16.35
CA GLU E 5 -25.37 -2.89 16.60
C GLU E 5 -24.74 -2.79 17.98
N ASN E 6 -24.70 -1.58 18.52
CA ASN E 6 -24.03 -1.30 19.77
C ASN E 6 -24.87 -1.74 20.95
N PHE E 7 -26.11 -2.15 20.69
CA PHE E 7 -27.03 -2.40 21.78
C PHE E 7 -27.34 -3.89 21.84
N LEU E 8 -26.49 -4.72 21.22
CA LEU E 8 -26.73 -6.15 21.09
C LEU E 8 -25.45 -6.92 21.46
N ALA E 9 -25.61 -8.19 21.85
CA ALA E 9 -24.47 -9.08 21.97
C ALA E 9 -24.53 -10.13 20.88
N TYR E 10 -23.39 -10.69 20.48
CA TYR E 10 -23.37 -11.57 19.35
C TYR E 10 -22.86 -12.95 19.75
N ASP E 11 -23.44 -14.00 19.18
CA ASP E 11 -22.86 -15.32 19.23
C ASP E 11 -21.62 -15.41 18.37
N PHE E 12 -20.72 -16.34 18.65
CA PHE E 12 -19.50 -16.37 17.89
C PHE E 12 -19.83 -16.14 16.41
N TRP E 13 -20.80 -16.88 15.86
CA TRP E 13 -20.93 -16.91 14.41
C TRP E 13 -21.54 -15.62 13.90
N GLN E 14 -22.38 -14.98 14.71
CA GLN E 14 -22.96 -13.71 14.33
C GLN E 14 -21.86 -12.68 14.13
N TYR E 15 -20.97 -12.55 15.09
CA TYR E 15 -19.93 -11.56 14.97
C TYR E 15 -18.99 -11.97 13.86
N ASP E 16 -18.77 -13.28 13.73
CA ASP E 16 -17.77 -13.82 12.84
C ASP E 16 -18.19 -13.65 11.38
N VAL E 17 -19.45 -13.95 11.07
CA VAL E 17 -19.98 -13.63 9.76
C VAL E 17 -19.80 -12.16 9.39
N ILE E 18 -20.16 -11.22 10.27
CA ILE E 18 -19.99 -9.81 9.94
C ILE E 18 -18.54 -9.43 9.69
N ARG E 19 -17.56 -9.98 10.39
CA ARG E 19 -16.21 -9.54 10.12
C ARG E 19 -15.70 -10.16 8.84
N HIS E 20 -16.27 -11.32 8.49
CA HIS E 20 -15.94 -12.01 7.27
C HIS E 20 -16.51 -11.24 6.10
N LEU E 21 -17.75 -10.77 6.23
CA LEU E 21 -18.37 -9.98 5.20
C LEU E 21 -17.61 -8.69 4.96
N PHE E 22 -17.16 -8.02 6.01
CA PHE E 22 -16.49 -6.75 5.80
C PHE E 22 -15.16 -6.99 5.12
N ALA E 23 -14.53 -8.11 5.45
CA ALA E 23 -13.22 -8.38 4.92
C ALA E 23 -13.34 -8.85 3.46
N PHE E 24 -14.36 -9.63 3.16
CA PHE E 24 -14.60 -10.11 1.82
C PHE E 24 -14.79 -8.91 0.90
N SER E 25 -15.68 -8.01 1.29
CA SER E 25 -16.03 -6.84 0.52
C SER E 25 -14.79 -6.00 0.22
N THR E 26 -13.93 -5.83 1.20
CA THR E 26 -12.72 -5.07 0.98
C THR E 26 -11.92 -5.73 -0.14
N ALA E 27 -11.82 -7.05 -0.10
CA ALA E 27 -11.03 -7.79 -1.05
C ALA E 27 -11.62 -7.73 -2.45
N VAL E 28 -12.94 -7.82 -2.52
CA VAL E 28 -13.64 -7.71 -3.78
C VAL E 28 -13.33 -6.37 -4.42
N PHE E 29 -13.36 -5.29 -3.65
CA PHE E 29 -13.21 -3.98 -4.24
C PHE E 29 -11.75 -3.74 -4.58
N LEU E 30 -10.82 -4.36 -3.86
CA LEU E 30 -9.42 -4.18 -4.19
C LEU E 30 -9.07 -5.00 -5.43
N ALA E 31 -9.70 -6.16 -5.56
CA ALA E 31 -9.51 -6.97 -6.73
C ALA E 31 -10.16 -6.29 -7.94
N GLY E 32 -11.37 -5.80 -7.75
CA GLY E 32 -12.08 -4.99 -8.73
C GLY E 32 -11.22 -3.85 -9.24
N LEU E 33 -10.47 -3.21 -8.35
CA LEU E 33 -9.62 -2.10 -8.74
C LEU E 33 -8.51 -2.58 -9.64
N VAL E 34 -7.81 -3.65 -9.27
CA VAL E 34 -6.75 -4.16 -10.10
C VAL E 34 -7.33 -4.50 -11.47
N TYR E 35 -8.53 -5.04 -11.48
CA TYR E 35 -9.14 -5.49 -12.72
C TYR E 35 -9.48 -4.33 -13.65
N PHE E 36 -10.16 -3.32 -13.12
CA PHE E 36 -10.59 -2.18 -13.91
C PHE E 36 -9.37 -1.40 -14.38
N ALA E 37 -8.34 -1.32 -13.55
CA ALA E 37 -7.12 -0.64 -13.92
C ALA E 37 -6.45 -1.38 -15.07
N MET E 38 -6.49 -2.71 -15.06
CA MET E 38 -5.83 -3.49 -16.07
C MET E 38 -6.67 -3.59 -17.33
N THR E 39 -7.89 -3.09 -17.38
CA THR E 39 -8.75 -3.36 -18.51
C THR E 39 -9.27 -2.07 -19.13
N ALA E 40 -8.87 -0.93 -18.60
CA ALA E 40 -9.50 0.32 -18.98
C ALA E 40 -9.19 0.71 -20.43
N ARG E 41 -7.97 0.46 -20.91
CA ARG E 41 -7.53 0.89 -22.22
C ARG E 41 -8.19 0.11 -23.35
N THR E 42 -8.99 -0.90 -23.04
CA THR E 42 -9.60 -1.73 -24.06
C THR E 42 -10.86 -1.05 -24.55
N THR E 43 -11.25 -0.01 -23.83
CA THR E 43 -12.43 0.75 -24.16
C THR E 43 -12.02 1.91 -25.05
N ALA E 44 -12.84 2.24 -26.04
CA ALA E 44 -12.56 3.38 -26.88
C ALA E 44 -12.46 4.64 -26.04
N PRO E 45 -11.62 5.62 -26.41
CA PRO E 45 -11.47 6.85 -25.63
C PRO E 45 -12.73 7.65 -25.34
N ASN E 46 -13.78 7.48 -26.16
CA ASN E 46 -15.02 8.18 -25.91
C ASN E 46 -15.84 7.51 -24.80
N TYR E 47 -15.46 6.32 -24.36
CA TYR E 47 -16.16 5.65 -23.28
C TYR E 47 -15.24 5.37 -22.11
N ARG E 48 -13.99 5.81 -22.18
CA ARG E 48 -13.01 5.37 -21.22
C ARG E 48 -13.25 6.08 -19.89
N LEU E 49 -14.05 7.14 -19.88
CA LEU E 49 -14.36 7.82 -18.64
C LEU E 49 -15.09 6.87 -17.72
N SER E 50 -15.93 6.01 -18.29
CA SER E 50 -16.70 5.03 -17.56
C SER E 50 -15.78 3.99 -16.91
N ALA E 51 -14.82 3.51 -17.68
CA ALA E 51 -13.78 2.62 -17.21
C ALA E 51 -13.02 3.21 -16.05
N ASN E 52 -12.73 4.50 -16.15
CA ASN E 52 -11.97 5.20 -15.15
C ASN E 52 -12.79 5.38 -13.88
N ILE E 53 -14.08 5.65 -14.04
CA ILE E 53 -14.95 5.83 -12.90
C ILE E 53 -15.04 4.52 -12.11
N SER E 54 -15.08 3.40 -12.81
CA SER E 54 -15.14 2.12 -12.14
C SER E 54 -13.94 1.98 -11.20
N ALA E 55 -12.78 2.39 -11.65
CA ALA E 55 -11.62 2.28 -10.79
C ALA E 55 -11.75 3.18 -9.58
N VAL E 56 -12.31 4.38 -9.77
CA VAL E 56 -12.52 5.35 -8.71
C VAL E 56 -13.50 4.77 -7.70
N VAL E 57 -14.57 4.19 -8.17
CA VAL E 57 -15.56 3.62 -7.27
C VAL E 57 -14.97 2.46 -6.47
N MET E 58 -14.06 1.70 -7.06
CA MET E 58 -13.49 0.56 -6.36
C MET E 58 -12.63 1.04 -5.21
N VAL E 59 -11.94 2.16 -5.39
CA VAL E 59 -11.06 2.65 -4.35
C VAL E 59 -11.92 3.12 -3.19
N SER E 60 -12.92 3.92 -3.51
CA SER E 60 -13.85 4.41 -2.51
C SER E 60 -14.42 3.26 -1.68
N ALA E 61 -14.94 2.24 -2.34
CA ALA E 61 -15.66 1.18 -1.69
C ALA E 61 -14.70 0.32 -0.89
N ALA E 62 -13.48 0.12 -1.39
CA ALA E 62 -12.51 -0.64 -0.64
C ALA E 62 -12.24 0.02 0.69
N LEU E 63 -12.14 1.34 0.71
CA LEU E 63 -11.87 2.07 1.93
C LEU E 63 -13.08 2.16 2.84
N GLU E 64 -14.24 2.33 2.26
CA GLU E 64 -15.50 2.24 2.97
C GLU E 64 -15.62 0.95 3.80
N LEU E 65 -15.30 -0.18 3.19
CA LEU E 65 -15.52 -1.45 3.80
C LEU E 65 -14.37 -1.79 4.72
N GLY E 66 -13.17 -1.29 4.42
CA GLY E 66 -12.04 -1.48 5.30
C GLY E 66 -12.23 -0.78 6.65
N GLN E 67 -12.79 0.42 6.62
N GLN E 67 -12.78 0.43 6.61
CA GLN E 67 -13.05 1.17 7.83
CA GLN E 67 -13.05 1.18 7.82
C GLN E 67 -14.07 0.45 8.71
C GLN E 67 -14.04 0.41 8.70
N LEU E 68 -15.10 -0.10 8.07
CA LEU E 68 -16.12 -0.83 8.79
C LEU E 68 -15.54 -2.08 9.40
N TRP E 69 -14.66 -2.74 8.67
CA TRP E 69 -14.01 -3.94 9.12
C TRP E 69 -13.19 -3.64 10.38
N LEU E 70 -12.38 -2.59 10.31
CA LEU E 70 -11.64 -2.12 11.44
C LEU E 70 -12.50 -1.78 12.65
N LEU E 71 -13.55 -1.02 12.45
CA LEU E 71 -14.31 -0.52 13.56
C LEU E 71 -15.10 -1.68 14.20
N TRP E 72 -15.55 -2.63 13.39
CA TRP E 72 -16.23 -3.80 13.89
C TRP E 72 -15.32 -4.61 14.79
N ASN E 73 -14.05 -4.69 14.41
CA ASN E 73 -13.10 -5.44 15.18
C ASN E 73 -12.83 -4.73 16.49
N GLU E 74 -12.92 -3.41 16.50
CA GLU E 74 -12.48 -2.62 17.61
C GLU E 74 -13.57 -2.46 18.63
N SER E 75 -14.80 -2.63 18.21
CA SER E 75 -15.92 -2.15 18.97
C SER E 75 -16.49 -3.24 19.88
N PHE E 76 -16.11 -4.49 19.66
CA PHE E 76 -16.72 -5.60 20.37
C PHE E 76 -15.57 -6.52 20.77
N GLN E 77 -15.72 -7.25 21.86
CA GLN E 77 -14.67 -8.16 22.27
C GLN E 77 -15.33 -9.41 22.82
N TRP E 78 -14.59 -10.51 22.80
CA TRP E 78 -15.14 -11.77 23.30
C TRP E 78 -15.32 -11.70 24.80
N ALA E 79 -16.38 -12.32 25.29
CA ALA E 79 -16.60 -12.47 26.72
C ALA E 79 -16.91 -13.92 26.99
N GLU E 80 -15.93 -14.69 27.47
CA GLU E 80 -16.09 -16.13 27.64
C GLU E 80 -17.22 -16.47 28.61
N LEU E 81 -17.41 -15.69 29.68
CA LEU E 81 -18.48 -16.00 30.61
C LEU E 81 -19.85 -15.88 29.94
N GLN E 82 -20.03 -14.89 29.06
CA GLN E 82 -21.27 -14.72 28.33
C GLN E 82 -21.26 -15.59 27.06
N GLY E 83 -20.08 -15.96 26.59
CA GLY E 83 -19.91 -16.68 25.35
C GLY E 83 -20.41 -15.85 24.18
N SER E 84 -20.06 -14.56 24.19
CA SER E 84 -20.61 -13.59 23.27
C SER E 84 -19.56 -12.56 22.94
N PHE E 85 -19.67 -11.94 21.77
CA PHE E 85 -18.95 -10.71 21.53
C PHE E 85 -19.83 -9.61 22.06
N VAL E 86 -19.25 -8.69 22.83
CA VAL E 86 -20.01 -7.68 23.54
C VAL E 86 -19.30 -6.37 23.28
N PRO E 87 -19.99 -5.23 23.40
CA PRO E 87 -19.38 -3.92 23.18
C PRO E 87 -18.20 -3.70 24.12
N VAL E 88 -17.14 -3.04 23.63
CA VAL E 88 -16.07 -2.55 24.48
C VAL E 88 -16.45 -1.18 25.04
N ALA E 89 -15.70 -0.72 26.05
CA ALA E 89 -16.08 0.46 26.82
C ALA E 89 -15.92 1.75 26.02
N GLY E 90 -14.81 1.93 25.31
CA GLY E 90 -14.51 3.24 24.78
C GLY E 90 -14.67 3.35 23.27
N GLU E 91 -15.31 2.36 22.66
CA GLU E 91 -15.50 2.43 21.22
C GLU E 91 -16.97 2.19 20.97
N ARG E 92 -17.54 2.85 19.95
CA ARG E 92 -18.90 2.59 19.51
C ARG E 92 -18.92 2.41 18.00
N PHE E 93 -19.65 1.41 17.49
CA PHE E 93 -19.64 1.12 16.06
C PHE E 93 -20.63 2.03 15.36
N SER E 94 -20.34 2.31 14.09
CA SER E 94 -21.21 3.16 13.29
C SER E 94 -21.34 2.55 11.91
N ASN E 95 -22.57 2.41 11.43
CA ASN E 95 -22.80 1.98 10.07
C ASN E 95 -22.69 3.19 9.13
N GLY E 96 -22.68 4.41 9.68
CA GLY E 96 -22.61 5.65 8.94
C GLY E 96 -21.30 5.88 8.23
N TYR E 97 -20.30 5.06 8.47
CA TYR E 97 -19.11 5.19 7.65
C TYR E 97 -19.40 4.90 6.17
N ARG E 98 -20.42 4.07 5.89
CA ARG E 98 -20.69 3.71 4.51
C ARG E 98 -21.36 4.89 3.80
N TYR E 99 -22.24 5.59 4.48
CA TYR E 99 -22.98 6.68 3.90
C TYR E 99 -22.08 7.73 3.27
N MET E 100 -21.01 8.11 3.95
CA MET E 100 -20.22 9.25 3.52
C MET E 100 -19.50 8.89 2.21
N ASN E 101 -19.05 7.64 2.08
CA ASN E 101 -18.40 7.20 0.84
C ASN E 101 -19.37 7.12 -0.33
N TRP E 102 -20.65 6.93 -0.05
CA TRP E 102 -21.68 6.94 -1.08
C TRP E 102 -21.71 8.29 -1.80
N LEU E 103 -21.27 9.36 -1.15
CA LEU E 103 -21.23 10.65 -1.82
C LEU E 103 -20.29 10.56 -3.01
N ILE E 104 -19.35 9.62 -3.00
CA ILE E 104 -18.53 9.37 -4.18
C ILE E 104 -19.24 8.37 -5.09
N ASP E 105 -19.57 7.22 -4.54
CA ASP E 105 -20.08 6.08 -5.28
C ASP E 105 -21.34 6.47 -6.05
N VAL E 106 -22.33 7.07 -5.40
CA VAL E 106 -23.65 7.07 -6.01
C VAL E 106 -23.61 7.91 -7.28
N PRO E 107 -23.11 9.16 -7.22
CA PRO E 107 -23.09 10.02 -8.40
C PRO E 107 -22.16 9.52 -9.48
N MET E 108 -21.07 8.87 -9.09
CA MET E 108 -20.13 8.29 -10.02
C MET E 108 -20.73 7.09 -10.77
N LEU E 109 -21.42 6.18 -10.08
CA LEU E 109 -22.08 5.06 -10.73
C LEU E 109 -23.17 5.54 -11.66
N ALA E 110 -23.87 6.59 -11.33
CA ALA E 110 -24.94 7.04 -12.20
C ALA E 110 -24.32 7.80 -13.39
N THR E 111 -23.15 8.40 -13.19
CA THR E 111 -22.52 9.17 -14.25
C THR E 111 -21.98 8.22 -15.30
N GLN E 112 -21.35 7.12 -14.88
CA GLN E 112 -20.78 6.20 -15.85
C GLN E 112 -21.87 5.54 -16.71
N LEU E 113 -23.09 5.43 -16.22
CA LEU E 113 -24.17 4.96 -17.08
C LEU E 113 -24.52 6.01 -18.16
N VAL E 114 -24.51 7.28 -17.79
CA VAL E 114 -24.77 8.37 -18.71
C VAL E 114 -23.63 8.52 -19.74
N VAL E 115 -22.40 8.28 -19.31
CA VAL E 115 -21.29 8.23 -20.23
C VAL E 115 -21.47 7.12 -21.29
N VAL E 116 -21.90 5.93 -20.89
CA VAL E 116 -22.03 4.84 -21.84
C VAL E 116 -23.29 5.03 -22.67
N CYS E 117 -24.22 5.85 -22.22
CA CYS E 117 -25.39 6.15 -23.02
C CYS E 117 -25.02 7.09 -24.16
N GLY E 118 -23.87 7.76 -24.02
CA GLY E 118 -23.35 8.56 -25.09
C GLY E 118 -23.40 10.06 -24.88
N PHE E 119 -23.87 10.52 -23.73
CA PHE E 119 -23.93 11.95 -23.48
C PHE E 119 -22.49 12.48 -23.35
N VAL E 120 -22.25 13.64 -23.94
CA VAL E 120 -20.93 14.25 -23.85
C VAL E 120 -21.09 15.74 -23.61
N GLY E 121 -20.02 16.37 -23.15
CA GLY E 121 -20.02 17.81 -23.09
C GLY E 121 -20.99 18.36 -22.06
N THR E 122 -21.76 19.37 -22.44
CA THR E 122 -22.60 20.03 -21.46
C THR E 122 -23.72 19.08 -21.05
N GLU E 123 -24.20 18.30 -22.01
CA GLU E 123 -25.26 17.35 -21.73
C GLU E 123 -24.77 16.31 -20.73
N LEU E 124 -23.50 15.95 -20.78
CA LEU E 124 -22.98 15.09 -19.75
C LEU E 124 -22.90 15.86 -18.45
N ARG E 125 -22.39 17.09 -18.51
CA ARG E 125 -22.19 17.88 -17.30
C ARG E 125 -23.52 18.19 -16.66
N ASN E 126 -24.52 18.48 -17.47
CA ASN E 126 -25.81 18.80 -16.94
C ASN E 126 -26.37 17.65 -16.14
N ARG E 127 -26.26 16.45 -16.68
CA ARG E 127 -26.78 15.27 -16.04
C ARG E 127 -25.94 14.97 -14.81
N TRP E 128 -24.65 15.16 -14.89
CA TRP E 128 -23.79 14.87 -13.77
C TRP E 128 -24.12 15.77 -12.58
N ALA E 129 -24.44 17.02 -12.89
CA ALA E 129 -24.78 17.99 -11.88
C ALA E 129 -26.11 17.61 -11.24
N LYS E 130 -27.14 17.30 -12.05
CA LYS E 130 -28.42 16.92 -11.48
C LYS E 130 -28.29 15.66 -10.62
N LEU E 131 -27.55 14.70 -11.11
CA LEU E 131 -27.37 13.45 -10.41
C LEU E 131 -26.60 13.65 -9.12
N THR E 132 -25.63 14.55 -9.11
CA THR E 132 -24.81 14.79 -7.92
C THR E 132 -25.64 15.56 -6.90
N ILE E 133 -26.47 16.47 -7.33
CA ILE E 133 -27.32 17.15 -6.38
C ILE E 133 -28.31 16.16 -5.80
N ALA E 134 -29.04 15.45 -6.65
CA ALA E 134 -30.03 14.49 -6.20
C ALA E 134 -29.37 13.41 -5.33
N GLY E 135 -28.14 12.99 -5.67
CA GLY E 135 -27.51 11.93 -4.94
C GLY E 135 -26.98 12.39 -3.61
N VAL E 136 -26.38 13.58 -3.58
CA VAL E 136 -25.89 14.14 -2.33
C VAL E 136 -27.05 14.38 -1.37
N LEU E 137 -28.18 14.85 -1.85
CA LEU E 137 -29.29 15.15 -0.95
C LEU E 137 -29.95 13.87 -0.46
N MET E 138 -29.91 12.82 -1.27
CA MET E 138 -30.48 11.56 -0.86
C MET E 138 -29.59 11.00 0.25
N ILE E 139 -28.27 11.06 0.07
CA ILE E 139 -27.37 10.46 1.03
C ILE E 139 -27.34 11.25 2.33
N LEU E 140 -27.39 12.57 2.27
CA LEU E 140 -27.30 13.34 3.49
C LEU E 140 -28.62 13.32 4.26
N THR E 141 -29.76 13.23 3.60
CA THR E 141 -30.99 13.05 4.36
C THR E 141 -31.12 11.65 4.99
N GLY E 142 -30.47 10.65 4.41
CA GLY E 142 -30.52 9.32 4.99
C GLY E 142 -29.49 9.17 6.09
N TYR E 143 -28.39 9.90 6.00
CA TYR E 143 -27.40 9.90 7.04
C TYR E 143 -27.99 10.50 8.31
N VAL E 144 -28.82 11.52 8.15
CA VAL E 144 -29.37 12.14 9.33
C VAL E 144 -30.28 11.14 9.96
N GLY E 145 -31.11 10.48 9.15
CA GLY E 145 -32.11 9.55 9.66
C GLY E 145 -31.50 8.36 10.38
N GLN E 146 -30.35 7.87 9.91
CA GLN E 146 -29.78 6.68 10.49
C GLN E 146 -29.14 7.00 11.84
N TYR E 147 -29.08 8.27 12.23
CA TYR E 147 -28.63 8.65 13.57
C TYR E 147 -29.78 8.47 14.57
N PHE E 148 -30.94 7.97 14.14
CA PHE E 148 -32.07 7.86 15.06
C PHE E 148 -32.55 6.42 15.19
N GLU E 149 -31.68 5.45 14.97
CA GLU E 149 -32.16 4.08 14.85
C GLU E 149 -32.28 3.36 16.20
N PRO E 150 -31.58 3.70 17.31
CA PRO E 150 -31.93 3.17 18.61
C PRO E 150 -33.32 3.60 19.04
N ALA E 151 -33.76 4.76 18.53
CA ALA E 151 -35.04 5.33 18.87
C ALA E 151 -36.15 4.59 18.16
N VAL E 152 -35.92 4.25 16.89
CA VAL E 152 -36.95 3.60 16.10
C VAL E 152 -37.01 2.15 16.51
N ALA E 153 -35.88 1.59 16.98
CA ALA E 153 -35.75 0.22 17.44
C ALA E 153 -36.34 0.04 18.84
N GLY E 154 -36.71 1.14 19.50
CA GLY E 154 -37.31 1.08 20.81
C GLY E 154 -36.33 0.79 21.95
N VAL E 155 -35.02 0.92 21.72
CA VAL E 155 -34.03 0.85 22.79
C VAL E 155 -34.41 1.91 23.82
N PRO E 156 -34.59 1.56 25.11
CA PRO E 156 -35.09 2.52 26.10
C PRO E 156 -34.13 3.69 26.33
N GLY E 157 -34.71 4.89 26.38
CA GLY E 157 -33.97 6.11 26.65
C GLY E 157 -33.49 6.81 25.38
N TYR E 158 -34.08 6.45 24.24
CA TYR E 158 -33.75 7.08 22.98
C TYR E 158 -35.07 7.55 22.37
N GLU E 159 -35.13 8.82 21.96
CA GLU E 159 -36.34 9.37 21.39
C GLU E 159 -36.05 9.95 20.01
N GLY E 160 -37.10 10.15 19.20
CA GLY E 160 -36.97 10.75 17.88
C GLY E 160 -37.12 9.70 16.80
N ALA E 161 -38.01 8.73 17.05
CA ALA E 161 -38.28 7.70 16.09
C ALA E 161 -38.85 8.32 14.84
N GLU E 162 -39.63 9.39 14.99
CA GLU E 162 -40.24 10.05 13.85
C GLU E 162 -39.18 10.66 12.95
N GLN E 163 -38.03 11.04 13.49
CA GLN E 163 -36.98 11.62 12.67
C GLN E 163 -36.50 10.57 11.68
N PHE E 164 -36.50 9.31 12.10
CA PHE E 164 -36.06 8.24 11.21
C PHE E 164 -36.98 8.10 9.99
N TRP E 165 -38.26 8.29 10.21
CA TRP E 165 -39.25 8.21 9.16
C TRP E 165 -39.15 9.41 8.24
N ILE E 166 -39.14 10.59 8.82
CA ILE E 166 -39.14 11.81 8.04
C ILE E 166 -37.94 11.84 7.13
N TRP E 167 -36.76 11.59 7.67
CA TRP E 167 -35.55 11.74 6.89
C TRP E 167 -35.40 10.64 5.86
N GLY E 168 -35.94 9.47 6.13
CA GLY E 168 -35.90 8.37 5.17
C GLY E 168 -36.85 8.62 4.00
N ILE E 169 -37.99 9.23 4.27
CA ILE E 169 -38.95 9.50 3.21
C ILE E 169 -38.44 10.63 2.31
N ILE E 170 -37.87 11.69 2.89
CA ILE E 170 -37.22 12.69 2.07
C ILE E 170 -36.12 12.05 1.22
N SER E 171 -35.33 11.15 1.81
CA SER E 171 -34.26 10.54 1.05
C SER E 171 -34.83 9.76 -0.11
N THR E 172 -35.99 9.15 0.07
CA THR E 172 -36.61 8.36 -0.96
C THR E 172 -37.07 9.23 -2.13
N ALA E 173 -37.45 10.47 -1.86
CA ALA E 173 -37.87 11.34 -2.95
C ALA E 173 -36.70 11.69 -3.84
N PHE E 174 -35.54 11.98 -3.27
CA PHE E 174 -34.38 12.29 -4.08
C PHE E 174 -33.93 11.05 -4.83
N PHE E 175 -34.25 9.86 -4.33
CA PHE E 175 -33.92 8.61 -5.00
C PHE E 175 -34.76 8.45 -6.25
N VAL E 176 -36.05 8.71 -6.15
CA VAL E 176 -36.93 8.70 -7.30
C VAL E 176 -36.49 9.71 -8.35
N TRP E 177 -36.07 10.90 -7.91
CA TRP E 177 -35.56 11.87 -8.84
C TRP E 177 -34.32 11.34 -9.57
N MET E 178 -33.34 10.81 -8.87
CA MET E 178 -32.21 10.24 -9.57
C MET E 178 -32.65 9.22 -10.61
N LEU E 179 -33.60 8.37 -10.27
CA LEU E 179 -33.97 7.28 -11.15
C LEU E 179 -34.66 7.85 -12.39
N LEU E 180 -35.39 8.94 -12.23
CA LEU E 180 -36.04 9.55 -13.38
C LEU E 180 -35.00 10.16 -14.33
N ILE E 181 -33.92 10.70 -13.78
CA ILE E 181 -32.88 11.29 -14.58
C ILE E 181 -32.23 10.18 -15.40
N LEU E 182 -31.88 9.09 -14.75
CA LEU E 182 -31.23 7.98 -15.41
C LEU E 182 -32.17 7.29 -16.38
N ALA E 183 -33.46 7.26 -16.08
CA ALA E 183 -34.38 6.57 -16.95
C ALA E 183 -34.51 7.35 -18.25
N ASN E 184 -34.33 8.67 -18.18
CA ASN E 184 -34.46 9.51 -19.34
C ASN E 184 -33.21 9.39 -20.21
N ALA E 185 -32.07 9.07 -19.58
CA ALA E 185 -30.81 8.91 -20.27
C ALA E 185 -30.81 7.60 -21.04
N VAL E 186 -31.30 6.52 -20.46
CA VAL E 186 -31.16 5.21 -21.09
C VAL E 186 -32.26 5.06 -22.13
N ARG E 187 -33.31 5.87 -22.03
CA ARG E 187 -34.38 5.80 -23.01
C ARG E 187 -34.02 6.66 -24.21
N ASN E 188 -33.03 7.53 -24.05
CA ASN E 188 -32.61 8.43 -25.11
C ASN E 188 -31.11 8.36 -25.25
N PRO E 189 -30.57 7.17 -25.58
CA PRO E 189 -29.12 7.04 -25.77
C PRO E 189 -28.70 7.84 -26.99
N GLN E 190 -27.41 8.16 -27.06
CA GLN E 190 -26.86 9.05 -28.05
C GLN E 190 -25.89 8.25 -28.91
N GLY E 191 -25.66 8.68 -30.14
CA GLY E 191 -24.63 8.09 -30.97
C GLY E 191 -25.14 6.90 -31.78
N ALA E 192 -26.46 6.88 -32.02
CA ALA E 192 -27.07 5.87 -32.87
C ALA E 192 -26.65 4.47 -32.42
N PRO E 193 -27.06 4.04 -31.20
CA PRO E 193 -26.72 2.69 -30.73
C PRO E 193 -27.50 1.60 -31.49
N SER E 194 -26.89 0.41 -31.56
CA SER E 194 -27.56 -0.83 -31.97
C SER E 194 -28.75 -1.12 -31.05
N ASP E 195 -29.65 -1.99 -31.50
CA ASP E 195 -30.76 -2.46 -30.68
C ASP E 195 -30.23 -3.35 -29.57
N GLU E 196 -29.07 -3.96 -29.78
CA GLU E 196 -28.46 -4.75 -28.75
C GLU E 196 -27.91 -3.82 -27.68
N VAL E 197 -27.31 -2.71 -28.11
CA VAL E 197 -26.78 -1.76 -27.17
C VAL E 197 -27.94 -1.10 -26.43
N ARG E 198 -29.04 -0.84 -27.14
CA ARG E 198 -30.18 -0.21 -26.52
C ARG E 198 -30.74 -1.09 -25.41
N SER E 199 -30.87 -2.38 -25.67
CA SER E 199 -31.40 -3.32 -24.71
C SER E 199 -30.50 -3.43 -23.49
N ARG E 200 -29.20 -3.36 -23.72
CA ARG E 200 -28.27 -3.62 -22.68
C ARG E 200 -28.19 -2.40 -21.78
N LEU E 201 -28.47 -1.23 -22.34
CA LEU E 201 -28.50 -0.02 -21.56
C LEU E 201 -29.72 -0.06 -20.65
N LYS E 202 -30.84 -0.50 -21.20
CA LYS E 202 -32.05 -0.63 -20.42
C LYS E 202 -31.84 -1.64 -19.30
N PHE E 203 -31.10 -2.71 -19.56
CA PHE E 203 -30.84 -3.72 -18.55
C PHE E 203 -29.99 -3.13 -17.43
N CYS E 204 -28.98 -2.36 -17.77
CA CYS E 204 -28.14 -1.72 -16.80
C CYS E 204 -28.95 -0.80 -15.88
N PHE E 205 -29.99 -0.16 -16.43
CA PHE E 205 -30.82 0.71 -15.62
C PHE E 205 -31.54 -0.09 -14.55
N TRP E 206 -32.28 -1.12 -14.95
CA TRP E 206 -32.98 -2.00 -14.04
C TRP E 206 -32.05 -2.74 -13.08
N PHE E 207 -30.85 -3.08 -13.50
CA PHE E 207 -29.92 -3.67 -12.58
C PHE E 207 -29.59 -2.69 -11.47
N LEU E 208 -29.31 -1.42 -11.82
CA LEU E 208 -29.02 -0.32 -10.92
C LEU E 208 -30.22 -0.16 -10.00
N LEU E 209 -31.41 -0.08 -10.56
CA LEU E 209 -32.58 0.18 -9.75
C LEU E 209 -32.81 -0.92 -8.72
N ALA E 210 -32.69 -2.18 -9.14
CA ALA E 210 -32.86 -3.31 -8.25
C ALA E 210 -31.81 -3.33 -7.15
N THR E 211 -30.55 -3.16 -7.51
CA THR E 211 -29.53 -3.27 -6.51
C THR E 211 -29.56 -2.09 -5.56
N TRP E 212 -29.91 -0.89 -6.06
CA TRP E 212 -29.96 0.31 -5.25
C TRP E 212 -31.16 0.30 -4.30
N SER E 213 -32.17 -0.49 -4.64
CA SER E 213 -33.36 -0.59 -3.82
C SER E 213 -33.13 -1.38 -2.53
N ILE E 214 -32.01 -2.09 -2.48
CA ILE E 214 -31.70 -2.89 -1.31
C ILE E 214 -31.34 -1.97 -0.17
N TYR E 215 -30.71 -0.84 -0.47
CA TYR E 215 -30.17 0.05 0.54
C TYR E 215 -31.28 0.58 1.43
N PRO E 216 -32.38 1.14 0.88
CA PRO E 216 -33.49 1.55 1.71
C PRO E 216 -34.03 0.46 2.65
N PHE E 217 -33.90 -0.81 2.26
N PHE E 217 -33.90 -0.80 2.25
CA PHE E 217 -34.34 -1.90 3.10
CA PHE E 217 -34.34 -1.90 3.08
C PHE E 217 -33.36 -2.11 4.24
C PHE E 217 -33.37 -2.09 4.23
N ALA E 218 -32.06 -2.00 3.96
CA ALA E 218 -31.07 -2.13 5.01
C ALA E 218 -31.25 -1.02 6.04
N TYR E 219 -31.64 0.17 5.57
CA TYR E 219 -31.91 1.33 6.40
C TYR E 219 -33.07 1.02 7.34
N ALA E 220 -34.11 0.37 6.85
CA ALA E 220 -35.28 0.11 7.65
C ALA E 220 -35.17 -1.11 8.55
N MET E 221 -34.08 -1.86 8.51
CA MET E 221 -33.94 -3.08 9.31
C MET E 221 -34.14 -2.84 10.80
N PRO E 222 -33.54 -1.79 11.43
CA PRO E 222 -33.77 -1.52 12.84
C PRO E 222 -35.23 -1.50 13.24
N LEU E 223 -36.09 -1.25 12.28
CA LEU E 223 -37.50 -1.13 12.54
C LEU E 223 -38.14 -2.51 12.48
N PHE E 224 -37.62 -3.40 11.65
CA PHE E 224 -38.20 -4.73 11.49
C PHE E 224 -37.59 -5.72 12.48
N ALA E 225 -36.28 -5.79 12.50
CA ALA E 225 -35.56 -6.75 13.30
C ALA E 225 -34.41 -6.10 14.06
N PRO E 226 -34.66 -5.39 15.18
CA PRO E 226 -33.59 -4.82 15.99
C PRO E 226 -32.94 -5.88 16.91
N THR E 227 -32.32 -6.88 16.29
CA THR E 227 -31.79 -8.06 16.97
C THR E 227 -30.49 -8.48 16.32
N ALA E 228 -29.76 -9.42 16.89
CA ALA E 228 -28.44 -9.72 16.35
C ALA E 228 -28.55 -10.53 15.05
N ASP E 229 -29.67 -11.25 14.89
CA ASP E 229 -29.95 -11.92 13.64
C ASP E 229 -30.33 -10.90 12.57
N GLY E 230 -31.10 -9.88 12.96
CA GLY E 230 -31.36 -8.74 12.09
C GLY E 230 -30.08 -8.03 11.66
N VAL E 231 -29.11 -7.92 12.55
CA VAL E 231 -27.90 -7.19 12.24
C VAL E 231 -27.11 -7.99 11.23
N VAL E 232 -27.18 -9.32 11.33
CA VAL E 232 -26.44 -10.18 10.44
C VAL E 232 -27.08 -10.10 9.06
N VAL E 233 -28.41 -10.22 9.01
CA VAL E 233 -29.11 -10.12 7.75
C VAL E 233 -28.83 -8.78 7.07
N ARG E 234 -28.86 -7.69 7.82
CA ARG E 234 -28.59 -6.38 7.28
C ARG E 234 -27.20 -6.32 6.64
N GLN E 235 -26.18 -6.82 7.30
CA GLN E 235 -24.86 -6.74 6.73
C GLN E 235 -24.72 -7.70 5.54
N VAL E 236 -25.47 -8.80 5.58
CA VAL E 236 -25.50 -9.70 4.44
C VAL E 236 -26.07 -8.98 3.24
N ILE E 237 -27.17 -8.26 3.40
CA ILE E 237 -27.79 -7.64 2.25
C ILE E 237 -27.00 -6.41 1.79
N TYR E 238 -26.38 -5.67 2.70
CA TYR E 238 -25.43 -4.65 2.28
C TYR E 238 -24.31 -5.25 1.43
N THR E 239 -23.87 -6.47 1.70
CA THR E 239 -22.73 -7.03 1.00
C THR E 239 -23.17 -7.40 -0.41
N VAL E 240 -24.37 -7.95 -0.49
CA VAL E 240 -24.88 -8.29 -1.78
C VAL E 240 -25.07 -7.02 -2.58
N ALA E 241 -25.68 -6.00 -1.98
CA ALA E 241 -25.93 -4.73 -2.63
C ALA E 241 -24.64 -4.04 -3.05
N ASP E 242 -23.62 -4.04 -2.20
CA ASP E 242 -22.40 -3.35 -2.52
C ASP E 242 -21.73 -4.01 -3.71
N VAL E 243 -21.59 -5.33 -3.68
CA VAL E 243 -20.87 -6.04 -4.71
C VAL E 243 -21.64 -5.91 -6.02
N SER E 244 -22.96 -6.06 -5.97
CA SER E 244 -23.77 -5.92 -7.15
C SER E 244 -23.72 -4.51 -7.75
N SER E 245 -23.98 -3.51 -6.92
CA SER E 245 -24.24 -2.17 -7.38
C SER E 245 -22.95 -1.55 -7.89
N LYR E 246 -21.80 -2.06 -7.45
CA LYR E 246 -20.55 -1.41 -7.80
C LYR E 246 -19.69 -2.27 -8.72
O LYR E 246 -19.31 -1.77 -9.77
CB LYR E 246 -19.76 -1.05 -6.56
CG LYR E 246 -20.47 -0.09 -5.63
CD LYR E 246 -19.63 0.27 -4.45
CE LYR E 246 -20.40 0.11 -3.14
NZ LYR E 246 -21.13 1.32 -2.78
C1 LYR E 246 -22.31 1.47 -3.58
C2 LYR E 246 -23.30 2.41 -2.92
C3 LYR E 246 -24.59 2.62 -3.34
C4 LYR E 246 -25.09 2.20 -4.68
C5 LYR E 246 -25.51 3.27 -2.47
C6 LYR E 246 -26.83 3.56 -2.68
C7 LYR E 246 -27.61 4.14 -1.73
C80 LYR E 246 -29.01 4.42 -1.78
C8 LYR E 246 -29.75 4.12 -3.10
C9 LYR E 246 -29.63 4.95 -0.60
C10 LYR E 246 -30.95 5.25 -0.50
C11 LYR E 246 -31.69 5.62 0.68
C12 LYR E 246 -33.02 5.81 0.54
C13 LYR E 246 -33.74 5.84 -0.78
C14 LYR E 246 -33.94 5.97 1.72
C15 LYR E 246 -33.29 5.57 3.04
C16 LYR E 246 -31.99 6.20 3.13
C17 LYR E 246 -31.02 5.72 2.04
C18 LYR E 246 -29.86 6.71 2.02
C19 LYR E 246 -30.48 4.37 2.51
N LEU E 247 -19.36 -3.50 -8.31
CA LEU E 247 -18.45 -4.34 -9.07
C LEU E 247 -19.22 -5.01 -10.21
N VAL E 248 -20.36 -5.62 -9.95
CA VAL E 248 -21.05 -6.35 -11.00
C VAL E 248 -21.59 -5.38 -12.03
N PHE E 249 -22.10 -4.24 -11.56
CA PHE E 249 -22.55 -3.18 -12.45
C PHE E 249 -21.38 -2.66 -13.32
N GLY E 250 -20.18 -2.55 -12.74
CA GLY E 250 -19.00 -2.13 -13.48
C GLY E 250 -18.64 -3.07 -14.62
N VAL E 251 -18.84 -4.37 -14.41
CA VAL E 251 -18.51 -5.37 -15.40
C VAL E 251 -19.58 -5.35 -16.48
N ILE E 252 -20.83 -5.25 -16.10
CA ILE E 252 -21.89 -5.26 -17.08
C ILE E 252 -21.78 -4.02 -17.96
N LEU E 253 -21.43 -2.90 -17.36
CA LEU E 253 -21.38 -1.63 -18.06
C LEU E 253 -20.18 -1.64 -18.98
N SER E 254 -19.04 -2.16 -18.49
CA SER E 254 -17.86 -2.35 -19.31
C SER E 254 -18.15 -3.17 -20.55
N GLN E 255 -19.07 -4.12 -20.46
CA GLN E 255 -19.38 -4.95 -21.59
C GLN E 255 -20.17 -4.19 -22.62
N VAL E 256 -20.98 -3.23 -22.19
CA VAL E 256 -21.76 -2.40 -23.09
C VAL E 256 -20.83 -1.35 -23.67
N ALA E 257 -19.90 -0.86 -22.86
CA ALA E 257 -18.93 0.11 -23.31
C ALA E 257 -18.06 -0.47 -24.42
N LEU E 258 -17.74 -1.77 -24.32
CA LEU E 258 -16.91 -2.45 -25.28
C LEU E 258 -17.68 -2.73 -26.55
N ARG E 259 -18.96 -2.98 -26.43
CA ARG E 259 -19.76 -3.26 -27.60
C ARG E 259 -19.86 -1.97 -28.40
N ARG E 260 -20.16 -0.87 -27.71
CA ARG E 260 -20.26 0.41 -28.37
C ARG E 260 -18.89 0.74 -28.98
N SER E 261 -17.82 0.53 -28.21
CA SER E 261 -16.49 0.79 -28.71
C SER E 261 -16.29 0.08 -30.04
N ALA E 262 -16.59 -1.22 -30.05
CA ALA E 262 -16.36 -2.09 -31.18
C ALA E 262 -17.29 -1.74 -32.33
N GLU E 263 -18.54 -1.39 -32.06
CA GLU E 263 -19.44 -0.95 -33.11
C GLU E 263 -19.02 0.39 -33.71
N GLU E 264 -18.08 1.10 -33.06
CA GLU E 264 -17.60 2.37 -33.58
C GLU E 264 -16.18 2.23 -34.12
N GLY E 265 -15.67 0.99 -34.14
CA GLY E 265 -14.44 0.69 -34.85
C GLY E 265 -13.18 0.68 -33.99
N PHE E 266 -13.29 0.80 -32.66
CA PHE E 266 -12.10 0.73 -31.85
C PHE E 266 -11.52 -0.68 -31.95
N GLU E 267 -10.26 -0.81 -32.39
CA GLU E 267 -9.72 -2.12 -32.72
C GLU E 267 -9.50 -2.93 -31.44
N PRO E 268 -8.90 -2.36 -30.37
CA PRO E 268 -8.75 -3.11 -29.12
C PRO E 268 -10.06 -3.70 -28.62
N ALA E 269 -11.17 -2.99 -28.84
CA ALA E 269 -12.48 -3.46 -28.42
C ALA E 269 -12.99 -4.56 -29.35
N ARG E 270 -12.56 -4.53 -30.61
CA ARG E 270 -12.97 -5.54 -31.58
C ARG E 270 -12.17 -6.83 -31.42
N VAL E 271 -10.86 -6.72 -31.18
CA VAL E 271 -10.01 -7.90 -31.02
C VAL E 271 -10.29 -8.57 -29.67
N ALA E 272 -11.09 -7.90 -28.82
CA ALA E 272 -11.55 -8.47 -27.56
C ALA E 272 -13.09 -8.34 -27.47
C1 LFA F . -1.39 -31.11 -4.43
C2 LFA F . -0.20 -30.45 -5.11
C3 LFA F . 0.26 -31.11 -6.40
C4 LFA F . -0.79 -31.35 -7.48
C5 LFA F . -0.49 -32.53 -8.38
C6 LFA F . -1.44 -32.71 -9.54
C7 LFA F . -1.17 -33.92 -10.40
C8 LFA F . -2.00 -34.01 -11.66
C9 LFA F . -1.79 -35.30 -12.44
C10 LFA F . -2.39 -35.39 -13.84
C1 LFA G . -24.38 -15.24 -4.89
C2 LFA G . -23.97 -15.06 -6.34
C3 LFA G . -24.63 -15.99 -7.34
C4 LFA G . -24.42 -15.52 -8.77
C5 LFA G . -25.22 -16.28 -9.80
C6 LFA G . -25.31 -15.60 -11.15
C7 LFA G . -26.44 -16.10 -11.97
C8 LFA G . -26.57 -15.46 -13.32
C9 LFA G . -27.68 -16.07 -14.19
C10 LFA G . -27.57 -15.77 -15.70
C9 LFA H . 4.51 -24.84 0.44
C10 LFA H . 3.76 -24.63 -0.87
C11 LFA H . 3.67 -25.87 -1.74
C12 LFA H . 3.45 -25.61 -3.21
C13 LFA H . 3.65 -26.86 -4.07
C14 LFA H . 3.90 -26.54 -5.53
C15 LFA H . 3.73 -27.72 -6.48
C16 LFA H . 4.22 -27.46 -7.87
C17 LFA H . 3.94 -28.57 -8.85
C18 LFA H . 4.34 -28.21 -10.26
C19 LFA H . 4.31 -29.33 -11.28
C20 LFA H . 2.94 -29.91 -11.48
C14 LFA I . 3.80 -34.96 15.18
C15 LFA I . 3.97 -33.64 14.43
C16 LFA I . 2.86 -33.29 13.44
C17 LFA I . 3.08 -32.00 12.67
C18 LFA I . 4.34 -31.98 11.83
C19 LFA I . 4.45 -30.83 10.86
C20 LFA I . 3.47 -30.90 9.70
C14 LFA J . -28.10 -21.90 7.67
C15 LFA J . -28.23 -20.60 6.86
C16 LFA J . -27.27 -20.44 5.65
C17 LFA J . -27.43 -21.48 4.54
C18 LFA J . -26.46 -21.32 3.38
C19 LFA J . -26.67 -22.33 2.28
C20 LFA J . -25.94 -21.99 0.99
C1 LFA K . 5.64 -6.03 -0.50
C2 LFA K . 4.86 -5.00 -1.29
C3 LFA K . 3.95 -5.57 -2.37
C4 LFA K . 3.37 -4.51 -3.24
C5 LFA K . 2.33 -4.97 -4.24
C6 LFA K . 1.70 -3.78 -4.95
C7 LFA K . 0.66 -4.10 -5.98
C8 LFA K . 1.26 -4.64 -7.20
C9 LFA K . 0.28 -4.87 -8.30
C10 LFA K . -0.27 -3.63 -8.88
C11 LFA K . -1.29 -3.92 -9.94
C12 LFA K . -1.24 -2.95 -11.06
C13 LFA K . -2.39 -3.03 -11.99
C14 LFA K . -2.44 -1.88 -12.98
C15 LFA K . -1.74 -2.13 -14.29
C16 LFA K . -2.26 -1.26 -15.43
C1 LFA L . -0.56 -5.37 14.57
C2 LFA L . 0.20 -5.69 13.28
C3 LFA L . -0.03 -4.69 12.15
C4 LFA L . 0.61 -5.07 10.82
C5 LFA L . 0.27 -4.19 9.62
C15 LFA M . 8.51 -32.71 20.14
C16 LFA M . 7.83 -33.17 18.87
C17 LFA M . 8.30 -32.49 17.59
C18 LFA M . 7.63 -32.97 16.32
C19 LFA M . 7.94 -32.13 15.11
C20 LFA M . 7.29 -32.59 13.83
C1 LFA N . 7.31 3.45 0.25
C2 LFA N . 6.30 2.87 -0.74
C3 LFA N . 6.71 1.54 -1.32
C4 LFA N . 6.50 1.41 -2.80
C5 LFA N . 6.08 0.04 -3.24
C6 LFA N . 5.25 0.06 -4.50
C7 LFA N . 5.38 -1.17 -5.36
C8 LFA N . 4.74 -1.02 -6.70
C9 LFA N . 5.45 -1.71 -7.82
C10 LFA N . 4.72 -2.89 -8.33
C11 LFA N . 4.22 -2.74 -9.73
C12 LFA N . 4.29 -4.02 -10.49
C13 LFA N . 3.26 -4.14 -11.56
C14 LFA N . 3.54 -3.30 -12.78
C15 LFA N . 2.53 -3.48 -13.87
C16 LFA N . 3.11 -3.60 -15.27
C1 LFA O . -24.54 -22.74 17.47
C2 LFA O . -23.95 -22.86 16.05
C3 LFA O . -24.82 -22.25 14.94
C4 LFA O . -24.04 -21.92 13.71
C5 LFA O . -24.80 -21.21 12.65
C6 LFA O . -23.95 -20.75 11.50
C7 LFA O . -24.70 -19.95 10.47
C8 LFA O . -23.83 -19.36 9.40
C9 LFA O . -24.57 -18.44 8.46
C10 LFA O . -23.76 -17.88 7.30
C1B LMT P . -14.62 -9.12 -22.34
C2B LMT P . -13.82 -9.59 -23.55
C3B LMT P . -12.48 -10.06 -23.07
C4B LMT P . -11.76 -8.91 -22.41
C5B LMT P . -12.61 -8.32 -21.27
C6B LMT P . -12.03 -7.00 -20.76
O1B LMT P . -14.78 -10.15 -21.42
O2B LMT P . -14.51 -10.64 -24.26
O3B LMT P . -11.72 -10.57 -24.17
O4' LMT P . -10.52 -9.40 -21.89
O5B LMT P . -13.94 -8.03 -21.74
O6B LMT P . -13.00 -6.14 -20.11
C1' LMT P . -17.69 -12.52 -19.79
C2' LMT P . -17.95 -12.18 -21.23
C3' LMT P . -16.69 -11.57 -21.86
C4' LMT P . -16.10 -10.47 -20.99
C5' LMT P . -16.02 -10.90 -19.53
C6' LMT P . -15.57 -9.79 -18.62
O1' LMT P . -18.86 -13.10 -19.25
O2' LMT P . -18.44 -13.33 -21.91
O3' LMT P . -17.08 -11.01 -23.11
O5' LMT P . -17.33 -11.32 -19.11
O6' LMT P . -16.36 -8.62 -18.83
C1 LMT P . -18.89 -13.17 -17.82
C2 LMT P . -17.85 -14.10 -17.36
C3 LMT P . -17.34 -13.74 -16.00
C4 LMT P . -16.01 -13.11 -16.02
C5 LMT P . -15.95 -11.88 -15.18
C6 LMT P . -14.58 -11.55 -14.65
C7 LMT P . -14.54 -10.20 -14.00
C8 LMT P . -13.50 -10.05 -12.96
C9 LMT P . -13.79 -8.95 -11.99
C10 LMT P . -13.20 -9.25 -10.68
C11 LMT P . -13.33 -8.32 -9.57
C12 LMT P . -13.33 -9.04 -8.22
C1B LMT Q . 7.11 -18.32 -20.23
C2B LMT Q . 7.88 -17.85 -21.46
C3B LMT Q . 8.78 -16.70 -21.06
C4B LMT Q . 7.93 -15.58 -20.53
C5B LMT Q . 7.10 -16.07 -19.34
C6B LMT Q . 6.12 -15.03 -18.81
O1B LMT Q . 8.00 -18.79 -19.24
O2B LMT Q . 8.64 -18.91 -22.03
O3B LMT Q . 9.57 -16.30 -22.17
O4' LMT Q . 8.78 -14.50 -20.15
O5B LMT Q . 6.33 -17.24 -19.74
O6B LMT Q . 4.73 -15.43 -18.92
C1' LMT Q . 8.90 -22.13 -17.03
C2' LMT Q . 8.79 -22.40 -18.52
C3' LMT Q . 8.77 -21.07 -19.28
C4' LMT Q . 7.79 -20.09 -18.70
C5' LMT Q . 7.94 -19.99 -17.19
C6' LMT Q . 6.89 -19.12 -16.54
O1' LMT Q . 8.86 -23.37 -16.37
O2' LMT Q . 9.82 -23.29 -18.93
O3' LMT Q . 8.39 -21.35 -20.62
O5' LMT Q . 7.82 -21.31 -16.63
O6' LMT Q . 5.58 -19.47 -16.97
C1 LMT Q . 9.77 -23.44 -15.26
C2 LMT Q . 9.12 -22.73 -14.12
C3 LMT Q . 9.84 -21.49 -13.75
C4 LMT Q . 9.09 -20.75 -12.71
C5 LMT Q . 8.94 -19.30 -12.97
C6 LMT Q . 7.61 -18.77 -12.58
C7 LMT Q . 7.67 -17.53 -11.73
C8 LMT Q . 6.34 -17.23 -11.11
C9 LMT Q . 6.43 -16.43 -9.91
C10 LMT Q . 5.18 -16.34 -9.18
C11 LMT Q . 5.28 -15.51 -7.93
C12 LMT Q . 5.41 -16.30 -6.65
C1B LMT R . 3.06 -32.40 -18.45
C2B LMT R . 2.66 -32.14 -19.90
C3B LMT R . 1.16 -32.32 -20.08
C4B LMT R . 0.74 -33.72 -19.62
C5B LMT R . 1.21 -33.94 -18.16
C6B LMT R . 0.95 -35.35 -17.66
O1B LMT R . 2.49 -31.40 -17.65
O2B LMT R . 3.11 -30.84 -20.28
O3B LMT R . 0.82 -32.13 -21.46
O4' LMT R . -0.68 -33.90 -19.71
O5B LMT R . 2.64 -33.71 -18.05
O6B LMT R . 1.74 -35.63 -16.48
C1' LMT R . 3.76 -27.78 -15.98
C2' LMT R . 3.39 -27.76 -17.46
C3' LMT R . 2.51 -28.97 -17.77
C4' LMT R . 3.27 -30.23 -17.39
C5' LMT R . 3.61 -30.18 -15.90
C6' LMT R . 4.42 -31.37 -15.46
O1' LMT R . 4.68 -26.75 -15.73
O2' LMT R . 2.78 -26.52 -17.80
O3' LMT R . 2.11 -29.02 -19.14
O5' LMT R . 4.39 -29.00 -15.61
O6' LMT R . 3.67 -32.59 -15.62
C1 LMT R . 5.05 -26.58 -14.34
C2 LMT R . 5.14 -25.11 -14.05
C3 LMT R . 5.65 -24.82 -12.68
C4 LMT R . 5.16 -23.53 -12.11
C5 LMT R . 6.09 -22.95 -11.10
C6 LMT R . 5.45 -22.03 -10.10
C7 LMT R . 6.38 -21.69 -8.99
C8 LMT R . 5.76 -20.93 -7.86
C9 LMT R . 6.51 -21.00 -6.56
C10 LMT R . 5.83 -20.29 -5.39
C11 LMT R . 6.57 -20.27 -4.07
C12 LMT R . 6.53 -21.57 -3.29
C1 LFA S . 10.80 -29.16 21.85
C2 LFA S . 11.45 -28.77 20.51
C3 LFA S . 10.79 -29.41 19.31
C4 LFA S . 11.06 -28.75 17.99
C5 LFA S . 10.24 -29.26 16.87
C6 LFA S . 10.34 -28.46 15.61
C7 LFA S . 9.51 -28.99 14.50
C8 LFA S . 9.41 -28.07 13.34
C9 LFA S . 8.46 -28.54 12.26
C10 LFA S . 8.44 -27.63 11.06
C11 LFA S . 7.34 -27.93 10.01
C1 LFA T . 2.91 -1.06 15.18
C2 LFA T . 3.55 -0.56 13.88
C3 LFA T . 2.68 -0.64 12.64
C4 LFA T . 3.39 -0.25 11.35
C5 LFA T . 2.58 -0.37 10.07
C1 LFA U . 29.35 -11.35 0.59
C2 LFA U . 29.20 -10.06 -0.21
C3 LFA U . 30.15 -9.92 -1.38
C4 LFA U . 30.20 -11.06 -2.39
C5 LFA U . 31.52 -11.19 -3.12
C6 LFA U . 31.56 -12.24 -4.19
C7 LFA U . 32.89 -12.39 -4.87
C8 LFA U . 32.91 -13.33 -6.06
C9 LFA U . 34.31 -13.54 -6.65
C10 LFA U . 34.40 -14.28 -7.99
C10 LFA V . 7.05 -28.50 -1.99
C11 LFA V . 7.40 -27.94 -3.37
C12 LFA V . 8.21 -28.88 -4.26
C13 LFA V . 8.02 -28.61 -5.74
C14 LFA V . 8.62 -29.67 -6.65
C15 LFA V . 8.13 -29.64 -8.07
C16 LFA V . 8.39 -30.92 -8.78
C17 LFA V . 7.93 -30.97 -10.20
C18 LFA V . 8.31 -32.26 -10.91
C19 LFA V . 7.98 -32.33 -12.40
C20 LFA V . 8.65 -31.27 -13.28
C1 LFA W . 12.14 -31.42 5.06
C2 LFA W . 12.07 -32.07 6.41
C3 LFA W . 10.99 -31.51 7.32
C4 LFA W . 10.69 -32.40 8.51
C5 LFA W . 9.60 -31.86 9.44
C6 LFA W . 9.29 -32.72 10.67
C7 LFA W . 10.44 -32.91 11.68
C1 LFA X . 24.43 -3.96 4.23
C2 LFA X . 24.47 -4.20 2.72
C3 LFA X . 25.78 -4.75 2.24
C4 LFA X . 25.93 -4.94 0.74
C5 LFA X . 27.26 -5.54 0.36
C6 LFA X . 27.44 -5.77 -1.12
C7 LFA X . 27.53 -4.50 -1.91
C8 LFA X . 27.77 -4.71 -3.39
C9 LFA X . 28.93 -5.61 -3.76
C10 LFA X . 29.21 -5.58 -5.24
C11 LFA X . 30.31 -6.49 -5.73
C12 LFA X . 30.57 -6.42 -7.22
C1 LFA Y . 28.68 -5.72 14.20
C2 LFA Y . 28.71 -4.64 15.26
C3 LFA Y . 29.54 -5.01 16.47
C4 LFA Y . 28.93 -6.10 17.34
C5 LFA Y . 29.90 -6.77 18.26
C6 LFA Y . 30.54 -5.82 19.27
C7 LFA Y . 31.56 -6.49 20.18
C8 LFA Y . 32.16 -5.60 21.26
C1 LFA Z . 30.65 -1.21 24.59
C2 LFA Z . 30.67 -1.83 23.20
C3 LFA Z . 30.71 -0.81 22.11
C4 LFA Z . 30.19 -1.25 20.77
C5 LFA Z . 31.06 -2.23 20.05
C6 LFA Z . 30.83 -2.27 18.55
C1 LFA AA . 6.45 -0.09 -14.61
C2 LFA AA . 6.04 0.98 -13.63
C3 LFA AA . 6.36 0.64 -12.21
C4 LFA AA . 6.02 1.74 -11.26
C5 LFA AA . 6.56 1.53 -9.89
C6 LFA AA . 6.30 2.66 -8.96
C7 LFA AA . 4.90 2.78 -8.52
C8 LFA AA . 4.69 3.89 -7.53
C9 LFA AA . 3.62 3.62 -6.51
C10 LFA AA . 3.54 4.66 -5.44
C11 LFA AA . 2.32 4.57 -4.57
C12 LFA AA . 2.19 5.70 -3.56
C13 LFA AA . 0.84 5.74 -2.86
C14 LFA AA . 0.66 6.92 -1.94
C15 LFA AA . -0.66 6.90 -1.18
C16 LFA AA . -0.86 8.04 -0.21
C1B LMT BA . 22.36 -0.42 -17.29
C2B LMT BA . 22.35 0.42 -18.56
C3B LMT BA . 21.50 1.63 -18.30
C4B LMT BA . 20.09 1.18 -18.00
C5B LMT BA . 20.07 0.19 -16.81
C6B LMT BA . 18.72 -0.50 -16.67
O1B LMT BA . 22.86 0.34 -16.23
O2B LMT BA . 23.68 0.81 -18.95
O3B LMT BA . 21.53 2.50 -19.43
O4' LMT BA . 19.31 2.33 -17.69
O5B LMT BA . 21.05 -0.86 -17.01
O6B LMT BA . 18.78 -1.81 -16.04
C1' LMT BA . 25.92 0.31 -13.46
C2' LMT BA . 26.38 0.02 -14.88
C3' LMT BA . 25.27 0.34 -15.89
C4' LMT BA . 23.92 -0.22 -15.45
C5' LMT BA . 23.64 0.12 -14.00
C6' LMT BA . 22.40 -0.53 -13.48
O1' LMT BA . 26.87 -0.19 -12.55
O2' LMT BA . 27.59 0.73 -15.14
O3' LMT BA . 25.61 -0.28 -17.13
O5' LMT BA . 24.72 -0.38 -13.22
O6' LMT BA . 22.47 -1.94 -13.65
C1 LMT BA . 27.40 0.77 -11.63
C2 LMT BA . 26.33 1.62 -10.98
C3 LMT BA . 25.41 0.86 -10.14
C4 LMT BA . 24.11 1.60 -9.90
C5 LMT BA . 22.95 0.66 -9.71
C6 LMT BA . 21.62 1.26 -9.30
C7 LMT BA . 20.68 0.19 -8.80
C8 LMT BA . 19.41 0.67 -8.26
C9 LMT BA . 18.63 -0.40 -7.55
C10 LMT BA . 18.69 -0.26 -6.10
C11 LMT BA . 17.44 -0.59 -5.32
C12 LMT BA . 17.72 -0.37 -3.83
C1B LMT CA . 33.93 -8.34 -13.30
C2B LMT CA . 33.85 -8.93 -14.71
C3B LMT CA . 33.69 -10.44 -14.62
C4B LMT CA . 34.84 -11.05 -13.82
C5B LMT CA . 34.92 -10.37 -12.42
C6B LMT CA . 36.13 -10.79 -11.60
O1B LMT CA . 32.70 -8.56 -12.68
O2B LMT CA . 32.78 -8.32 -15.42
O3B LMT CA . 33.65 -10.98 -15.95
O4' LMT CA . 34.67 -12.46 -13.70
O5B LMT CA . 35.01 -8.92 -12.57
O6B LMT CA . 36.26 -12.21 -11.50
C1' LMT CA . 29.50 -6.27 -11.36
C2' LMT CA . 29.55 -6.54 -12.87
C3' LMT CA . 30.49 -7.70 -13.15
C4' LMT CA . 31.85 -7.42 -12.51
C5' LMT CA . 31.68 -7.16 -11.02
C6' LMT CA . 32.99 -6.82 -10.35
O1' LMT CA . 28.73 -5.12 -11.15
O2' LMT CA . 28.24 -6.80 -13.38
O3' LMT CA . 30.65 -7.87 -14.56
O5' LMT CA . 30.79 -6.05 -10.84
O6' LMT CA . 33.89 -7.95 -10.37
C1 LMT CA . 28.70 -4.70 -9.78
C2 LMT CA . 27.79 -3.54 -9.70
C3 LMT CA . 26.49 -3.83 -9.04
C4 LMT CA . 25.90 -2.64 -8.39
C5 LMT CA . 24.77 -2.94 -7.46
C6 LMT CA . 24.27 -1.74 -6.72
C7 LMT CA . 23.23 -2.06 -5.70
C8 LMT CA . 23.09 -1.02 -4.63
C9 LMT CA . 22.28 -1.46 -3.45
C10 LMT CA . 22.52 -0.67 -2.19
C11 LMT CA . 21.98 -1.25 -0.90
C12 LMT CA . 22.41 -0.47 0.32
C8 LFA DA . 27.61 2.58 25.65
C9 LFA DA . 27.75 3.21 24.23
C10 LFA DA . 28.22 2.25 23.13
C11 LFA DA . 27.86 2.63 21.74
C12 LFA DA . 28.23 1.62 20.71
C13 LFA DA . 27.66 1.86 19.34
C14 LFA DA . 28.03 0.80 18.34
C15 LFA DA . 27.30 0.89 17.04
C16 LFA DA . 27.62 -0.21 16.07
C17 LFA DA . 26.89 -0.08 14.75
C18 LFA DA . 26.95 -1.33 13.81
C11 LFA EA . 18.90 24.87 0.74
C12 LFA EA . 19.40 24.83 -0.72
C13 LFA EA . 20.61 25.73 -1.02
C14 LFA EA . 21.18 25.58 -2.41
C15 LFA EA . 22.27 26.60 -2.74
C16 LFA EA . 23.00 26.36 -4.03
C17 LFA EA . 24.15 27.32 -4.30
C18 LFA EA . 24.70 27.22 -5.71
C19 LFA EA . 25.77 28.23 -6.12
C9 LFA FA . 9.87 22.73 3.32
C10 LFA FA . 11.25 22.12 3.50
C11 LFA FA . 12.38 22.88 2.82
C12 LFA FA . 12.40 22.82 1.31
C13 LFA FA . 13.42 23.75 0.69
C14 LFA FA . 13.28 23.88 -0.81
C15 LFA FA . 14.46 24.56 -1.50
C16 LFA FA . 14.27 24.86 -2.99
C17 LFA FA . 15.47 25.55 -3.63
C18 LFA FA . 15.38 25.75 -5.12
C19 LFA FA . 16.64 26.28 -5.83
C1 LFA GA . 28.97 -2.09 2.44
C2 LFA GA . 28.93 -1.92 0.93
C3 LFA GA . 30.24 -1.53 0.26
C4 LFA GA . 30.18 -1.72 -1.24
C5 LFA GA . 31.49 -1.55 -1.95
C6 LFA GA . 31.51 -2.08 -3.37
C7 LFA GA . 32.89 -2.30 -3.88
C8 LFA GA . 32.96 -2.84 -5.28
C9 LFA GA . 34.39 -2.97 -5.81
C10 LFA GA . 34.50 -3.08 -7.34
C2 LFA HA . 32.76 1.76 9.84
C3 LFA HA . 32.59 1.95 11.34
C4 LFA HA . 32.22 0.68 12.10
C5 LFA HA . 32.18 0.84 13.61
C6 LFA HA . 32.02 -0.46 14.40
C7 LFA HA . 31.87 -0.29 15.93
C8 LFA HA . 32.88 0.63 16.62
C1 LFA IA . 13.31 29.98 21.16
C2 LFA IA . 12.36 29.24 20.24
C3 LFA IA . 13.02 28.33 19.20
C4 LFA IA . 12.03 27.82 18.18
C5 LFA IA . 12.62 27.18 16.95
C6 LFA IA . 11.63 27.03 15.79
C7 LFA IA . 12.24 27.03 14.39
C1 LFA JA . -0.40 3.37 10.46
C2 LFA JA . 0.14 3.38 11.88
C3 LFA JA . -0.84 3.85 12.95
C4 LFA JA . -0.27 4.06 14.35
C5 LFA JA . 0.03 2.77 15.13
C1 LFA KA . 7.53 30.30 23.68
C2 LFA KA . 7.21 30.22 22.19
C3 LFA KA . 8.40 30.30 21.27
C4 LFA KA . 8.11 29.93 19.83
C5 LFA KA . 9.35 29.88 18.98
C6 LFA KA . 9.11 29.73 17.49
C1B LMT LA . 10.01 19.85 -17.47
C2B LMT LA . 9.40 20.02 -18.86
C3B LMT LA . 7.96 19.61 -18.78
C4B LMT LA . 7.89 18.15 -18.38
C5B LMT LA . 8.63 17.90 -17.05
C6B LMT LA . 8.82 16.42 -16.77
O1B LMT LA . 9.31 20.64 -16.55
O2B LMT LA . 9.52 21.37 -19.33
O3B LMT LA . 7.33 19.83 -20.04
O4' LMT LA . 6.52 17.80 -18.24
O5B LMT LA . 9.96 18.49 -17.10
O6B LMT LA . 9.96 16.12 -15.93
C1' LMT LA . 9.92 23.71 -13.87
C2' LMT LA . 10.55 23.95 -15.23
C3' LMT LA . 10.04 22.92 -16.26
C4' LMT LA . 10.06 21.51 -15.70
C5' LMT LA . 9.45 21.45 -14.32
C6' LMT LA . 9.60 20.10 -13.68
O1' LMT LA . 10.56 24.51 -12.91
O2' LMT LA . 10.31 25.30 -15.61
O3' LMT LA . 10.92 22.97 -17.38
O5' LMT LA . 10.14 22.37 -13.49
O6' LMT LA . 10.98 19.76 -13.60
C1 LMT LA . 9.70 25.41 -12.17
C2 LMT LA . 8.47 24.72 -11.63
C3 LMT LA . 8.77 23.67 -10.64
C4 LMT LA . 7.63 22.68 -10.49
C5 LMT LA . 8.13 21.31 -10.14
C6 LMT LA . 7.08 20.27 -9.82
C7 LMT LA . 7.70 19.08 -9.11
C8 LMT LA . 6.76 18.05 -8.66
C9 LMT LA . 7.40 17.03 -7.77
C10 LMT LA . 7.11 17.24 -6.36
C11 LMT LA . 6.89 16.01 -5.53
C12 LMT LA . 6.58 16.43 -4.09
C1B LMT MA . 20.63 28.56 -12.39
C2B LMT MA . 21.27 28.19 -13.74
C3B LMT MA . 22.64 27.53 -13.54
C4B LMT MA . 23.52 28.41 -12.66
C5B LMT MA . 22.79 28.67 -11.32
C6B LMT MA . 23.55 29.55 -10.36
O1B LMT MA . 20.27 27.36 -11.76
O2B LMT MA . 20.37 27.32 -14.44
O3B LMT MA . 23.24 27.34 -14.83
O4' LMT MA . 24.79 27.78 -12.43
O5B LMT MA . 21.53 29.34 -11.60
O6B LMT MA . 23.69 30.88 -10.88
C1' LMT MA . 16.71 25.59 -10.46
C2' LMT MA . 17.15 25.27 -11.89
C3' LMT MA . 18.61 25.65 -12.14
C4' LMT MA . 18.87 27.06 -11.66
C5' LMT MA . 18.45 27.20 -10.20
C6' LMT MA . 18.67 28.60 -9.67
O1' LMT MA . 15.30 25.50 -10.39
O2' LMT MA . 16.97 23.88 -12.18
O3' LMT MA . 18.92 25.52 -13.53
O5' LMT MA . 17.06 26.92 -10.09
O6' LMT MA . 20.07 28.89 -9.50
C1 LMT MA . 14.82 24.21 -9.97
C2 LMT MA . 13.40 24.22 -9.51
C3 LMT MA . 13.16 23.11 -8.51
C4 LMT MA . 11.72 22.88 -8.21
C5 LMT MA . 11.52 22.05 -6.98
C6 LMT MA . 10.12 21.66 -6.73
C7 LMT MA . 9.81 21.30 -5.30
C8 LMT MA . 8.64 20.38 -5.19
C9 LMT MA . 7.80 20.58 -3.98
C10 LMT MA . 8.55 20.53 -2.68
C11 LMT MA . 7.59 20.57 -1.50
C12 LMT MA . 8.23 20.87 -0.18
C1 LFA NA . -3.80 -6.87 -1.70
C2 LFA NA . -3.05 -5.89 -2.58
C3 LFA NA . -3.91 -4.84 -3.24
C4 LFA NA . -3.18 -4.02 -4.27
C5 LFA NA . -3.97 -2.85 -4.81
C6 LFA NA . -3.29 -2.15 -5.98
C7 LFA NA . -4.01 -0.94 -6.44
C8 LFA NA . -4.02 -0.73 -7.92
C9 LFA NA . -3.02 0.24 -8.36
C10 LFA NA . -3.17 0.66 -9.78
C11 LFA NA . -4.12 1.76 -10.00
C12 LFA NA . -3.55 2.90 -10.79
C13 LFA NA . -2.97 2.52 -12.12
C14 LFA NA . -2.33 3.67 -12.87
C15 LFA NA . -2.03 3.34 -14.33
C16 LFA NA . -1.46 4.50 -15.12
C1 LFA OA . -7.27 1.37 -1.80
C2 LFA OA . -5.93 1.80 -2.37
C3 LFA OA . -6.08 2.68 -3.58
C4 LFA OA . -4.90 3.54 -3.93
C5 LFA OA . -3.74 2.75 -4.45
C6 LFA OA . -2.59 3.62 -4.88
C7 LFA OA . -2.53 3.91 -6.34
C8 LFA OA . -1.25 4.53 -6.75
C9 LFA OA . -1.07 4.71 -8.23
C10 LFA OA . 0.16 5.49 -8.60
C11 LFA OA . 0.72 5.15 -9.93
C12 LFA OA . 1.82 6.07 -10.38
C13 LFA OA . 2.12 5.96 -11.85
C14 LFA OA . 3.09 4.90 -12.19
C15 LFA OA . 3.22 4.62 -13.68
C16 LFA OA . 3.61 5.78 -14.53
C11 LFA PA . 0.64 -0.17 -3.87
C12 LFA PA . 0.54 0.70 -5.11
C13 LFA PA . 0.90 0.01 -6.44
C14 LFA PA . 0.84 0.90 -7.65
C15 LFA PA . 1.16 0.18 -8.92
C16 LFA PA . 1.06 1.03 -10.15
C17 LFA PA . 1.55 0.37 -11.41
C18 LFA PA . 1.36 1.21 -12.66
C19 LFA PA . 1.98 0.68 -13.93
C2 LFA QA . 2.66 28.83 24.12
C3 LFA QA . 2.39 28.94 22.58
C4 LFA QA . 3.63 29.08 21.67
C5 LFA QA . 3.43 28.64 20.25
C6 LFA QA . 4.70 28.55 19.50
C7 LFA QA . 4.58 28.73 18.04
C8 LFA QA . 4.79 27.53 17.25
C9 LFA QA . 6.11 27.49 16.50
C10 LFA QA . 5.96 27.25 15.03
C11 LFA QA . 7.06 26.48 14.30
C16 LFA RA . -5.24 1.87 14.53
C17 LFA RA . -5.85 1.94 13.13
C18 LFA RA . -4.90 1.54 12.00
C19 LFA RA . -5.46 1.70 10.59
C20 LFA RA . -4.51 1.41 9.45
C1 LFA SA . -17.32 32.75 -11.01
C2 LFA SA . -16.79 31.45 -10.45
C3 LFA SA . -17.23 31.11 -9.05
C4 LFA SA . -16.81 29.72 -8.63
C5 LFA SA . -17.38 29.25 -7.32
C6 LFA SA . -16.90 27.88 -6.90
C7 LFA SA . -17.31 27.49 -5.50
C8 LFA SA . -17.01 26.04 -5.15
C9 LFA SA . -17.43 25.61 -3.73
C10 LFA SA . -16.75 26.36 -2.59
C9 LFA TA . -18.46 17.24 0.64
C10 LFA TA . -17.53 17.75 -0.46
C11 LFA TA . -18.12 18.90 -1.27
C12 LFA TA . -17.39 19.20 -2.56
C13 LFA TA . -18.16 20.13 -3.46
C14 LFA TA . -17.60 20.19 -4.86
C15 LFA TA . -18.31 21.11 -5.83
C16 LFA TA . -18.14 20.68 -7.26
C17 LFA TA . -18.90 21.48 -8.25
C18 LFA TA . -18.22 22.69 -8.75
C19 LFA TA . -18.73 23.08 -10.13
C20 LFA TA . -18.17 24.40 -10.64
C11 LFA UA . 11.30 27.20 0.79
C12 LFA UA . 10.67 28.43 0.15
C13 LFA UA . 10.71 28.48 -1.37
C14 LFA UA . 12.06 28.73 -1.95
C15 LFA UA . 12.03 29.19 -3.40
C16 LFA UA . 13.38 29.56 -3.90
C17 LFA UA . 13.43 30.20 -5.23
C18 LFA UA . 14.76 30.84 -5.55
C19 LFA UA . 14.86 31.62 -6.86
C20 LFA UA . 14.64 30.80 -8.12
C1 LFA VA . 6.79 32.82 8.34
C2 LFA VA . 7.40 31.84 9.31
C3 LFA VA . 7.17 32.22 10.74
C4 LFA VA . 7.82 31.29 11.74
C5 LFA VA . 7.85 31.88 13.14
C6 LFA VA . 8.42 31.01 14.23
C7 LFA VA . 8.21 31.59 15.62
C14 LFA WA . -26.33 22.72 15.16
C15 LFA WA . -25.06 22.63 14.29
C16 LFA WA . -25.04 21.43 13.37
C17 LFA WA . -23.91 21.39 12.37
C18 LFA WA . -24.10 20.32 11.29
C19 LFA WA . -23.03 20.26 10.24
C20 LFA WA . -22.96 21.49 9.35
C14 LFA XA . -29.55 17.80 19.06
C15 LFA XA . -29.23 17.70 17.57
C16 LFA XA . -29.16 19.02 16.86
C17 LFA XA . -29.21 18.94 15.35
C18 LFA XA . -27.92 18.57 14.68
C19 LFA XA . -27.79 19.15 13.27
C1B LMT YA . -12.97 14.53 -20.60
C2B LMT YA . -12.99 13.91 -22.00
C3B LMT YA . -13.09 12.42 -21.86
C4B LMT YA . -11.86 11.93 -21.12
C5B LMT YA . -11.86 12.58 -19.75
C6B LMT YA . -10.67 12.20 -18.89
O1B LMT YA . -14.17 14.21 -19.94
O2B LMT YA . -14.06 14.44 -22.79
O3B LMT YA . -13.23 11.80 -23.14
O4' LMT YA . -11.92 10.51 -21.03
O5B LMT YA . -11.86 14.02 -19.88
O6B LMT YA . -9.47 12.91 -19.25
C1' LMT YA . -17.21 15.86 -17.73
C2' LMT YA . -17.03 16.50 -19.09
C3' LMT YA . -16.09 15.67 -19.96
C4' LMT YA . -14.84 15.25 -19.21
C5' LMT YA . -15.17 14.71 -17.84
C6' LMT YA . -13.95 14.39 -17.02
O1' LMT YA . -18.05 16.65 -16.91
O2' LMT YA . -18.31 16.69 -19.72
O3' LMT YA . -15.68 16.44 -21.09
O5' LMT YA . -15.93 15.73 -17.15
O6' LMT YA . -13.18 15.54 -16.78
C1 LMT YA . -18.79 15.92 -15.92
C2 LMT YA . -17.87 15.46 -14.81
C3 LMT YA . -18.07 14.03 -14.44
C4 LMT YA . -17.07 13.56 -13.42
C5 LMT YA . -15.87 12.98 -14.00
C6 LMT YA . -14.64 13.07 -13.14
C7 LMT YA . -14.42 11.92 -12.22
C8 LMT YA . -13.12 12.07 -11.44
C9 LMT YA . -13.18 11.47 -10.10
C10 LMT YA . -12.02 11.72 -9.27
C11 LMT YA . -11.98 10.89 -7.99
C12 LMT YA . -13.04 11.25 -6.98
C1B LMT ZA . -18.48 27.70 -17.17
C2B LMT ZA . -17.70 28.15 -18.41
C3B LMT ZA . -16.70 29.23 -18.04
C4B LMT ZA . -17.42 30.40 -17.37
C5B LMT ZA . -18.23 29.88 -16.14
C6B LMT ZA . -19.10 30.94 -15.48
O1B LMT ZA . -17.56 27.07 -16.30
O2B LMT ZA . -17.07 27.02 -19.01
O3B LMT ZA . -16.02 29.65 -19.22
O4' LMT ZA . -16.48 31.41 -16.98
O5B LMT ZA . -19.13 28.81 -16.55
O6B LMT ZA . -18.36 32.10 -15.10
C1' LMT ZA . -16.72 23.20 -15.04
C2' LMT ZA . -16.20 23.59 -16.43
C3' LMT ZA . -16.18 25.11 -16.55
C4' LMT ZA . -17.58 25.64 -16.25
C5' LMT ZA . -18.01 25.21 -14.86
C6' LMT ZA . -19.40 25.68 -14.51
O1' LMT ZA . -16.86 21.81 -15.01
O2' LMT ZA . -14.91 23.01 -16.65
O3' LMT ZA . -15.76 25.51 -17.86
O5' LMT ZA . -18.00 23.78 -14.79
O6' LMT ZA . -19.47 27.11 -14.45
C1 LMT ZA . -17.24 21.31 -13.71
C2 LMT ZA . -17.06 19.84 -13.73
C3 LMT ZA . -16.79 19.30 -12.36
C4 LMT ZA . -15.96 18.11 -12.40
C5 LMT ZA . -16.47 16.98 -11.58
C6 LMT ZA . -15.87 16.86 -10.26
C7 LMT ZA . -16.05 15.50 -9.64
C8 LMT ZA . -15.94 15.55 -8.15
C9 LMT ZA . -16.09 14.27 -7.40
C10 LMT ZA . -16.20 14.51 -5.90
C11 LMT ZA . -16.48 13.32 -5.02
C12 LMT ZA . -17.11 13.68 -3.68
C1 LFA AB . -29.23 13.24 19.52
C2 LFA AB . -30.07 13.28 18.25
C3 LFA AB . -29.35 12.98 16.96
C4 LFA AB . -28.93 14.15 16.11
C5 LFA AB . -28.36 13.74 14.79
C6 LFA AB . -27.85 14.83 13.92
C7 LFA AB . -27.15 14.37 12.66
C8 LFA AB . -26.43 15.49 11.89
C9 LFA AB . -25.72 15.00 10.65
C10 LFA AB . -24.85 15.99 9.86
C16 LFA BB . -6.17 -4.20 13.48
C17 LFA BB . -4.99 -3.74 12.63
C18 LFA BB . -5.19 -3.83 11.12
C19 LFA BB . -4.02 -3.35 10.27
C20 LFA BB . -4.26 -3.43 8.77
C1 LFA CB . -34.06 -6.51 -15.93
C2 LFA CB . -33.81 -7.33 -14.68
C3 LFA CB . -32.75 -6.81 -13.74
C4 LFA CB . -32.39 -7.79 -12.65
C5 LFA CB . -31.43 -7.27 -11.62
C6 LFA CB . -30.89 -8.32 -10.68
C7 LFA CB . -30.00 -7.79 -9.57
C8 LFA CB . -29.34 -8.89 -8.75
C9 LFA CB . -28.81 -8.49 -7.37
C10 LFA CB . -29.85 -7.96 -6.40
C1 LFA DB . -26.60 -10.80 -13.80
C2 LFA DB . -25.43 -11.11 -12.85
C3 LFA DB . -25.82 -11.13 -11.40
C4 LFA DB . -24.67 -11.25 -10.44
C5 LFA DB . -25.05 -11.08 -8.99
C6 LFA DB . -23.88 -11.15 -8.00
C7 LFA DB . -24.28 -11.11 -6.53
C8 LFA DB . -23.13 -10.84 -5.60
C9 LFA DB . -23.40 -11.16 -4.15
C10 LFA DB . -22.17 -11.14 -3.24
C11 LFA DB . -22.28 -12.00 -1.99
C11 LFA EB . -22.15 19.24 -2.33
C12 LFA EB . -21.90 18.77 -3.76
C13 LFA EB . -22.92 19.22 -4.81
C14 LFA EB . -22.33 19.42 -6.19
C15 LFA EB . -23.28 20.04 -7.18
C16 LFA EB . -22.63 20.56 -8.44
C17 LFA EB . -23.43 21.61 -9.10
C18 LFA EB . -22.84 22.15 -10.36
C19 LFA EB . -23.76 23.13 -11.06
C20 LFA EB . -23.32 23.52 -12.48
C14 LFA FB . -30.24 18.41 10.19
C15 LFA FB . -28.75 18.52 9.85
C16 LFA FB . -28.42 18.83 8.37
C17 LFA FB . -29.06 17.88 7.35
C18 LFA FB . -28.68 18.09 5.91
C19 LFA FB . -29.52 17.30 4.93
C20 LFA FB . -29.17 17.54 3.47
C15 LFA GB . -28.70 -21.39 16.37
C16 LFA GB . -29.30 -20.64 15.19
C17 LFA GB . -28.50 -20.72 13.89
C18 LFA GB . -29.13 -20.01 12.71
C19 LFA GB . -28.24 -19.87 11.51
C20 LFA GB . -28.88 -19.13 10.35
C14 LFA HB . -31.65 -16.74 11.76
C15 LFA HB . -31.21 -15.90 10.55
C16 LFA HB . -29.81 -15.34 10.66
C17 LFA HB . -29.24 -14.78 9.38
C18 LFA HB . -28.86 -15.82 8.35
C19 LFA HB . -28.08 -15.27 7.18
C20 LFA HB . -28.80 -14.19 6.37
C1B LMT IB . -29.38 -10.09 -20.98
C2B LMT IB . -29.24 -9.39 -22.33
C3B LMT IB . -29.88 -8.01 -22.28
C4B LMT IB . -31.34 -8.14 -21.84
C5B LMT IB . -31.42 -8.90 -20.50
C6B LMT IB . -32.84 -9.19 -20.05
O1B LMT IB . -28.62 -9.34 -20.05
O2B LMT IB . -27.86 -9.34 -22.71
O3B LMT IB . -29.79 -7.40 -23.57
O4' LMT IB . -31.95 -6.85 -21.71
O5B LMT IB . -30.75 -10.19 -20.60
O6B LMT IB . -32.85 -10.09 -18.93
C1' LMT IB . -24.89 -9.67 -18.21
C2' LMT IB . -24.91 -9.14 -19.64
C3' LMT IB . -26.31 -8.65 -20.00
C4' LMT IB . -27.29 -9.78 -19.77
C5' LMT IB . -27.21 -10.25 -18.33
C6' LMT IB . -28.14 -11.41 -18.05
O1' LMT IB . -23.63 -10.24 -17.98
O2' LMT IB . -23.92 -8.12 -19.80
O3' LMT IB . -26.39 -8.17 -21.34
O5' LMT IB . -25.87 -10.68 -18.03
O6' LMT IB . -29.52 -11.02 -18.21
C1 LMT IB . -23.42 -10.68 -16.63
C2 LMT IB . -21.94 -10.69 -16.35
C3 LMT IB . -21.66 -10.83 -14.89
C4 LMT IB . -20.25 -10.54 -14.52
C5 LMT IB . -19.94 -10.93 -13.09
C6 LMT IB . -18.69 -10.35 -12.58
C7 LMT IB . -17.99 -11.17 -11.55
C8 LMT IB . -18.49 -10.97 -10.19
C9 LMT IB . -17.53 -11.36 -9.10
C10 LMT IB . -18.17 -11.35 -7.71
C11 LMT IB . -17.32 -11.82 -6.57
C12 LMT IB . -18.11 -12.16 -5.32
#